data_9GXU
#
_entry.id   9GXU
#
_cell.length_a   1.00
_cell.length_b   1.00
_cell.length_c   1.00
_cell.angle_alpha   90.00
_cell.angle_beta   90.00
_cell.angle_gamma   90.00
#
_symmetry.space_group_name_H-M   'P 1'
#
loop_
_entity.id
_entity.type
_entity.pdbx_description
1 polymer 'UvrABC system protein A'
2 polymer 'DNA (50-MER) with a fluorescein modification - (random sequence built in model)'
3 non-polymer 'ZINC ION'
#
loop_
_entity_poly.entity_id
_entity_poly.type
_entity_poly.pdbx_seq_one_letter_code
_entity_poly.pdbx_strand_id
1 'polypeptide(L)'
;MGSSHHHHHHSSGLVPRGSHMKKDYIVVKGAREHNLKNIDVKIPRDKFVVITGLSGSGKSSLAFDTIYAEGQRRYVESLS
SYARQFLGQMEKPDVDYIDGLSPAIAIDQKTTSRNPRSTVGTVTEIYDYLRLLFARIGTPHCYLCGREISQQTVDQMVDR
IMEFEEGTRIQLLAPVVRGRKGEYHKLIEDIKKEGYVRIRVDGEVVDVNDPVNLDKNKKHNIEIVVDRLIVRPGIQKRLT
DSIETVLRLSNGILVVDVIGGKEMLLSQNFACTECNVSMEEITPRMFSFNNPYGACPECTGLGSLMRIDPDLVIPDKKLS
LAQGAVRASGWNIANDESYARMYIDALAKHYNFSVDTPVEELPPHILDIILYGTNGEKIKIEYERENEKGTFMASFPGII
NSMERRYKETTSEVMKQYYENFMSNIPCPVCKGARLKKESLAVTIGGKNIYEVCCLSIGEAKEFFANLNLTERQQLIARQ
ILKEINARLGFLVDVGLDYLTLARAAGTLSGGEAQRIRLATQIGSGLMGVIYILDEPSIGLHQRDNDRLLRSLKKLRDLG
NTLLVVEHDEDTMYASDYIIDLGPGAGSHGGQIVAEGTVEEIKQNPNSVTGEYLSGRKKIEVPKERRKPNGKWLEIIGAR
ENNLKNINVRIPLGVFTCITGVSGSGASSLINEILYKRLAAELNRASVKPGEHDLIKGIEYLDKVIDIDQSPIGRTPRSN
PATYTGVFDFIREIFANTTEAKTRGYKAGRFSFNVKGGRCEACAGDGINKIEMHFLPDIYVPCEVCKGKRYNRETLEVRY
KGKNIAEVLDMTVEEALEFFKNIPRIHKKIETLYDVGLGYIKLGQSSTTLSGGEAQRVKLATELSRKSTGKTMYILDEPT
TGLHMADVHRLVGILHRLVEAGNSVVVIEHNLDVIKTADYIIDLGPEGGSGGGLVVAEGTPEEVAKVENSYTGQFLKKVL
ST
;
A,B
2 'polydeoxyribonucleotide'
;(DG)(DC)(DA)(DT)(DC)(DG)(DT)(DA)(DC)(DT)(DG)(DT)(DT)(DA)(DC)(DG)(DG)(DC)(DT)(DC)
(DC)(DA)(DT)(DC)(DA)(DG)(DA)(DT)(DG)(DG)(DA)(DG)(DC)(DC)(DG)(DT)(DA)(DA)(DC)(DA)
(DG)(DT)(DA)(DC)(DG)(DA)(DT)(DG)(DC)(DA)
;
C,D
#
loop_
_chem_comp.id
_chem_comp.type
_chem_comp.name
_chem_comp.formula
DA DNA linking 2'-DEOXYADENOSINE-5'-MONOPHOSPHATE 'C10 H14 N5 O6 P'
DC DNA linking 2'-DEOXYCYTIDINE-5'-MONOPHOSPHATE 'C9 H14 N3 O7 P'
DG DNA linking 2'-DEOXYGUANOSINE-5'-MONOPHOSPHATE 'C10 H14 N5 O7 P'
DT DNA linking THYMIDINE-5'-MONOPHOSPHATE 'C10 H15 N2 O8 P'
ZN non-polymer 'ZINC ION' 'Zn 2'
#
# COMPACT_ATOMS: atom_id res chain seq x y z
N ASP A 24 -9.73 -21.82 17.47
CA ASP A 24 -10.85 -21.02 18.00
C ASP A 24 -10.37 -20.13 19.14
N TYR A 25 -9.05 -20.00 19.27
CA TYR A 25 -8.45 -19.17 20.30
C TYR A 25 -7.33 -18.34 19.70
N ILE A 26 -7.08 -17.19 20.32
CA ILE A 26 -5.94 -16.34 19.98
C ILE A 26 -4.85 -16.63 21.00
N VAL A 27 -3.89 -17.46 20.61
CA VAL A 27 -2.85 -17.95 21.49
C VAL A 27 -1.55 -17.23 21.16
N VAL A 28 -0.91 -16.65 22.18
CA VAL A 28 0.37 -15.99 22.03
C VAL A 28 1.29 -16.47 23.12
N LYS A 29 2.55 -16.73 22.76
CA LYS A 29 3.55 -17.19 23.70
C LYS A 29 4.89 -16.53 23.39
N GLY A 30 5.69 -16.34 24.44
CA GLY A 30 7.02 -15.78 24.28
C GLY A 30 7.05 -14.36 23.76
N ALA A 31 6.12 -13.52 24.22
CA ALA A 31 6.09 -12.12 23.79
C ALA A 31 7.04 -11.30 24.63
N ARG A 32 7.89 -10.51 23.98
CA ARG A 32 8.89 -9.71 24.67
C ARG A 32 8.91 -8.29 24.12
N GLU A 33 7.75 -7.75 23.78
CA GLU A 33 7.68 -6.39 23.27
C GLU A 33 7.73 -5.40 24.42
N HIS A 34 8.65 -4.45 24.35
CA HIS A 34 8.83 -3.42 25.37
C HIS A 34 8.99 -4.04 26.76
N ASN A 35 7.91 -4.04 27.55
CA ASN A 35 7.94 -4.55 28.91
C ASN A 35 7.22 -5.89 29.05
N LEU A 36 7.05 -6.61 27.94
CA LEU A 36 6.41 -7.93 27.97
C LEU A 36 7.38 -8.94 28.57
N LYS A 37 7.15 -9.31 29.82
CA LYS A 37 8.03 -10.25 30.54
C LYS A 37 7.66 -11.70 30.19
N ASN A 38 7.75 -12.00 28.89
CA ASN A 38 7.43 -13.34 28.37
C ASN A 38 6.03 -13.77 28.77
N ILE A 39 5.09 -12.82 28.75
CA ILE A 39 3.72 -13.11 29.16
C ILE A 39 3.01 -13.89 28.06
N ASP A 40 1.98 -14.62 28.47
CA ASP A 40 1.15 -15.38 27.55
C ASP A 40 -0.28 -15.41 28.07
N VAL A 41 -1.23 -15.58 27.15
CA VAL A 41 -2.64 -15.61 27.50
C VAL A 41 -3.41 -16.24 26.35
N LYS A 42 -4.54 -16.84 26.66
CA LYS A 42 -5.44 -17.44 25.67
C LYS A 42 -6.68 -16.57 25.55
N ILE A 43 -6.88 -15.99 24.37
CA ILE A 43 -7.99 -15.06 24.12
C ILE A 43 -9.09 -15.83 23.42
N PRO A 44 -10.26 -16.00 24.02
CA PRO A 44 -11.36 -16.67 23.32
C PRO A 44 -11.84 -15.87 22.13
N ARG A 45 -12.29 -16.58 21.11
CA ARG A 45 -12.75 -15.94 19.87
C ARG A 45 -14.26 -15.72 19.94
N ASP A 46 -14.71 -14.75 19.13
CA ASP A 46 -16.13 -14.42 19.00
C ASP A 46 -16.74 -14.09 20.36
N LYS A 47 -16.22 -13.03 20.96
CA LYS A 47 -16.70 -12.58 22.27
C LYS A 47 -16.41 -11.08 22.40
N PHE A 48 -16.69 -10.55 23.59
CA PHE A 48 -16.49 -9.14 23.90
C PHE A 48 -15.52 -9.06 25.08
N VAL A 49 -14.22 -8.92 24.76
CA VAL A 49 -13.17 -8.90 25.76
C VAL A 49 -12.56 -7.51 25.80
N VAL A 50 -12.38 -6.98 27.00
CA VAL A 50 -11.85 -5.63 27.21
C VAL A 50 -10.59 -5.73 28.04
N ILE A 51 -9.57 -4.98 27.65
CA ILE A 51 -8.29 -4.94 28.35
C ILE A 51 -8.09 -3.54 28.91
N THR A 52 -7.73 -3.46 30.19
CA THR A 52 -7.54 -2.18 30.85
C THR A 52 -6.42 -2.31 31.88
N GLY A 53 -5.90 -1.17 32.29
CA GLY A 53 -4.81 -1.15 33.25
C GLY A 53 -4.37 0.27 33.56
N LEU A 54 -3.19 0.39 34.14
CA LEU A 54 -2.65 1.70 34.46
C LEU A 54 -2.33 2.47 33.19
N SER A 55 -2.26 3.80 33.33
CA SER A 55 -1.96 4.68 32.21
C SER A 55 -0.61 4.35 31.60
N GLY A 56 -0.61 3.84 30.37
CA GLY A 56 0.64 3.44 29.74
C GLY A 56 1.37 2.34 30.47
N SER A 57 0.63 1.41 31.07
CA SER A 57 1.25 0.32 31.81
C SER A 57 1.91 -0.71 30.91
N GLY A 58 1.70 -0.62 29.59
CA GLY A 58 2.25 -1.57 28.65
C GLY A 58 1.24 -2.53 28.07
N LYS A 59 0.12 -2.75 28.77
CA LYS A 59 -0.93 -3.61 28.22
C LYS A 59 -1.51 -3.01 26.96
N SER A 60 -1.72 -1.69 26.95
CA SER A 60 -2.21 -1.02 25.75
C SER A 60 -1.22 -1.14 24.61
N SER A 61 0.07 -0.91 24.88
CA SER A 61 1.07 -1.04 23.84
C SER A 61 1.14 -2.47 23.31
N LEU A 62 1.05 -3.45 24.21
CA LEU A 62 1.06 -4.85 23.78
C LEU A 62 -0.12 -5.14 22.87
N ALA A 63 -1.33 -4.76 23.29
CA ALA A 63 -2.50 -5.03 22.47
C ALA A 63 -2.45 -4.29 21.15
N PHE A 64 -1.83 -3.12 21.13
CA PHE A 64 -1.73 -2.34 19.89
C PHE A 64 -0.69 -2.90 18.93
N ASP A 65 0.41 -3.46 19.44
CA ASP A 65 1.56 -3.73 18.59
C ASP A 65 1.99 -5.18 18.51
N THR A 66 1.31 -6.10 19.20
CA THR A 66 1.61 -7.53 19.03
C THR A 66 0.64 -8.18 18.06
N ILE A 67 -0.65 -8.23 18.42
CA ILE A 67 -1.62 -8.94 17.59
C ILE A 67 -1.86 -8.20 16.28
N TYR A 68 -2.02 -6.89 16.35
CA TYR A 68 -2.24 -6.10 15.15
C TYR A 68 -1.05 -6.21 14.21
N ALA A 69 0.16 -6.13 14.75
CA ALA A 69 1.35 -6.22 13.91
C ALA A 69 1.46 -7.60 13.27
N GLU A 70 1.20 -8.65 14.04
CA GLU A 70 1.28 -10.00 13.48
C GLU A 70 0.27 -10.18 12.36
N GLY A 71 -0.97 -9.73 12.58
CA GLY A 71 -1.98 -9.85 11.54
C GLY A 71 -1.65 -9.04 10.31
N GLN A 72 -1.21 -7.81 10.50
CA GLN A 72 -0.88 -6.95 9.37
C GLN A 72 0.27 -7.54 8.56
N ARG A 73 1.29 -8.07 9.23
CA ARG A 73 2.39 -8.69 8.49
C ARG A 73 1.90 -9.92 7.73
N ARG A 74 1.19 -10.82 8.43
CA ARG A 74 0.74 -12.06 7.81
C ARG A 74 -0.25 -11.83 6.69
N TYR A 75 -0.84 -10.64 6.62
CA TYR A 75 -1.79 -10.33 5.56
C TYR A 75 -1.08 -9.59 4.44
N VAL A 76 -0.53 -8.41 4.75
CA VAL A 76 0.12 -7.56 3.74
C VAL A 76 1.13 -8.36 2.94
N GLU A 77 1.93 -9.20 3.62
CA GLU A 77 2.94 -9.97 2.89
C GLU A 77 2.29 -10.85 1.84
N SER A 78 1.43 -11.77 2.27
CA SER A 78 0.74 -12.70 1.38
C SER A 78 -0.02 -12.02 0.24
N LEU A 79 -0.11 -10.69 0.27
CA LEU A 79 -0.80 -9.95 -0.79
C LEU A 79 0.13 -9.80 -1.99
N SER A 80 -0.25 -8.94 -2.93
CA SER A 80 0.62 -8.64 -4.06
C SER A 80 1.89 -7.98 -3.56
N SER A 81 3.02 -8.42 -4.12
CA SER A 81 4.32 -7.93 -3.66
C SER A 81 4.46 -6.43 -3.89
N TYR A 82 4.11 -5.96 -5.09
CA TYR A 82 4.23 -4.54 -5.40
C TYR A 82 3.36 -3.71 -4.47
N ALA A 83 2.12 -4.14 -4.22
CA ALA A 83 1.30 -3.47 -3.22
C ALA A 83 1.91 -3.58 -1.83
N ARG A 84 2.62 -4.67 -1.55
CA ARG A 84 3.25 -4.84 -0.25
C ARG A 84 4.33 -3.78 -0.01
N GLN A 85 5.18 -3.54 -1.01
CA GLN A 85 6.16 -2.47 -0.84
C GLN A 85 5.52 -1.09 -0.95
N PHE A 86 4.41 -0.97 -1.70
CA PHE A 86 3.74 0.31 -1.80
C PHE A 86 3.16 0.74 -0.45
N LEU A 87 2.45 -0.16 0.21
CA LEU A 87 1.89 0.12 1.54
C LEU A 87 2.93 0.12 2.64
N GLY A 88 4.14 -0.38 2.37
CA GLY A 88 5.19 -0.42 3.36
C GLY A 88 5.32 -1.78 4.04
N GLN A 89 6.54 -2.20 4.28
CA GLN A 89 6.83 -3.48 4.93
C GLN A 89 6.82 -3.28 6.44
N MET A 90 5.82 -3.88 7.11
CA MET A 90 5.72 -3.76 8.56
C MET A 90 6.87 -4.51 9.22
N GLU A 91 7.41 -3.91 10.29
CA GLU A 91 8.50 -4.55 11.03
C GLU A 91 7.99 -5.77 11.77
N LYS A 92 8.84 -6.80 11.84
CA LYS A 92 8.47 -8.00 12.54
C LYS A 92 8.52 -7.77 14.05
N PRO A 93 7.62 -8.39 14.81
CA PRO A 93 7.63 -8.23 16.27
C PRO A 93 8.61 -9.18 16.93
N ASP A 94 8.81 -8.96 18.23
CA ASP A 94 9.72 -9.76 19.03
C ASP A 94 9.05 -10.97 19.66
N VAL A 95 7.76 -11.18 19.41
CA VAL A 95 7.06 -12.32 19.99
C VAL A 95 7.60 -13.62 19.39
N ASP A 96 7.56 -14.68 20.19
CA ASP A 96 8.03 -15.98 19.72
C ASP A 96 7.17 -16.50 18.57
N TYR A 97 5.89 -16.71 18.83
CA TYR A 97 4.97 -17.16 17.79
C TYR A 97 3.54 -16.84 18.23
N ILE A 98 2.71 -16.50 17.25
CA ILE A 98 1.30 -16.21 17.47
C ILE A 98 0.47 -17.23 16.72
N ASP A 99 -0.45 -17.88 17.42
CA ASP A 99 -1.30 -18.92 16.86
C ASP A 99 -2.76 -18.49 16.92
N GLY A 100 -3.53 -18.95 15.95
CA GLY A 100 -4.95 -18.62 15.90
C GLY A 100 -5.24 -17.16 15.65
N LEU A 101 -4.50 -16.54 14.73
CA LEU A 101 -4.72 -15.14 14.42
C LEU A 101 -5.72 -15.00 13.27
N SER A 102 -6.01 -13.76 12.89
CA SER A 102 -6.92 -13.48 11.80
C SER A 102 -6.66 -12.07 11.31
N PRO A 103 -7.02 -11.76 10.06
CA PRO A 103 -6.88 -10.38 9.58
C PRO A 103 -7.70 -9.43 10.44
N ALA A 104 -7.14 -8.25 10.69
CA ALA A 104 -7.71 -7.30 11.62
C ALA A 104 -7.68 -5.90 11.03
N ILE A 105 -8.50 -5.02 11.60
CA ILE A 105 -8.54 -3.62 11.24
C ILE A 105 -8.36 -2.80 12.51
N ALA A 106 -7.86 -1.58 12.34
CA ALA A 106 -7.53 -0.70 13.46
C ALA A 106 -8.26 0.62 13.29
N ILE A 107 -9.09 0.97 14.28
CA ILE A 107 -9.75 2.26 14.32
C ILE A 107 -8.97 3.11 15.32
N ASP A 108 -7.99 3.84 14.81
CA ASP A 108 -7.08 4.62 15.65
C ASP A 108 -7.71 5.99 15.94
N GLN A 109 -6.92 6.88 16.54
CA GLN A 109 -7.37 8.22 16.88
C GLN A 109 -6.70 9.33 16.07
N LYS A 110 -5.69 9.00 15.27
CA LYS A 110 -4.98 9.98 14.46
C LYS A 110 -5.70 10.13 13.13
N THR A 111 -6.41 11.24 12.95
CA THR A 111 -7.16 11.48 11.73
C THR A 111 -6.23 11.94 10.62
N THR A 112 -6.79 12.07 9.41
CA THR A 112 -6.06 12.50 8.24
C THR A 112 -6.72 13.74 7.65
N SER A 113 -5.89 14.69 7.17
CA SER A 113 -6.43 15.88 6.54
C SER A 113 -7.17 15.55 5.26
N ARG A 114 -6.76 14.51 4.56
CA ARG A 114 -7.41 14.04 3.32
C ARG A 114 -7.39 15.17 2.30
N ASN A 115 -8.37 15.19 1.41
CA ASN A 115 -8.47 16.17 0.35
C ASN A 115 -9.87 16.75 0.32
N PRO A 116 -10.04 17.96 -0.20
CA PRO A 116 -11.40 18.53 -0.32
C PRO A 116 -12.33 17.69 -1.18
N ARG A 117 -11.79 16.91 -2.11
CA ARG A 117 -12.64 16.02 -2.90
C ARG A 117 -13.36 15.00 -2.02
N SER A 118 -12.75 14.61 -0.92
CA SER A 118 -13.40 13.71 0.02
C SER A 118 -14.59 14.41 0.68
N THR A 119 -15.66 13.65 0.91
CA THR A 119 -16.89 14.19 1.46
C THR A 119 -17.38 13.30 2.58
N VAL A 120 -18.23 13.89 3.44
CA VAL A 120 -18.81 13.13 4.55
C VAL A 120 -19.65 11.97 4.02
N GLY A 121 -20.47 12.23 3.01
CA GLY A 121 -21.24 11.16 2.41
C GLY A 121 -20.40 10.11 1.72
N THR A 122 -19.26 10.54 1.14
CA THR A 122 -18.37 9.60 0.47
C THR A 122 -17.81 8.57 1.45
N VAL A 123 -17.26 9.05 2.57
CA VAL A 123 -16.73 8.13 3.57
C VAL A 123 -17.85 7.43 4.32
N THR A 124 -19.05 7.99 4.32
CA THR A 124 -20.19 7.36 4.98
C THR A 124 -20.80 6.23 4.16
N GLU A 125 -20.32 6.00 2.94
CA GLU A 125 -20.86 4.97 2.05
C GLU A 125 -22.35 5.18 1.81
N ILE A 126 -22.76 6.45 1.71
CA ILE A 126 -24.16 6.78 1.46
C ILE A 126 -24.36 7.70 0.26
N TYR A 127 -23.33 8.42 -0.18
CA TYR A 127 -23.49 9.32 -1.32
C TYR A 127 -23.82 8.56 -2.59
N ASP A 128 -23.13 7.43 -2.83
CA ASP A 128 -23.40 6.64 -4.02
C ASP A 128 -24.80 6.04 -3.98
N TYR A 129 -25.23 5.56 -2.81
CA TYR A 129 -26.58 5.02 -2.68
C TYR A 129 -27.62 6.10 -2.93
N LEU A 130 -27.40 7.30 -2.39
CA LEU A 130 -28.33 8.40 -2.62
C LEU A 130 -28.38 8.79 -4.08
N ARG A 131 -27.23 8.80 -4.75
CA ARG A 131 -27.20 9.12 -6.17
C ARG A 131 -27.96 8.07 -6.98
N LEU A 132 -27.78 6.79 -6.65
CA LEU A 132 -28.50 5.73 -7.34
C LEU A 132 -30.01 5.85 -7.12
N LEU A 133 -30.42 6.14 -5.88
CA LEU A 133 -31.84 6.31 -5.60
C LEU A 133 -32.42 7.48 -6.36
N PHE A 134 -31.69 8.60 -6.41
CA PHE A 134 -32.17 9.76 -7.14
C PHE A 134 -32.27 9.47 -8.64
N ALA A 135 -31.30 8.74 -9.18
CA ALA A 135 -31.36 8.37 -10.60
C ALA A 135 -32.53 7.46 -10.89
N ARG A 136 -32.80 6.51 -9.99
CA ARG A 136 -33.86 5.53 -10.25
C ARG A 136 -35.25 6.13 -10.06
N ILE A 137 -35.43 6.98 -9.06
CA ILE A 137 -36.75 7.44 -8.66
C ILE A 137 -36.99 8.89 -9.07
N GLY A 138 -35.98 9.75 -8.96
CA GLY A 138 -36.17 11.16 -9.22
C GLY A 138 -36.51 11.45 -10.67
N THR A 139 -37.18 12.58 -10.88
CA THR A 139 -37.62 12.98 -12.20
C THR A 139 -37.04 14.35 -12.57
N PRO A 140 -36.70 14.57 -13.84
CA PRO A 140 -36.19 15.88 -14.24
C PRO A 140 -37.27 16.95 -14.19
N HIS A 141 -36.82 18.19 -14.03
CA HIS A 141 -37.73 19.33 -13.99
C HIS A 141 -38.16 19.74 -15.40
N ILE A 282 -30.21 10.94 -17.73
CA ILE A 282 -30.79 10.33 -16.54
C ILE A 282 -29.88 9.21 -16.03
N THR A 283 -28.65 9.17 -16.55
CA THR A 283 -27.71 8.15 -16.12
C THR A 283 -27.30 8.37 -14.67
N PRO A 284 -27.07 7.31 -13.91
CA PRO A 284 -26.64 7.48 -12.51
C PRO A 284 -25.28 8.16 -12.38
N ARG A 285 -24.43 8.08 -13.41
CA ARG A 285 -23.11 8.70 -13.31
C ARG A 285 -23.22 10.22 -13.21
N MET A 286 -24.20 10.81 -13.90
CA MET A 286 -24.38 12.26 -13.86
C MET A 286 -24.73 12.76 -12.46
N PHE A 287 -25.30 11.91 -11.61
CA PHE A 287 -25.63 12.33 -10.25
C PHE A 287 -24.39 12.50 -9.39
N SER A 288 -23.34 11.71 -9.65
CA SER A 288 -22.13 11.81 -8.88
C SER A 288 -21.38 13.11 -9.21
N PHE A 289 -20.53 13.53 -8.28
CA PHE A 289 -19.76 14.76 -8.44
C PHE A 289 -18.25 14.51 -8.41
N ASN A 290 -17.83 13.26 -8.62
CA ASN A 290 -16.42 12.92 -8.67
C ASN A 290 -15.92 12.57 -10.06
N ASN A 291 -16.81 12.26 -11.00
CA ASN A 291 -16.52 11.94 -12.39
C ASN A 291 -16.73 13.16 -13.27
N PRO A 292 -15.82 13.42 -14.20
CA PRO A 292 -15.96 14.58 -15.08
C PRO A 292 -17.20 14.53 -15.97
N TYR A 293 -17.86 13.38 -16.10
CA TYR A 293 -19.07 13.32 -16.91
C TYR A 293 -20.18 14.21 -16.37
N GLY A 294 -20.07 14.66 -15.13
CA GLY A 294 -21.02 15.58 -14.55
C GLY A 294 -20.39 16.44 -13.49
N ALA A 295 -19.80 17.57 -13.90
CA ALA A 295 -19.01 18.40 -13.01
C ALA A 295 -19.29 19.87 -13.31
N CYS A 296 -18.99 20.72 -12.34
CA CYS A 296 -19.13 22.16 -12.55
C CYS A 296 -17.76 22.69 -12.94
N PRO A 297 -17.59 23.20 -14.16
CA PRO A 297 -16.25 23.61 -14.60
C PRO A 297 -15.65 24.73 -13.77
N GLU A 298 -16.49 25.63 -13.24
CA GLU A 298 -16.00 26.77 -12.47
C GLU A 298 -15.01 26.35 -11.40
N CYS A 299 -15.40 25.41 -10.54
CA CYS A 299 -14.56 24.96 -9.44
C CYS A 299 -13.97 23.57 -9.67
N THR A 300 -14.17 23.01 -10.86
CA THR A 300 -13.74 21.66 -11.20
C THR A 300 -14.10 20.66 -10.10
N GLY A 301 -15.33 20.75 -9.61
CA GLY A 301 -15.83 19.81 -8.63
C GLY A 301 -15.41 20.04 -7.21
N LEU A 302 -14.61 21.07 -6.93
CA LEU A 302 -14.11 21.27 -5.58
C LEU A 302 -15.10 21.97 -4.68
N GLY A 303 -16.01 22.77 -5.25
CA GLY A 303 -16.98 23.51 -4.49
C GLY A 303 -16.53 24.90 -4.09
N SER A 304 -15.22 25.12 -3.98
CA SER A 304 -14.67 26.42 -3.60
C SER A 304 -13.60 26.78 -4.61
N LEU A 305 -12.74 27.73 -4.26
CA LEU A 305 -11.71 28.22 -5.17
C LEU A 305 -10.50 28.65 -4.35
N MET A 306 -9.54 27.74 -4.18
CA MET A 306 -8.37 27.98 -3.36
C MET A 306 -7.46 29.01 -4.04
N ARG A 307 -7.67 30.29 -3.73
CA ARG A 307 -6.86 31.36 -4.25
C ARG A 307 -6.12 32.06 -3.13
N ILE A 308 -4.88 32.47 -3.41
CA ILE A 308 -4.07 33.17 -2.42
C ILE A 308 -4.65 34.56 -2.17
N ASP A 309 -4.27 35.13 -1.03
CA ASP A 309 -4.76 36.44 -0.63
C ASP A 309 -3.71 37.49 -0.95
N PRO A 310 -3.95 38.41 -1.88
CA PRO A 310 -2.97 39.48 -2.14
C PRO A 310 -2.74 40.38 -0.94
N ASP A 311 -3.69 40.46 -0.01
CA ASP A 311 -3.52 41.27 1.20
C ASP A 311 -2.75 40.54 2.28
N LEU A 312 -2.39 39.27 2.06
CA LEU A 312 -1.61 38.50 3.02
C LEU A 312 -0.23 38.13 2.52
N VAL A 313 -0.01 38.09 1.20
CA VAL A 313 1.29 37.75 0.66
C VAL A 313 2.28 38.89 0.86
N ILE A 314 1.95 40.06 0.32
CA ILE A 314 2.79 41.25 0.49
C ILE A 314 1.93 42.42 0.92
N PRO A 315 1.40 42.42 2.15
CA PRO A 315 0.58 43.55 2.59
C PRO A 315 1.35 44.85 2.75
N ASP A 316 2.69 44.79 2.84
CA ASP A 316 3.52 45.98 3.06
C ASP A 316 3.60 46.78 1.77
N LYS A 317 2.55 47.58 1.53
CA LYS A 317 2.51 48.42 0.34
C LYS A 317 3.60 49.49 0.38
N LYS A 318 3.86 50.07 1.55
CA LYS A 318 4.88 51.11 1.66
C LYS A 318 6.29 50.57 1.50
N LEU A 319 6.49 49.27 1.71
CA LEU A 319 7.81 48.68 1.55
C LEU A 319 8.21 48.63 0.08
N SER A 320 9.48 48.91 -0.19
CA SER A 320 9.97 48.88 -1.56
C SER A 320 10.10 47.44 -2.05
N LEU A 321 10.21 47.29 -3.38
CA LEU A 321 10.37 45.97 -3.97
C LEU A 321 11.66 45.31 -3.51
N ALA A 322 12.75 46.08 -3.43
CA ALA A 322 14.02 45.54 -2.96
C ALA A 322 13.99 45.23 -1.47
N GLN A 323 13.08 45.86 -0.71
CA GLN A 323 13.02 45.60 0.72
C GLN A 323 12.54 44.19 1.03
N GLY A 324 11.75 43.59 0.13
CA GLY A 324 11.23 42.26 0.35
C GLY A 324 9.87 42.26 1.02
N ALA A 325 8.91 42.97 0.43
CA ALA A 325 7.57 43.02 0.98
C ALA A 325 6.93 41.63 1.03
N VAL A 326 7.11 40.85 -0.02
CA VAL A 326 6.59 39.48 -0.05
C VAL A 326 7.43 38.62 0.89
N ARG A 327 6.80 38.11 1.95
CA ARG A 327 7.48 37.32 2.95
C ARG A 327 7.42 35.82 2.67
N ALA A 328 6.85 35.42 1.53
CA ALA A 328 6.76 34.01 1.19
C ALA A 328 8.16 33.42 0.97
N SER A 329 8.33 32.17 1.38
CA SER A 329 9.62 31.51 1.21
C SER A 329 9.91 31.30 -0.27
N GLY A 330 11.16 31.56 -0.65
CA GLY A 330 11.58 31.45 -2.03
C GLY A 330 11.27 32.65 -2.90
N TRP A 331 10.72 33.72 -2.31
CA TRP A 331 10.39 34.94 -3.05
C TRP A 331 11.11 36.16 -2.49
N ASN A 332 12.20 35.96 -1.75
CA ASN A 332 12.92 37.06 -1.16
C ASN A 332 13.58 37.91 -2.24
N ILE A 333 13.53 39.22 -2.06
CA ILE A 333 14.14 40.16 -3.01
C ILE A 333 15.32 40.91 -2.42
N ALA A 334 15.48 40.92 -1.09
CA ALA A 334 16.58 41.62 -0.45
C ALA A 334 17.83 40.77 -0.32
N ASN A 335 17.77 39.49 -0.70
CA ASN A 335 18.90 38.58 -0.59
C ASN A 335 19.42 38.26 -1.99
N ASP A 336 20.70 38.56 -2.22
CA ASP A 336 21.31 38.26 -3.51
C ASP A 336 21.42 36.77 -3.74
N GLU A 337 21.78 36.02 -2.69
CA GLU A 337 21.95 34.57 -2.80
C GLU A 337 20.63 33.83 -2.97
N SER A 338 19.50 34.50 -2.75
CA SER A 338 18.21 33.86 -2.92
C SER A 338 17.96 33.50 -4.37
N TYR A 339 17.27 32.37 -4.58
CA TYR A 339 16.97 31.93 -5.94
C TYR A 339 16.05 32.91 -6.66
N ALA A 340 15.27 33.69 -5.91
CA ALA A 340 14.39 34.68 -6.50
C ALA A 340 15.10 35.93 -6.96
N ARG A 341 16.38 36.11 -6.58
CA ARG A 341 17.11 37.30 -7.00
C ARG A 341 17.32 37.33 -8.51
N MET A 342 17.62 36.17 -9.12
CA MET A 342 17.79 36.12 -10.56
C MET A 342 16.49 36.47 -11.28
N TYR A 343 15.36 35.95 -10.81
CA TYR A 343 14.07 36.27 -11.41
C TYR A 343 13.74 37.75 -11.23
N ILE A 344 14.05 38.31 -10.07
CA ILE A 344 13.80 39.73 -9.83
C ILE A 344 14.65 40.58 -10.78
N ASP A 345 15.92 40.21 -10.97
CA ASP A 345 16.78 40.94 -11.88
C ASP A 345 16.27 40.84 -13.32
N ALA A 346 15.82 39.65 -13.73
CA ALA A 346 15.28 39.50 -15.07
C ALA A 346 14.02 40.34 -15.26
N LEU A 347 13.14 40.35 -14.27
CA LEU A 347 11.93 41.17 -14.35
C LEU A 347 12.27 42.66 -14.41
N ALA A 348 13.24 43.09 -13.61
CA ALA A 348 13.66 44.49 -13.63
C ALA A 348 14.25 44.86 -14.99
N LYS A 349 15.06 43.97 -15.58
CA LYS A 349 15.59 44.23 -16.91
C LYS A 349 14.49 44.31 -17.95
N HIS A 350 13.51 43.41 -17.86
CA HIS A 350 12.38 43.43 -18.78
C HIS A 350 11.41 44.59 -18.55
N TYR A 351 11.49 45.27 -17.41
CA TYR A 351 10.57 46.36 -17.10
C TYR A 351 11.23 47.72 -16.97
N ASN A 352 12.54 47.79 -16.77
CA ASN A 352 13.27 49.06 -16.60
C ASN A 352 12.68 49.88 -15.46
N PHE A 353 12.34 49.20 -14.36
CA PHE A 353 11.76 49.82 -13.19
C PHE A 353 12.71 49.72 -12.01
N SER A 354 12.85 50.80 -11.26
CA SER A 354 13.74 50.82 -10.11
C SER A 354 13.20 49.90 -9.02
N VAL A 355 14.09 49.14 -8.40
CA VAL A 355 13.71 48.23 -7.33
C VAL A 355 13.33 48.97 -6.05
N ASP A 356 13.68 50.26 -5.95
CA ASP A 356 13.35 51.04 -4.76
C ASP A 356 11.94 51.61 -4.79
N THR A 357 11.20 51.40 -5.87
CA THR A 357 9.84 51.91 -5.95
C THR A 357 8.95 51.20 -4.94
N PRO A 358 8.06 51.92 -4.26
CA PRO A 358 7.16 51.28 -3.30
C PRO A 358 6.19 50.34 -3.99
N VAL A 359 5.74 49.33 -3.23
CA VAL A 359 4.78 48.37 -3.78
C VAL A 359 3.48 49.07 -4.14
N GLU A 360 3.03 50.00 -3.30
CA GLU A 360 1.81 50.75 -3.61
C GLU A 360 2.00 51.61 -4.86
N GLU A 361 3.17 52.21 -5.02
CA GLU A 361 3.45 53.08 -6.16
C GLU A 361 3.77 52.30 -7.44
N LEU A 362 3.87 50.98 -7.36
CA LEU A 362 4.16 50.18 -8.55
C LEU A 362 3.01 50.29 -9.55
N PRO A 363 3.31 50.36 -10.85
CA PRO A 363 2.24 50.45 -11.84
C PRO A 363 1.41 49.18 -11.83
N PRO A 364 0.12 49.29 -12.15
CA PRO A 364 -0.73 48.08 -12.19
C PRO A 364 -0.24 47.02 -13.16
N HIS A 365 0.30 47.43 -14.32
CA HIS A 365 0.86 46.47 -15.26
C HIS A 365 2.06 45.75 -14.67
N ILE A 366 2.95 46.49 -14.00
CA ILE A 366 4.12 45.87 -13.39
C ILE A 366 3.69 44.91 -12.28
N LEU A 367 2.71 45.31 -11.47
CA LEU A 367 2.21 44.44 -10.42
C LEU A 367 1.59 43.17 -11.00
N ASP A 368 0.83 43.30 -12.08
CA ASP A 368 0.24 42.13 -12.72
C ASP A 368 1.32 41.21 -13.28
N ILE A 369 2.36 41.79 -13.89
CA ILE A 369 3.46 40.99 -14.41
C ILE A 369 4.16 40.25 -13.27
N ILE A 370 4.37 40.92 -12.15
CA ILE A 370 5.03 40.29 -11.01
C ILE A 370 4.18 39.15 -10.45
N LEU A 371 2.86 39.38 -10.34
CA LEU A 371 2.00 38.41 -9.69
C LEU A 371 1.69 37.22 -10.59
N TYR A 372 1.04 37.48 -11.73
CA TYR A 372 0.58 36.42 -12.61
C TYR A 372 1.57 36.05 -13.70
N GLY A 373 2.73 36.69 -13.73
CA GLY A 373 3.74 36.37 -14.72
C GLY A 373 3.66 37.26 -15.95
N THR A 374 4.58 37.00 -16.88
CA THR A 374 4.67 37.73 -18.14
C THR A 374 4.11 36.93 -19.30
N ASN A 375 3.04 36.18 -19.07
CA ASN A 375 2.38 35.36 -20.08
C ASN A 375 3.30 34.29 -20.67
N GLY A 376 4.34 33.91 -19.94
CA GLY A 376 5.24 32.88 -20.40
C GLY A 376 6.06 33.25 -21.61
N GLU A 377 6.28 34.54 -21.86
CA GLU A 377 7.04 34.98 -23.01
C GLU A 377 8.53 34.74 -22.79
N LYS A 378 9.28 34.78 -23.90
CA LYS A 378 10.72 34.57 -23.83
C LYS A 378 11.39 35.72 -23.09
N ILE A 379 12.32 35.38 -22.20
CA ILE A 379 13.04 36.36 -21.41
C ILE A 379 14.39 35.79 -21.04
N LYS A 380 15.39 36.66 -20.95
CA LYS A 380 16.76 36.27 -20.63
C LYS A 380 17.04 36.58 -19.16
N ILE A 381 17.51 35.57 -18.43
CA ILE A 381 17.86 35.71 -17.02
C ILE A 381 19.37 35.56 -16.90
N GLU A 382 20.01 36.55 -16.31
CA GLU A 382 21.46 36.55 -16.15
C GLU A 382 21.85 35.89 -14.83
N TYR A 383 22.87 35.04 -14.87
CA TYR A 383 23.38 34.36 -13.69
C TYR A 383 24.88 34.60 -13.59
N GLU A 384 25.32 35.06 -12.43
CA GLU A 384 26.74 35.32 -12.16
C GLU A 384 27.07 34.75 -10.79
N ARG A 385 27.48 33.48 -10.76
CA ARG A 385 27.83 32.80 -9.54
C ARG A 385 29.31 33.04 -9.20
N GLU A 386 29.77 32.43 -8.11
CA GLU A 386 31.16 32.58 -7.70
C GLU A 386 32.12 31.98 -8.72
N ASN A 387 31.79 30.81 -9.26
CA ASN A 387 32.65 30.12 -10.20
C ASN A 387 31.99 29.82 -11.54
N GLU A 388 30.75 30.24 -11.76
CA GLU A 388 30.05 29.99 -13.00
C GLU A 388 29.33 31.25 -13.44
N LYS A 389 29.10 31.38 -14.75
CA LYS A 389 28.41 32.53 -15.29
C LYS A 389 27.78 32.16 -16.62
N GLY A 390 26.82 32.97 -17.03
CA GLY A 390 26.13 32.75 -18.28
C GLY A 390 24.71 33.30 -18.20
N THR A 391 23.90 32.90 -19.18
CA THR A 391 22.51 33.31 -19.25
C THR A 391 21.71 32.22 -19.94
N PHE A 392 20.40 32.22 -19.67
CA PHE A 392 19.49 31.25 -20.27
C PHE A 392 18.16 31.90 -20.55
N MET A 393 17.45 31.39 -21.55
CA MET A 393 16.13 31.87 -21.93
C MET A 393 15.07 31.07 -21.19
N ALA A 394 14.20 31.77 -20.47
CA ALA A 394 13.14 31.13 -19.70
C ALA A 394 11.99 32.11 -19.55
N SER A 395 10.98 31.72 -18.78
CA SER A 395 9.81 32.55 -18.53
C SER A 395 9.50 32.56 -17.04
N PHE A 396 8.98 33.69 -16.57
CA PHE A 396 8.65 33.84 -15.15
C PHE A 396 7.15 33.63 -14.97
N PRO A 397 6.72 32.55 -14.30
CA PRO A 397 5.28 32.35 -14.09
C PRO A 397 4.65 33.37 -13.17
N GLY A 398 5.43 34.05 -12.34
CA GLY A 398 4.89 34.99 -11.37
C GLY A 398 4.74 34.37 -9.99
N ILE A 399 4.59 35.24 -9.00
CA ILE A 399 4.50 34.78 -7.61
C ILE A 399 3.26 33.93 -7.40
N ILE A 400 2.11 34.38 -7.92
CA ILE A 400 0.86 33.66 -7.72
C ILE A 400 0.92 32.29 -8.39
N ASN A 401 1.40 32.25 -9.64
CA ASN A 401 1.48 30.97 -10.34
C ASN A 401 2.49 30.04 -9.70
N SER A 402 3.62 30.57 -9.23
CA SER A 402 4.60 29.74 -8.55
C SER A 402 4.03 29.15 -7.27
N MET A 403 3.32 29.98 -6.49
CA MET A 403 2.69 29.48 -5.27
C MET A 403 1.65 28.41 -5.57
N GLU A 404 0.85 28.64 -6.62
CA GLU A 404 -0.16 27.65 -7.00
C GLU A 404 0.48 26.33 -7.42
N ARG A 405 1.56 26.40 -8.20
CA ARG A 405 2.25 25.19 -8.62
C ARG A 405 2.87 24.46 -7.42
N ARG A 406 3.46 25.22 -6.50
CA ARG A 406 4.04 24.60 -5.31
C ARG A 406 2.96 23.93 -4.45
N TYR A 407 1.80 24.58 -4.31
CA TYR A 407 0.71 23.97 -3.56
C TYR A 407 0.19 22.71 -4.26
N LYS A 408 0.11 22.74 -5.59
CA LYS A 408 -0.32 21.55 -6.34
C LYS A 408 0.67 20.41 -6.17
N GLU A 409 1.97 20.71 -6.16
CA GLU A 409 2.98 19.69 -5.97
C GLU A 409 3.22 19.34 -4.51
N THR A 410 2.58 20.05 -3.58
CA THR A 410 2.79 19.78 -2.16
C THR A 410 2.18 18.43 -1.77
N THR A 411 2.85 17.74 -0.84
CA THR A 411 2.38 16.44 -0.38
C THR A 411 2.53 16.28 1.14
N SER A 412 2.66 17.38 1.87
CA SER A 412 2.84 17.35 3.32
C SER A 412 1.75 18.15 4.00
N GLU A 413 1.24 17.64 5.12
CA GLU A 413 0.18 18.33 5.85
C GLU A 413 0.66 19.66 6.40
N VAL A 414 1.87 19.70 6.94
CA VAL A 414 2.41 20.95 7.49
C VAL A 414 2.59 21.98 6.39
N MET A 415 3.15 21.56 5.24
CA MET A 415 3.29 22.49 4.12
C MET A 415 1.95 22.93 3.59
N LYS A 416 0.96 22.02 3.57
CA LYS A 416 -0.38 22.39 3.13
C LYS A 416 -0.99 23.44 4.06
N GLN A 417 -0.83 23.26 5.37
CA GLN A 417 -1.35 24.25 6.31
C GLN A 417 -0.64 25.58 6.15
N TYR A 418 0.68 25.55 5.97
CA TYR A 418 1.43 26.79 5.77
C TYR A 418 0.97 27.52 4.53
N TYR A 419 0.72 26.79 3.44
CA TYR A 419 0.28 27.42 2.21
C TYR A 419 -1.15 27.95 2.33
N GLU A 420 -2.02 27.19 3.00
CA GLU A 420 -3.39 27.66 3.18
C GLU A 420 -3.48 28.81 4.16
N ASN A 421 -2.44 29.01 4.99
CA ASN A 421 -2.40 30.17 5.87
C ASN A 421 -2.38 31.47 5.07
N PHE A 422 -1.87 31.44 3.84
CA PHE A 422 -1.82 32.60 2.97
C PHE A 422 -2.91 32.56 1.89
N MET A 423 -3.83 31.60 1.96
CA MET A 423 -4.85 31.44 0.95
C MET A 423 -6.22 31.34 1.62
N SER A 424 -7.26 31.44 0.80
CA SER A 424 -8.64 31.31 1.28
C SER A 424 -9.49 30.78 0.13
N ASN A 425 -10.24 29.71 0.39
CA ASN A 425 -11.08 29.07 -0.62
C ASN A 425 -12.42 29.79 -0.68
N ILE A 426 -12.60 30.63 -1.69
CA ILE A 426 -13.84 31.38 -1.88
C ILE A 426 -14.90 30.47 -2.47
N PRO A 427 -16.04 30.30 -1.81
CA PRO A 427 -17.08 29.39 -2.32
C PRO A 427 -17.47 29.72 -3.76
N CYS A 428 -17.41 28.69 -4.61
CA CYS A 428 -17.73 28.88 -6.02
C CYS A 428 -19.10 29.53 -6.19
N PRO A 429 -19.20 30.64 -6.92
CA PRO A 429 -20.51 31.31 -7.05
C PRO A 429 -21.39 30.70 -8.13
N VAL A 430 -20.81 30.03 -9.12
CA VAL A 430 -21.60 29.48 -10.22
C VAL A 430 -22.48 28.35 -9.70
N CYS A 431 -21.85 27.34 -9.10
CA CYS A 431 -22.55 26.17 -8.58
C CYS A 431 -22.98 26.40 -7.14
N LYS A 432 -22.02 26.60 -6.24
CA LYS A 432 -22.26 26.87 -4.83
C LYS A 432 -22.81 25.62 -4.16
N GLY A 433 -21.96 24.91 -3.44
CA GLY A 433 -22.38 23.66 -2.82
C GLY A 433 -23.04 22.70 -3.78
N ALA A 434 -22.58 22.68 -5.02
CA ALA A 434 -23.17 21.76 -6.00
C ALA A 434 -22.09 20.98 -6.74
N ARG A 435 -21.07 21.70 -7.22
CA ARG A 435 -19.96 21.10 -7.98
C ARG A 435 -20.47 20.13 -9.04
N LEU A 436 -21.63 20.42 -9.61
CA LEU A 436 -22.26 19.58 -10.60
C LEU A 436 -22.88 20.46 -11.68
N LYS A 437 -23.25 19.84 -12.79
CA LYS A 437 -23.79 20.59 -13.92
C LYS A 437 -25.21 21.01 -13.60
N LYS A 438 -25.57 22.21 -14.06
CA LYS A 438 -26.88 22.80 -13.77
C LYS A 438 -28.02 21.79 -13.90
N GLU A 439 -28.05 21.05 -15.00
CA GLU A 439 -29.15 20.13 -15.27
C GLU A 439 -29.30 19.05 -14.20
N SER A 440 -28.24 18.77 -13.44
CA SER A 440 -28.34 17.78 -12.37
C SER A 440 -29.30 18.24 -11.28
N LEU A 441 -29.27 19.52 -10.94
CA LEU A 441 -30.17 20.04 -9.92
C LEU A 441 -31.64 19.96 -10.34
N ALA A 442 -31.89 19.86 -11.64
CA ALA A 442 -33.26 19.73 -12.13
C ALA A 442 -33.92 18.42 -11.70
N VAL A 443 -33.13 17.41 -11.39
CA VAL A 443 -33.68 16.14 -10.90
C VAL A 443 -34.29 16.39 -9.53
N THR A 444 -35.61 16.26 -9.45
CA THR A 444 -36.38 16.53 -8.23
C THR A 444 -36.90 15.21 -7.67
N ILE A 445 -36.59 14.96 -6.40
CA ILE A 445 -37.09 13.78 -5.70
C ILE A 445 -37.72 14.25 -4.40
N GLY A 446 -39.02 14.02 -4.26
CA GLY A 446 -39.73 14.47 -3.07
C GLY A 446 -39.70 15.96 -2.87
N GLY A 447 -39.70 16.73 -3.96
CA GLY A 447 -39.65 18.18 -3.83
C GLY A 447 -38.37 18.67 -3.18
N LYS A 448 -37.24 18.06 -3.52
CA LYS A 448 -35.97 18.45 -2.92
C LYS A 448 -34.84 18.11 -3.88
N ASN A 449 -33.68 18.71 -3.64
CA ASN A 449 -32.49 18.50 -4.44
C ASN A 449 -31.53 17.58 -3.70
N ILE A 450 -30.55 17.04 -4.44
CA ILE A 450 -29.54 16.18 -3.84
C ILE A 450 -28.76 16.95 -2.78
N TYR A 451 -28.39 18.19 -3.08
CA TYR A 451 -27.77 19.05 -2.08
C TYR A 451 -28.71 19.32 -0.92
N GLU A 452 -30.00 19.53 -1.20
CA GLU A 452 -30.95 19.74 -0.12
C GLU A 452 -31.00 18.52 0.80
N VAL A 453 -30.98 17.32 0.22
CA VAL A 453 -30.97 16.11 1.02
C VAL A 453 -29.68 16.00 1.83
N CYS A 454 -28.54 16.32 1.21
CA CYS A 454 -27.26 16.17 1.88
C CYS A 454 -27.06 17.18 3.00
N CYS A 455 -27.57 18.40 2.84
CA CYS A 455 -27.39 19.42 3.87
C CYS A 455 -28.32 19.23 5.06
N LEU A 456 -29.31 18.35 4.94
CA LEU A 456 -30.22 18.08 6.05
C LEU A 456 -29.51 17.32 7.16
N SER A 457 -29.96 17.54 8.38
CA SER A 457 -29.39 16.83 9.52
C SER A 457 -29.77 15.35 9.45
N ILE A 458 -29.01 14.53 10.18
CA ILE A 458 -29.22 13.08 10.09
C ILE A 458 -30.63 12.71 10.54
N GLY A 459 -31.06 13.26 11.68
CA GLY A 459 -32.39 12.95 12.17
C GLY A 459 -33.49 13.45 11.25
N GLU A 460 -33.36 14.69 10.77
CA GLU A 460 -34.37 15.22 9.86
C GLU A 460 -34.33 14.50 8.52
N ALA A 461 -33.15 14.04 8.09
CA ALA A 461 -33.07 13.23 6.88
C ALA A 461 -33.80 11.91 7.06
N LYS A 462 -33.63 11.27 8.23
CA LYS A 462 -34.35 10.03 8.49
C LYS A 462 -35.85 10.27 8.51
N GLU A 463 -36.29 11.37 9.12
CA GLU A 463 -37.71 11.71 9.13
C GLU A 463 -38.23 11.95 7.71
N PHE A 464 -37.44 12.65 6.90
CA PHE A 464 -37.85 12.95 5.52
C PHE A 464 -37.97 11.68 4.69
N PHE A 465 -37.00 10.78 4.80
CA PHE A 465 -37.06 9.54 4.05
C PHE A 465 -38.09 8.57 4.61
N ALA A 466 -38.50 8.77 5.87
CA ALA A 466 -39.56 7.95 6.43
C ALA A 466 -40.91 8.27 5.80
N ASN A 467 -41.15 9.54 5.47
CA ASN A 467 -42.40 9.97 4.86
C ASN A 467 -42.38 9.86 3.34
N LEU A 468 -41.53 9.00 2.78
CA LEU A 468 -41.45 8.85 1.34
C LEU A 468 -42.73 8.24 0.78
N ASN A 469 -43.13 8.71 -0.40
CA ASN A 469 -44.33 8.20 -1.06
C ASN A 469 -44.18 8.41 -2.56
N LEU A 470 -44.26 7.33 -3.32
CA LEU A 470 -44.07 7.39 -4.76
C LEU A 470 -44.95 6.32 -5.40
N THR A 471 -44.68 6.03 -6.68
CA THR A 471 -45.46 5.07 -7.42
C THR A 471 -45.18 3.64 -6.92
N GLU A 472 -46.04 2.71 -7.36
CA GLU A 472 -45.88 1.32 -6.97
C GLU A 472 -44.58 0.74 -7.49
N ARG A 473 -44.22 1.07 -8.73
CA ARG A 473 -42.96 0.58 -9.29
C ARG A 473 -41.77 1.10 -8.50
N GLN A 474 -41.82 2.37 -8.09
CA GLN A 474 -40.74 2.93 -7.27
C GLN A 474 -40.64 2.21 -5.93
N GLN A 475 -41.78 1.90 -5.31
CA GLN A 475 -41.76 1.17 -4.05
C GLN A 475 -41.19 -0.23 -4.24
N LEU A 476 -41.57 -0.90 -5.33
CA LEU A 476 -41.05 -2.24 -5.59
C LEU A 476 -39.54 -2.22 -5.82
N ILE A 477 -39.05 -1.25 -6.59
CA ILE A 477 -37.62 -1.13 -6.83
C ILE A 477 -36.88 -0.66 -5.58
N ALA A 478 -37.58 -0.05 -4.62
CA ALA A 478 -36.99 0.44 -3.39
C ALA A 478 -36.88 -0.61 -2.32
N ARG A 479 -37.30 -1.86 -2.59
CA ARG A 479 -37.19 -2.93 -1.60
C ARG A 479 -35.76 -3.19 -1.18
N GLN A 480 -34.78 -2.79 -1.99
CA GLN A 480 -33.37 -2.96 -1.67
C GLN A 480 -32.66 -1.64 -1.42
N ILE A 481 -32.77 -0.68 -2.35
CA ILE A 481 -32.05 0.59 -2.21
C ILE A 481 -32.55 1.36 -0.99
N LEU A 482 -33.87 1.52 -0.88
CA LEU A 482 -34.42 2.25 0.26
C LEU A 482 -34.19 1.51 1.56
N LYS A 483 -34.24 0.18 1.54
CA LYS A 483 -33.95 -0.59 2.75
C LYS A 483 -32.52 -0.37 3.20
N GLU A 484 -31.57 -0.38 2.26
CA GLU A 484 -30.18 -0.11 2.62
C GLU A 484 -29.99 1.31 3.12
N ILE A 485 -30.69 2.26 2.52
CA ILE A 485 -30.60 3.65 2.97
C ILE A 485 -31.12 3.77 4.40
N ASN A 486 -32.25 3.12 4.69
CA ASN A 486 -32.81 3.16 6.03
C ASN A 486 -31.86 2.49 7.04
N ALA A 487 -31.25 1.38 6.64
CA ALA A 487 -30.30 0.70 7.52
C ALA A 487 -29.10 1.59 7.81
N ARG A 488 -28.58 2.26 6.79
CA ARG A 488 -27.44 3.16 6.99
C ARG A 488 -27.82 4.32 7.89
N LEU A 489 -29.01 4.88 7.70
CA LEU A 489 -29.47 5.97 8.56
C LEU A 489 -29.62 5.50 10.01
N GLY A 490 -30.16 4.31 10.20
CA GLY A 490 -30.28 3.77 11.55
C GLY A 490 -28.93 3.53 12.20
N PHE A 491 -27.96 3.03 11.43
CA PHE A 491 -26.62 2.85 11.97
C PHE A 491 -25.99 4.18 12.34
N LEU A 492 -26.18 5.20 11.49
CA LEU A 492 -25.66 6.53 11.81
C LEU A 492 -26.30 7.09 13.06
N VAL A 493 -27.62 6.86 13.23
CA VAL A 493 -28.29 7.29 14.44
C VAL A 493 -27.74 6.57 15.66
N ASP A 494 -27.51 5.27 15.53
CA ASP A 494 -26.92 4.50 16.64
C ASP A 494 -25.52 4.99 16.96
N VAL A 495 -24.81 5.53 15.98
CA VAL A 495 -23.50 6.14 16.25
C VAL A 495 -23.65 7.33 17.18
N GLY A 496 -24.77 8.05 17.09
CA GLY A 496 -25.05 9.16 17.97
C GLY A 496 -24.64 10.51 17.45
N LEU A 497 -23.93 10.58 16.31
CA LEU A 497 -23.49 11.84 15.74
C LEU A 497 -24.61 12.47 14.91
N ASP A 498 -25.73 12.76 15.57
CA ASP A 498 -26.86 13.37 14.89
C ASP A 498 -26.55 14.78 14.44
N TYR A 499 -25.64 15.47 15.14
CA TYR A 499 -25.25 16.84 14.79
C TYR A 499 -24.21 16.83 13.66
N LEU A 500 -24.64 16.30 12.52
CA LEU A 500 -23.77 16.22 11.36
C LEU A 500 -24.62 16.30 10.09
N THR A 501 -23.98 16.67 8.99
CA THR A 501 -24.64 16.79 7.70
C THR A 501 -23.89 15.96 6.67
N LEU A 502 -24.65 15.35 5.75
CA LEU A 502 -24.03 14.57 4.69
C LEU A 502 -23.17 15.44 3.79
N ALA A 503 -23.53 16.71 3.64
CA ALA A 503 -22.75 17.65 2.83
C ALA A 503 -21.68 18.38 3.63
N ARG A 504 -21.57 18.11 4.93
CA ARG A 504 -20.56 18.79 5.74
C ARG A 504 -19.16 18.37 5.31
N ALA A 505 -18.21 19.28 5.52
CA ALA A 505 -16.82 19.01 5.16
C ALA A 505 -16.28 17.85 5.98
N ALA A 506 -15.61 16.92 5.29
CA ALA A 506 -15.08 15.74 5.96
C ALA A 506 -13.98 16.11 6.95
N GLY A 507 -13.14 17.08 6.60
CA GLY A 507 -12.02 17.43 7.47
C GLY A 507 -12.47 18.06 8.77
N THR A 508 -13.54 18.88 8.72
CA THR A 508 -14.02 19.60 9.90
C THR A 508 -14.79 18.63 10.80
N LEU A 509 -14.04 17.86 11.59
CA LEU A 509 -14.64 16.92 12.52
C LEU A 509 -13.63 16.60 13.61
N SER A 510 -14.14 16.12 14.74
CA SER A 510 -13.30 15.75 15.86
C SER A 510 -12.76 14.33 15.68
N GLY A 511 -11.72 14.01 16.44
CA GLY A 511 -11.16 12.67 16.39
C GLY A 511 -12.14 11.61 16.84
N GLY A 512 -12.84 11.85 17.95
CA GLY A 512 -13.88 10.93 18.38
C GLY A 512 -15.00 10.81 17.38
N GLU A 513 -15.40 11.93 16.77
CA GLU A 513 -16.42 11.89 15.74
C GLU A 513 -15.95 11.07 14.54
N ALA A 514 -14.69 11.22 14.15
CA ALA A 514 -14.15 10.42 13.06
C ALA A 514 -14.14 8.94 13.41
N GLN A 515 -13.77 8.60 14.64
CA GLN A 515 -13.79 7.20 15.06
C GLN A 515 -15.20 6.63 15.03
N ARG A 516 -16.17 7.41 15.51
CA ARG A 516 -17.56 6.96 15.48
C ARG A 516 -18.05 6.78 14.04
N ILE A 517 -17.69 7.70 13.15
CA ILE A 517 -18.09 7.59 11.76
C ILE A 517 -17.48 6.35 11.12
N ARG A 518 -16.21 6.09 11.40
CA ARG A 518 -15.57 4.89 10.86
C ARG A 518 -16.24 3.63 11.39
N LEU A 519 -16.60 3.63 12.68
CA LEU A 519 -17.30 2.48 13.26
C LEU A 519 -18.65 2.27 12.59
N ALA A 520 -19.38 3.36 12.34
CA ALA A 520 -20.67 3.25 11.67
C ALA A 520 -20.51 2.72 10.26
N THR A 521 -19.50 3.19 9.53
CA THR A 521 -19.26 2.70 8.18
C THR A 521 -18.90 1.22 8.20
N GLN A 522 -18.09 0.80 9.17
CA GLN A 522 -17.74 -0.60 9.28
C GLN A 522 -18.96 -1.45 9.58
N ILE A 523 -19.84 -0.96 10.47
CA ILE A 523 -21.07 -1.69 10.79
C ILE A 523 -21.94 -1.81 9.54
N GLY A 524 -22.04 -0.73 8.76
CA GLY A 524 -22.81 -0.79 7.53
C GLY A 524 -22.22 -1.75 6.51
N SER A 525 -20.89 -1.87 6.47
CA SER A 525 -20.26 -2.76 5.51
C SER A 525 -20.66 -4.21 5.75
N GLY A 526 -20.68 -4.63 7.02
CA GLY A 526 -21.08 -5.98 7.36
C GLY A 526 -20.02 -7.05 7.17
N LEU A 527 -18.76 -6.67 7.00
CA LEU A 527 -17.70 -7.65 6.85
C LEU A 527 -17.39 -8.30 8.19
N MET A 528 -18.02 -9.45 8.46
CA MET A 528 -17.87 -10.11 9.74
C MET A 528 -16.69 -11.08 9.72
N GLY A 529 -16.51 -11.80 10.82
CA GLY A 529 -15.43 -12.76 10.93
C GLY A 529 -14.05 -12.15 10.89
N VAL A 530 -13.84 -11.06 11.62
CA VAL A 530 -12.56 -10.35 11.67
C VAL A 530 -12.29 -9.94 13.10
N ILE A 531 -11.16 -9.28 13.31
CA ILE A 531 -10.74 -8.77 14.61
C ILE A 531 -10.75 -7.26 14.57
N TYR A 532 -11.45 -6.64 15.51
CA TYR A 532 -11.59 -5.19 15.57
C TYR A 532 -10.96 -4.68 16.86
N ILE A 533 -10.04 -3.73 16.74
CA ILE A 533 -9.35 -3.13 17.87
C ILE A 533 -9.59 -1.63 17.82
N LEU A 534 -10.41 -1.12 18.74
CA LEU A 534 -10.70 0.30 18.85
C LEU A 534 -9.95 0.89 20.02
N ASP A 535 -10.04 2.22 20.17
CA ASP A 535 -9.35 2.93 21.23
C ASP A 535 -10.24 4.02 21.79
N GLU A 536 -10.44 4.00 23.10
CA GLU A 536 -11.18 5.02 23.83
C GLU A 536 -12.53 5.36 23.20
N PRO A 537 -13.46 4.40 23.12
CA PRO A 537 -14.80 4.73 22.62
C PRO A 537 -15.53 5.73 23.49
N SER A 538 -15.28 5.71 24.80
CA SER A 538 -16.01 6.59 25.71
C SER A 538 -15.61 8.05 25.54
N ILE A 539 -14.38 8.31 25.08
CA ILE A 539 -13.93 9.68 24.93
C ILE A 539 -14.77 10.41 23.90
N GLY A 540 -15.21 11.61 24.25
CA GLY A 540 -16.04 12.38 23.34
C GLY A 540 -17.49 11.97 23.28
N LEU A 541 -18.04 11.42 24.36
CA LEU A 541 -19.42 10.98 24.36
C LEU A 541 -20.05 11.21 25.73
N HIS A 542 -21.37 11.40 25.73
CA HIS A 542 -22.14 11.53 26.95
C HIS A 542 -22.61 10.15 27.43
N GLN A 543 -23.22 10.13 28.62
CA GLN A 543 -23.63 8.85 29.21
C GLN A 543 -24.61 8.10 28.32
N ARG A 544 -25.61 8.80 27.79
CA ARG A 544 -26.52 8.19 26.83
C ARG A 544 -25.77 7.73 25.58
N ASP A 545 -24.79 8.53 25.14
CA ASP A 545 -23.95 8.10 24.03
C ASP A 545 -23.14 6.87 24.39
N ASN A 546 -22.72 6.74 25.65
CA ASN A 546 -22.04 5.53 26.09
C ASN A 546 -22.96 4.32 25.99
N ASP A 547 -24.23 4.47 26.40
CA ASP A 547 -25.17 3.38 26.28
C ASP A 547 -25.39 3.00 24.82
N ARG A 548 -25.52 4.00 23.95
CA ARG A 548 -25.70 3.73 22.52
C ARG A 548 -24.49 3.03 21.94
N LEU A 549 -23.29 3.46 22.33
CA LEU A 549 -22.07 2.81 21.84
C LEU A 549 -21.98 1.38 22.33
N LEU A 550 -22.38 1.12 23.58
CA LEU A 550 -22.38 -0.25 24.09
C LEU A 550 -23.35 -1.12 23.30
N ARG A 551 -24.54 -0.58 23.00
CA ARG A 551 -25.50 -1.34 22.20
C ARG A 551 -24.95 -1.62 20.81
N SER A 552 -24.32 -0.63 20.19
CA SER A 552 -23.75 -0.82 18.85
C SER A 552 -22.63 -1.86 18.87
N LEU A 553 -21.78 -1.82 19.90
CA LEU A 553 -20.71 -2.80 20.00
C LEU A 553 -21.28 -4.19 20.21
N LYS A 554 -22.33 -4.31 21.02
CA LYS A 554 -22.98 -5.62 21.20
C LYS A 554 -23.55 -6.12 19.88
N LYS A 555 -24.18 -5.23 19.10
CA LYS A 555 -24.69 -5.64 17.80
C LYS A 555 -23.56 -6.12 16.89
N LEU A 556 -22.48 -5.34 16.82
CA LEU A 556 -21.36 -5.71 15.95
C LEU A 556 -20.76 -7.05 16.38
N ARG A 557 -20.68 -7.30 17.68
CA ARG A 557 -20.25 -8.61 18.15
C ARG A 557 -21.24 -9.70 17.73
N ASP A 558 -22.53 -9.38 17.73
CA ASP A 558 -23.52 -10.34 17.28
C ASP A 558 -23.38 -10.63 15.80
N LEU A 559 -22.85 -9.68 15.03
CA LEU A 559 -22.59 -9.92 13.62
C LEU A 559 -21.59 -11.05 13.39
N GLY A 560 -20.82 -11.42 14.40
CA GLY A 560 -19.92 -12.56 14.28
C GLY A 560 -18.45 -12.24 14.15
N ASN A 561 -17.97 -11.26 14.92
CA ASN A 561 -16.55 -10.93 14.96
C ASN A 561 -16.12 -10.74 16.40
N THR A 562 -14.84 -11.01 16.66
CA THR A 562 -14.27 -10.84 17.99
C THR A 562 -13.69 -9.45 18.14
N LEU A 563 -14.10 -8.74 19.19
CA LEU A 563 -13.73 -7.35 19.41
C LEU A 563 -12.83 -7.24 20.64
N LEU A 564 -11.76 -6.45 20.51
CA LEU A 564 -10.86 -6.14 21.61
C LEU A 564 -10.83 -4.62 21.80
N VAL A 565 -11.42 -4.14 22.88
CA VAL A 565 -11.48 -2.71 23.17
C VAL A 565 -10.62 -2.40 24.39
N VAL A 566 -10.06 -1.21 24.39
CA VAL A 566 -9.29 -0.68 25.52
C VAL A 566 -9.94 0.63 25.95
N GLU A 567 -10.35 0.70 27.22
CA GLU A 567 -11.06 1.87 27.73
C GLU A 567 -11.05 1.80 29.25
N HIS A 568 -11.84 2.66 29.88
CA HIS A 568 -11.92 2.71 31.34
C HIS A 568 -13.34 2.87 31.86
N ASP A 569 -14.35 2.93 30.99
CA ASP A 569 -15.72 3.11 31.43
C ASP A 569 -16.20 1.87 32.18
N GLU A 570 -16.80 2.09 33.35
CA GLU A 570 -17.25 0.96 34.16
C GLU A 570 -18.37 0.18 33.48
N ASP A 571 -19.24 0.87 32.73
CA ASP A 571 -20.33 0.20 32.05
C ASP A 571 -19.81 -0.78 31.00
N THR A 572 -18.75 -0.43 30.28
CA THR A 572 -18.19 -1.34 29.30
C THR A 572 -17.65 -2.60 29.99
N MET A 573 -16.97 -2.45 31.12
CA MET A 573 -16.49 -3.61 31.85
C MET A 573 -17.65 -4.46 32.34
N TYR A 574 -18.72 -3.84 32.82
CA TYR A 574 -19.89 -4.60 33.27
C TYR A 574 -20.51 -5.38 32.11
N ALA A 575 -20.60 -4.76 30.94
CA ALA A 575 -21.15 -5.44 29.77
C ALA A 575 -20.16 -6.41 29.14
N SER A 576 -18.89 -6.35 29.51
CA SER A 576 -17.88 -7.23 28.93
C SER A 576 -18.01 -8.64 29.50
N ASP A 577 -17.51 -9.61 28.73
CA ASP A 577 -17.53 -11.00 29.15
C ASP A 577 -16.24 -11.38 29.88
N TYR A 578 -15.09 -11.18 29.23
CA TYR A 578 -13.80 -11.47 29.82
C TYR A 578 -12.98 -10.20 29.90
N ILE A 579 -12.29 -10.02 31.02
CA ILE A 579 -11.48 -8.82 31.27
C ILE A 579 -10.05 -9.26 31.52
N ILE A 580 -9.11 -8.62 30.83
CA ILE A 580 -7.69 -8.88 30.98
C ILE A 580 -7.06 -7.66 31.62
N ASP A 581 -6.41 -7.86 32.77
CA ASP A 581 -5.76 -6.78 33.52
C ASP A 581 -4.28 -7.08 33.64
N LEU A 582 -3.45 -6.11 33.26
CA LEU A 582 -2.00 -6.24 33.35
C LEU A 582 -1.47 -5.17 34.30
N GLY A 583 -0.60 -5.58 35.22
CA GLY A 583 -0.03 -4.68 36.18
C GLY A 583 1.08 -5.33 36.98
N PRO A 584 1.16 -5.00 38.27
CA PRO A 584 0.31 -4.08 39.03
C PRO A 584 0.70 -2.63 38.79
N GLY A 585 1.98 -2.37 38.59
CA GLY A 585 2.49 -1.04 38.34
C GLY A 585 2.72 -0.79 36.87
N ALA A 586 3.70 0.06 36.58
CA ALA A 586 4.07 0.40 35.21
C ALA A 586 5.57 0.26 35.04
N GLY A 587 5.98 -0.05 33.82
CA GLY A 587 7.40 -0.26 33.57
C GLY A 587 7.91 -1.47 34.32
N SER A 588 8.97 -1.27 35.09
CA SER A 588 9.53 -2.36 35.89
C SER A 588 8.61 -2.80 37.01
N HIS A 589 7.66 -1.96 37.41
CA HIS A 589 6.72 -2.28 38.47
C HIS A 589 5.50 -3.06 37.98
N GLY A 590 5.37 -3.26 36.67
CA GLY A 590 4.24 -3.99 36.13
C GLY A 590 4.63 -4.94 35.02
N GLY A 591 3.78 -5.02 33.98
CA GLY A 591 4.08 -5.87 32.85
C GLY A 591 3.71 -7.33 33.01
N GLN A 592 2.94 -7.68 34.04
CA GLN A 592 2.53 -9.05 34.27
C GLN A 592 1.02 -9.12 34.39
N ILE A 593 0.44 -10.22 33.90
CA ILE A 593 -1.00 -10.41 33.93
C ILE A 593 -1.42 -10.61 35.37
N VAL A 594 -2.18 -9.63 35.91
CA VAL A 594 -2.61 -9.72 37.29
C VAL A 594 -3.64 -10.84 37.47
N ALA A 595 -4.63 -10.89 36.59
CA ALA A 595 -5.69 -11.89 36.69
C ALA A 595 -6.47 -11.90 35.38
N GLU A 596 -7.34 -12.89 35.25
CA GLU A 596 -8.21 -13.02 34.08
C GLU A 596 -9.51 -13.68 34.49
N GLY A 597 -10.54 -13.48 33.67
CA GLY A 597 -11.84 -14.05 33.92
C GLY A 597 -12.93 -13.02 33.76
N THR A 598 -14.07 -13.27 34.38
CA THR A 598 -15.21 -12.39 34.31
C THR A 598 -15.12 -11.29 35.37
N VAL A 599 -16.12 -10.41 35.39
CA VAL A 599 -16.09 -9.26 36.29
C VAL A 599 -16.24 -9.71 37.73
N GLU A 600 -17.07 -10.74 37.96
CA GLU A 600 -17.36 -11.16 39.33
C GLU A 600 -16.09 -11.66 40.02
N GLU A 601 -15.39 -12.60 39.39
CA GLU A 601 -14.15 -13.12 39.97
C GLU A 601 -13.04 -12.09 39.92
N ILE A 602 -13.10 -11.13 38.99
CA ILE A 602 -12.15 -10.02 39.02
C ILE A 602 -12.33 -9.20 40.30
N LYS A 603 -13.57 -8.92 40.66
CA LYS A 603 -13.85 -8.26 41.93
C LYS A 603 -13.42 -9.13 43.11
N GLN A 604 -13.66 -10.43 43.03
CA GLN A 604 -13.20 -11.34 44.07
C GLN A 604 -11.69 -11.39 44.16
N ASN A 605 -10.99 -11.09 43.08
CA ASN A 605 -9.52 -11.10 43.09
C ASN A 605 -9.00 -9.90 43.87
N PRO A 606 -8.18 -10.11 44.90
CA PRO A 606 -7.65 -8.99 45.69
C PRO A 606 -6.32 -8.43 45.22
N ASN A 607 -5.83 -8.85 44.06
CA ASN A 607 -4.53 -8.41 43.57
C ASN A 607 -4.64 -7.51 42.34
N SER A 608 -5.85 -7.15 41.94
CA SER A 608 -6.08 -6.32 40.76
C SER A 608 -6.46 -4.92 41.20
N VAL A 609 -5.72 -3.92 40.70
CA VAL A 609 -6.05 -2.53 41.01
C VAL A 609 -7.39 -2.13 40.39
N THR A 610 -7.67 -2.63 39.19
CA THR A 610 -8.98 -2.40 38.59
C THR A 610 -10.09 -3.02 39.43
N GLY A 611 -9.88 -4.24 39.92
CA GLY A 611 -10.84 -4.85 40.82
C GLY A 611 -10.95 -4.09 42.13
N GLU A 612 -9.83 -3.53 42.61
CA GLU A 612 -9.87 -2.73 43.83
C GLU A 612 -10.73 -1.50 43.65
N TYR A 613 -10.60 -0.83 42.51
CA TYR A 613 -11.44 0.34 42.23
C TYR A 613 -12.90 -0.07 42.04
N LEU A 614 -13.13 -1.22 41.40
CA LEU A 614 -14.50 -1.69 41.20
C LEU A 614 -15.18 -2.03 42.52
N SER A 615 -14.45 -2.62 43.46
CA SER A 615 -15.01 -3.01 44.74
C SER A 615 -15.40 -1.81 45.61
N GLY A 616 -14.93 -0.62 45.28
CA GLY A 616 -15.26 0.55 46.06
C GLY A 616 -14.41 0.77 47.28
N ARG A 617 -13.34 0.01 47.46
CA ARG A 617 -12.44 0.23 48.59
C ARG A 617 -11.83 1.62 48.53
N LYS A 618 -11.37 2.03 47.35
CA LYS A 618 -10.88 3.39 47.11
C LYS A 618 -11.85 4.08 46.18
N LYS A 619 -12.45 5.18 46.64
CA LYS A 619 -13.45 5.90 45.89
C LYS A 619 -13.16 7.40 45.94
N ILE A 620 -13.65 8.11 44.93
CA ILE A 620 -13.48 9.56 44.84
C ILE A 620 -14.51 10.19 45.77
N GLU A 621 -14.07 10.67 46.91
CA GLU A 621 -14.97 11.31 47.87
C GLU A 621 -15.36 12.69 47.37
N VAL A 622 -16.65 12.99 47.39
CA VAL A 622 -17.11 14.33 46.98
C VAL A 622 -16.59 15.35 47.98
N PRO A 623 -16.13 16.52 47.53
CA PRO A 623 -15.60 17.52 48.46
C PRO A 623 -16.67 17.98 49.45
N LYS A 624 -16.25 18.17 50.71
CA LYS A 624 -17.17 18.65 51.73
C LYS A 624 -17.46 20.14 51.58
N GLU A 625 -16.50 20.90 51.05
CA GLU A 625 -16.66 22.33 50.83
C GLU A 625 -16.25 22.68 49.41
N ARG A 626 -16.89 23.70 48.85
CA ARG A 626 -16.61 24.17 47.50
C ARG A 626 -16.22 25.64 47.55
N ARG A 627 -15.22 26.00 46.74
CA ARG A 627 -14.76 27.38 46.70
C ARG A 627 -15.80 28.28 46.05
N LYS A 628 -15.65 29.58 46.27
CA LYS A 628 -16.56 30.58 45.76
C LYS A 628 -15.78 31.65 45.00
N PRO A 629 -16.41 32.29 44.00
CA PRO A 629 -15.70 33.32 43.24
C PRO A 629 -15.34 34.51 44.11
N ASN A 630 -14.23 35.15 43.76
CA ASN A 630 -13.73 36.33 44.48
C ASN A 630 -14.09 37.63 43.78
N GLY A 631 -15.11 37.62 42.94
CA GLY A 631 -15.55 38.81 42.24
C GLY A 631 -14.81 39.11 40.95
N LYS A 632 -13.83 38.29 40.57
CA LYS A 632 -13.08 38.47 39.33
C LYS A 632 -13.70 37.57 38.27
N TRP A 633 -14.31 38.18 37.25
CA TRP A 633 -15.03 37.44 36.22
C TRP A 633 -14.57 37.88 34.84
N LEU A 634 -14.67 36.96 33.89
CA LEU A 634 -14.43 37.24 32.48
C LEU A 634 -15.75 37.13 31.74
N GLU A 635 -16.12 38.18 31.01
CA GLU A 635 -17.42 38.27 30.37
C GLU A 635 -17.26 38.13 28.87
N ILE A 636 -17.95 37.14 28.29
CA ILE A 636 -18.02 36.96 26.85
C ILE A 636 -19.50 36.90 26.47
N ILE A 637 -19.95 37.87 25.68
CA ILE A 637 -21.36 38.01 25.35
C ILE A 637 -21.51 38.22 23.85
N GLY A 638 -22.51 37.57 23.27
CA GLY A 638 -22.85 37.76 21.88
C GLY A 638 -22.04 36.97 20.88
N ALA A 639 -21.19 36.06 21.34
CA ALA A 639 -20.41 35.24 20.42
C ALA A 639 -21.33 34.27 19.67
N ARG A 640 -21.19 34.24 18.34
CA ARG A 640 -22.04 33.42 17.49
C ARG A 640 -21.21 32.55 16.55
N GLU A 641 -20.03 32.14 17.00
CA GLU A 641 -19.17 31.30 16.17
C GLU A 641 -19.72 29.89 16.06
N ASN A 642 -19.53 29.28 14.89
CA ASN A 642 -19.96 27.91 14.60
C ASN A 642 -21.46 27.81 14.81
N ASN A 643 -21.96 26.98 15.73
CA ASN A 643 -23.40 26.82 15.93
C ASN A 643 -23.91 27.64 17.12
N LEU A 644 -23.07 28.48 17.71
CA LEU A 644 -23.52 29.31 18.82
C LEU A 644 -24.52 30.36 18.33
N LYS A 645 -25.64 30.47 19.03
CA LYS A 645 -26.69 31.42 18.66
C LYS A 645 -26.59 32.69 19.51
N ASN A 646 -25.47 33.39 19.36
CA ASN A 646 -25.20 34.64 20.06
C ASN A 646 -25.35 34.46 21.58
N ILE A 647 -24.55 33.56 22.11
CA ILE A 647 -24.63 33.16 23.51
C ILE A 647 -23.80 34.10 24.36
N ASN A 648 -24.28 34.38 25.58
CA ASN A 648 -23.57 35.17 26.56
C ASN A 648 -23.26 34.28 27.76
N VAL A 649 -21.99 34.21 28.12
CA VAL A 649 -21.52 33.33 29.20
C VAL A 649 -20.70 34.16 30.17
N ARG A 650 -20.97 34.00 31.46
CA ARG A 650 -20.20 34.63 32.53
C ARG A 650 -19.28 33.57 33.14
N ILE A 651 -17.99 33.68 32.85
CA ILE A 651 -17.01 32.68 33.27
C ILE A 651 -16.19 33.29 34.41
N PRO A 652 -16.35 32.83 35.64
CA PRO A 652 -15.51 33.32 36.73
C PRO A 652 -14.12 32.71 36.68
N LEU A 653 -13.17 33.42 37.29
CA LEU A 653 -11.78 33.02 37.32
C LEU A 653 -11.30 32.99 38.76
N GLY A 654 -10.64 31.89 39.15
CA GLY A 654 -10.11 31.77 40.48
C GLY A 654 -10.57 30.51 41.20
N VAL A 655 -11.28 29.64 40.49
CA VAL A 655 -11.78 28.39 41.03
C VAL A 655 -11.67 27.31 39.97
N PHE A 656 -11.85 26.06 40.39
CA PHE A 656 -11.78 24.91 39.48
C PHE A 656 -13.12 24.70 38.77
N THR A 657 -13.50 25.72 38.01
CA THR A 657 -14.72 25.66 37.23
C THR A 657 -14.50 24.84 35.96
N CYS A 658 -15.61 24.39 35.37
CA CYS A 658 -15.54 23.55 34.18
C CYS A 658 -16.80 23.76 33.36
N ILE A 659 -16.71 23.43 32.08
CA ILE A 659 -17.82 23.50 31.14
C ILE A 659 -18.02 22.12 30.55
N THR A 660 -19.26 21.64 30.55
CA THR A 660 -19.57 20.30 30.06
C THR A 660 -20.97 20.30 29.47
N GLY A 661 -21.23 19.29 28.65
CA GLY A 661 -22.52 19.16 28.01
C GLY A 661 -22.59 17.90 27.19
N VAL A 662 -23.62 17.81 26.36
CA VAL A 662 -23.77 16.63 25.50
C VAL A 662 -22.69 16.64 24.42
N SER A 663 -22.52 15.48 23.79
CA SER A 663 -21.53 15.36 22.73
C SER A 663 -21.91 16.21 21.52
N GLY A 664 -20.91 16.88 20.95
CA GLY A 664 -21.15 17.71 19.79
C GLY A 664 -21.90 19.00 20.04
N SER A 665 -21.97 19.45 21.30
CA SER A 665 -22.69 20.70 21.58
C SER A 665 -21.98 21.92 21.00
N GLY A 666 -20.66 21.84 20.81
CA GLY A 666 -19.91 22.95 20.26
C GLY A 666 -19.34 23.90 21.28
N ALA A 667 -19.67 23.73 22.57
CA ALA A 667 -19.10 24.60 23.60
C ALA A 667 -17.60 24.46 23.68
N SER A 668 -17.10 23.22 23.58
CA SER A 668 -15.65 23.00 23.54
C SER A 668 -15.04 23.65 22.32
N SER A 669 -15.72 23.58 21.18
CA SER A 669 -15.25 24.27 19.98
C SER A 669 -15.20 25.77 20.21
N LEU A 670 -16.22 26.33 20.87
CA LEU A 670 -16.22 27.76 21.17
C LEU A 670 -15.03 28.13 22.04
N ILE A 671 -14.77 27.34 23.09
CA ILE A 671 -13.67 27.63 23.98
C ILE A 671 -12.34 27.54 23.23
N ASN A 672 -12.19 26.53 22.37
CA ASN A 672 -10.94 26.32 21.67
C ASN A 672 -10.73 27.32 20.53
N GLU A 673 -11.79 27.95 20.04
CA GLU A 673 -11.70 28.79 18.85
C GLU A 673 -11.88 30.27 19.11
N ILE A 674 -12.39 30.66 20.28
CA ILE A 674 -12.65 32.08 20.53
C ILE A 674 -11.89 32.55 21.75
N LEU A 675 -12.18 31.96 22.90
CA LEU A 675 -11.61 32.44 24.16
C LEU A 675 -10.10 32.28 24.17
N TYR A 676 -9.62 31.09 23.81
CA TYR A 676 -8.18 30.85 23.81
C TYR A 676 -7.46 31.75 22.82
N LYS A 677 -8.03 31.91 21.62
CA LYS A 677 -7.41 32.77 20.62
C LYS A 677 -7.34 34.21 21.09
N ARG A 678 -8.43 34.72 21.67
CA ARG A 678 -8.43 36.09 22.16
C ARG A 678 -7.43 36.28 23.27
N LEU A 679 -7.38 35.34 24.23
CA LEU A 679 -6.43 35.45 25.32
C LEU A 679 -4.99 35.41 24.83
N ALA A 680 -4.70 34.51 23.88
CA ALA A 680 -3.35 34.42 23.34
C ALA A 680 -2.96 35.69 22.62
N ALA A 681 -3.87 36.22 21.80
CA ALA A 681 -3.57 37.47 21.08
C ALA A 681 -3.37 38.62 22.05
N GLU A 682 -4.14 38.66 23.13
CA GLU A 682 -4.04 39.76 24.08
C GLU A 682 -2.74 39.70 24.87
N LEU A 683 -2.38 38.52 25.38
CA LEU A 683 -1.26 38.39 26.31
C LEU A 683 0.01 37.90 25.64
N ASN A 684 -0.04 36.73 25.01
CA ASN A 684 1.16 36.11 24.46
C ASN A 684 1.49 36.57 23.05
N ARG A 685 0.69 37.48 22.48
CA ARG A 685 0.94 38.05 21.16
C ARG A 685 0.99 36.95 20.09
N ALA A 686 -0.14 36.27 19.93
CA ALA A 686 -0.30 35.25 18.90
C ALA A 686 -1.15 35.82 17.77
N SER A 687 -0.62 35.79 16.55
CA SER A 687 -1.28 36.39 15.39
C SER A 687 -2.06 35.31 14.65
N VAL A 688 -3.20 34.94 15.23
CA VAL A 688 -4.14 33.99 14.63
C VAL A 688 -5.53 34.61 14.69
N LYS A 689 -6.22 34.60 13.55
CA LYS A 689 -7.55 35.20 13.48
C LYS A 689 -8.55 34.34 14.26
N PRO A 690 -9.24 34.88 15.26
CA PRO A 690 -10.23 34.09 15.99
C PRO A 690 -11.58 34.06 15.28
N GLY A 691 -12.58 33.46 15.90
CA GLY A 691 -13.92 33.40 15.36
C GLY A 691 -14.76 34.59 15.77
N GLU A 692 -16.07 34.36 15.86
CA GLU A 692 -16.98 35.43 16.25
C GLU A 692 -16.73 35.82 17.70
N HIS A 693 -16.60 37.11 17.95
CA HIS A 693 -16.33 37.61 19.30
C HIS A 693 -16.76 39.07 19.36
N ASP A 694 -17.76 39.37 20.18
CA ASP A 694 -18.24 40.74 20.32
C ASP A 694 -17.36 41.54 21.26
N LEU A 695 -17.27 41.11 22.52
CA LEU A 695 -16.47 41.80 23.52
C LEU A 695 -16.04 40.81 24.60
N ILE A 696 -14.88 41.08 25.18
CA ILE A 696 -14.35 40.28 26.27
C ILE A 696 -13.98 41.22 27.42
N LYS A 697 -14.47 40.92 28.62
CA LYS A 697 -14.22 41.73 29.79
C LYS A 697 -13.35 40.96 30.79
N GLY A 698 -12.85 41.69 31.78
CA GLY A 698 -11.97 41.10 32.77
C GLY A 698 -10.59 40.78 32.27
N ILE A 699 -10.13 41.47 31.23
CA ILE A 699 -8.82 41.17 30.65
C ILE A 699 -7.70 41.53 31.62
N GLU A 700 -7.87 42.59 32.41
CA GLU A 700 -6.83 43.02 33.32
C GLU A 700 -6.65 42.07 34.50
N TYR A 701 -7.61 41.17 34.74
CA TYR A 701 -7.50 40.27 35.87
C TYR A 701 -6.36 39.28 35.68
N LEU A 702 -6.21 38.73 34.48
CA LEU A 702 -5.19 37.74 34.19
C LEU A 702 -4.02 38.39 33.44
N ASP A 703 -2.86 37.74 33.54
CA ASP A 703 -1.65 38.24 32.90
C ASP A 703 -1.10 37.27 31.86
N LYS A 704 -0.98 35.98 32.20
CA LYS A 704 -0.42 34.99 31.30
C LYS A 704 -1.37 33.80 31.20
N VAL A 705 -1.43 33.20 30.02
CA VAL A 705 -2.29 32.05 29.74
C VAL A 705 -1.46 30.98 29.05
N ILE A 706 -1.69 29.72 29.44
CA ILE A 706 -0.97 28.58 28.87
C ILE A 706 -1.98 27.52 28.45
N ASP A 707 -1.54 26.63 27.57
CA ASP A 707 -2.37 25.58 27.03
C ASP A 707 -1.76 24.21 27.35
N ILE A 708 -2.63 23.22 27.53
CA ILE A 708 -2.23 21.85 27.79
C ILE A 708 -2.85 20.97 26.72
N ASP A 709 -2.01 20.31 25.92
CA ASP A 709 -2.48 19.46 24.85
C ASP A 709 -1.80 18.09 24.89
N GLN A 710 -2.07 17.26 23.89
CA GLN A 710 -1.48 15.93 23.80
C GLN A 710 -0.30 15.89 22.83
N SER A 711 0.18 17.04 22.38
CA SER A 711 1.28 17.07 21.43
C SER A 711 2.57 16.61 22.10
N PRO A 712 3.46 15.97 21.34
CA PRO A 712 4.74 15.52 21.93
C PRO A 712 5.59 16.68 22.39
N ILE A 713 6.38 16.44 23.44
CA ILE A 713 7.25 17.48 23.98
C ILE A 713 8.29 17.89 22.95
N GLY A 714 8.91 16.91 22.29
CA GLY A 714 9.93 17.21 21.31
C GLY A 714 10.09 16.14 20.25
N ARG A 715 10.21 16.56 19.00
CA ARG A 715 10.37 15.64 17.87
C ARG A 715 11.82 15.29 17.59
N THR A 716 12.76 15.86 18.34
CA THR A 716 14.17 15.60 18.13
C THR A 716 14.73 14.70 19.23
N PRO A 717 15.69 13.83 18.91
CA PRO A 717 16.34 13.02 19.96
C PRO A 717 17.37 13.78 20.78
N ARG A 718 17.61 15.05 20.49
CA ARG A 718 18.56 15.85 21.25
C ARG A 718 17.99 16.33 22.57
N SER A 719 16.71 16.08 22.85
CA SER A 719 16.06 16.52 24.06
C SER A 719 15.67 15.33 24.93
N ASN A 720 15.71 15.54 26.24
CA ASN A 720 15.37 14.53 27.24
C ASN A 720 14.42 15.13 28.26
N PRO A 721 13.63 14.30 28.93
CA PRO A 721 12.74 14.83 29.98
C PRO A 721 13.48 15.53 31.09
N ALA A 722 14.69 15.08 31.42
CA ALA A 722 15.50 15.79 32.41
C ALA A 722 15.84 17.18 31.94
N THR A 723 16.17 17.33 30.65
CA THR A 723 16.41 18.65 30.08
C THR A 723 15.14 19.49 30.09
N TYR A 724 13.99 18.87 29.79
CA TYR A 724 12.74 19.61 29.79
C TYR A 724 12.41 20.14 31.18
N THR A 725 12.61 19.32 32.21
CA THR A 725 12.34 19.75 33.56
C THR A 725 13.44 20.63 34.13
N GLY A 726 14.61 20.63 33.51
CA GLY A 726 15.71 21.46 33.95
C GLY A 726 16.55 20.89 35.06
N VAL A 727 16.27 19.66 35.51
CA VAL A 727 17.09 19.06 36.56
C VAL A 727 18.51 18.81 36.08
N PHE A 728 18.69 18.63 34.77
CA PHE A 728 20.03 18.40 34.24
C PHE A 728 20.96 19.58 34.50
N ASP A 729 20.42 20.80 34.48
CA ASP A 729 21.24 21.97 34.79
C ASP A 729 21.75 21.93 36.22
N PHE A 730 20.87 21.60 37.17
CA PHE A 730 21.29 21.48 38.56
C PHE A 730 22.29 20.36 38.75
N ILE A 731 22.08 19.23 38.05
CA ILE A 731 23.02 18.13 38.13
C ILE A 731 24.40 18.55 37.61
N ARG A 732 24.41 19.29 36.49
CA ARG A 732 25.67 19.76 35.94
C ARG A 732 26.36 20.73 36.89
N GLU A 733 25.59 21.62 37.53
CA GLU A 733 26.17 22.53 38.50
C GLU A 733 26.77 21.77 39.68
N ILE A 734 26.06 20.76 40.17
CA ILE A 734 26.56 19.97 41.29
C ILE A 734 27.85 19.24 40.89
N PHE A 735 27.88 18.69 39.68
CA PHE A 735 29.09 18.03 39.20
C PHE A 735 30.24 19.02 39.07
N ALA A 736 29.95 20.24 38.60
CA ALA A 736 30.99 21.25 38.50
C ALA A 736 31.51 21.68 39.87
N ASN A 737 30.66 21.64 40.89
CA ASN A 737 31.09 21.99 42.24
C ASN A 737 32.02 20.95 42.85
N THR A 738 32.18 19.79 42.22
CA THR A 738 33.03 18.75 42.77
C THR A 738 34.49 19.19 42.80
N THR A 739 35.20 18.78 43.85
CA THR A 739 36.61 19.13 43.98
C THR A 739 37.44 18.48 42.87
N GLU A 740 37.13 17.24 42.52
CA GLU A 740 37.85 16.57 41.43
C GLU A 740 37.64 17.29 40.12
N ALA A 741 36.40 17.75 39.86
CA ALA A 741 36.14 18.50 38.64
C ALA A 741 36.91 19.82 38.63
N LYS A 742 36.98 20.49 39.77
CA LYS A 742 37.75 21.73 39.85
C LYS A 742 39.24 21.48 39.60
N THR A 743 39.77 20.38 40.15
CA THR A 743 41.16 20.02 39.90
C THR A 743 41.40 19.73 38.42
N ARG A 744 40.47 19.00 37.79
CA ARG A 744 40.60 18.72 36.36
C ARG A 744 40.33 19.95 35.50
N GLY A 745 39.71 20.99 36.05
CA GLY A 745 39.43 22.19 35.31
C GLY A 745 38.32 22.07 34.29
N TYR A 746 37.50 21.02 34.37
CA TYR A 746 36.43 20.84 33.41
C TYR A 746 35.35 21.89 33.62
N LYS A 747 34.88 22.49 32.53
CA LYS A 747 33.82 23.47 32.62
C LYS A 747 32.48 22.81 32.91
N ALA A 748 31.56 23.59 33.46
CA ALA A 748 30.22 23.06 33.76
C ALA A 748 29.50 22.64 32.49
N GLY A 749 29.80 23.29 31.36
CA GLY A 749 29.17 22.92 30.11
C GLY A 749 29.61 21.56 29.58
N ARG A 750 30.79 21.09 29.99
CA ARG A 750 31.26 19.79 29.52
C ARG A 750 30.36 18.66 29.99
N PHE A 751 29.70 18.83 31.13
CA PHE A 751 28.76 17.84 31.63
C PHE A 751 27.39 18.01 30.94
N SER A 752 27.41 17.95 29.62
CA SER A 752 26.20 18.09 28.82
C SER A 752 26.46 17.51 27.44
N PHE A 753 25.58 16.64 26.98
CA PHE A 753 25.78 15.96 25.70
C PHE A 753 25.35 16.81 24.52
N ASN A 754 24.59 17.90 24.74
CA ASN A 754 24.01 18.63 23.62
C ASN A 754 25.07 19.35 22.79
N VAL A 755 26.21 19.68 23.38
CA VAL A 755 27.22 20.47 22.70
C VAL A 755 28.54 19.73 22.71
N LYS A 756 29.39 20.06 21.73
CA LYS A 756 30.70 19.45 21.63
C LYS A 756 31.60 19.88 22.79
N GLY A 757 32.61 19.07 23.05
CA GLY A 757 33.53 19.32 24.15
C GLY A 757 33.71 18.08 25.01
N GLY A 758 32.64 17.33 25.19
CA GLY A 758 32.69 16.08 25.93
C GLY A 758 31.95 14.96 25.24
N ARG A 759 31.20 15.28 24.19
CA ARG A 759 30.41 14.29 23.48
C ARG A 759 31.30 13.39 22.61
N CYS A 760 30.79 12.20 22.33
CA CYS A 760 31.49 11.26 21.47
C CYS A 760 31.44 11.74 20.02
N GLU A 761 32.62 12.06 19.47
CA GLU A 761 32.68 12.60 18.11
C GLU A 761 32.29 11.58 17.06
N ALA A 762 32.32 10.29 17.38
CA ALA A 762 31.98 9.26 16.41
C ALA A 762 30.52 9.35 15.99
N CYS A 763 29.61 9.45 16.95
CA CYS A 763 28.18 9.56 16.69
C CYS A 763 27.65 10.96 16.94
N ALA A 764 28.52 11.92 17.26
CA ALA A 764 28.13 13.29 17.58
C ALA A 764 27.14 13.33 18.73
N GLY A 765 27.21 12.34 19.62
CA GLY A 765 26.31 12.23 20.75
C GLY A 765 24.97 11.60 20.45
N ASP A 766 24.70 11.25 19.19
CA ASP A 766 23.42 10.63 18.86
C ASP A 766 23.29 9.24 19.45
N GLY A 767 24.40 8.51 19.54
CA GLY A 767 24.37 7.15 20.06
C GLY A 767 24.02 6.08 19.06
N ILE A 768 23.75 6.45 17.81
CA ILE A 768 23.39 5.49 16.77
C ILE A 768 24.22 5.79 15.53
N ASN A 769 24.35 4.79 14.67
CA ASN A 769 25.08 4.90 13.42
C ASN A 769 24.19 4.44 12.28
N LYS A 770 24.38 5.05 11.11
CA LYS A 770 23.59 4.75 9.93
C LYS A 770 24.40 3.88 8.97
N ILE A 771 23.83 2.75 8.58
CA ILE A 771 24.46 1.83 7.65
C ILE A 771 23.53 1.67 6.45
N GLU A 772 24.09 1.81 5.26
CA GLU A 772 23.31 1.78 4.02
C GLU A 772 23.64 0.52 3.22
N MET A 773 22.61 -0.14 2.73
CA MET A 773 22.75 -1.32 1.88
C MET A 773 22.13 -1.02 0.52
N HIS A 774 22.60 -1.74 -0.50
CA HIS A 774 22.14 -1.49 -1.87
C HIS A 774 20.65 -1.78 -2.01
N PHE A 775 20.17 -2.87 -1.43
CA PHE A 775 18.78 -3.28 -1.59
C PHE A 775 18.00 -3.20 -0.28
N LEU A 776 18.52 -2.49 0.72
CA LEU A 776 17.85 -2.37 1.99
C LEU A 776 17.81 -0.91 2.42
N PRO A 777 16.79 -0.52 3.18
CA PRO A 777 16.72 0.87 3.67
C PRO A 777 17.76 1.18 4.73
N ASP A 778 17.74 2.40 5.26
CA ASP A 778 18.69 2.79 6.29
C ASP A 778 18.50 1.96 7.55
N ILE A 779 19.61 1.57 8.18
CA ILE A 779 19.60 0.75 9.38
C ILE A 779 20.34 1.48 10.48
N TYR A 780 19.75 1.51 11.68
CA TYR A 780 20.31 2.18 12.84
C TYR A 780 20.84 1.14 13.81
N VAL A 781 22.10 1.32 14.23
CA VAL A 781 22.73 0.41 15.18
C VAL A 781 23.42 1.23 16.26
N PRO A 782 23.55 0.71 17.49
CA PRO A 782 24.24 1.46 18.54
C PRO A 782 25.69 1.76 18.17
N CYS A 783 26.15 2.94 18.56
CA CYS A 783 27.51 3.36 18.26
C CYS A 783 28.49 2.58 19.13
N GLU A 784 29.46 1.93 18.48
CA GLU A 784 30.39 1.07 19.20
C GLU A 784 31.46 1.86 19.95
N VAL A 785 31.82 3.05 19.45
CA VAL A 785 32.90 3.81 20.06
C VAL A 785 32.56 4.21 21.49
N CYS A 786 31.33 4.68 21.71
CA CYS A 786 30.88 5.11 23.02
C CYS A 786 29.87 4.17 23.66
N LYS A 787 29.46 3.11 22.95
CA LYS A 787 28.60 2.06 23.50
C LYS A 787 27.28 2.62 24.04
N GLY A 788 26.80 3.71 23.45
CA GLY A 788 25.56 4.32 23.86
C GLY A 788 25.64 5.19 25.09
N LYS A 789 26.82 5.35 25.68
CA LYS A 789 26.97 6.22 26.85
C LYS A 789 26.93 7.69 26.48
N ARG A 790 27.25 8.04 25.23
CA ARG A 790 27.17 9.41 24.74
C ARG A 790 28.03 10.36 25.57
N TYR A 791 29.21 9.89 25.96
CA TYR A 791 30.15 10.69 26.73
C TYR A 791 31.56 10.22 26.44
N ASN A 792 32.50 11.16 26.44
CA ASN A 792 33.91 10.82 26.25
C ASN A 792 34.42 10.05 27.46
N ARG A 793 35.40 9.18 27.21
CA ARG A 793 35.94 8.35 28.30
C ARG A 793 36.58 9.20 29.38
N GLU A 794 37.37 10.21 28.97
CA GLU A 794 37.98 11.10 29.95
C GLU A 794 36.94 11.87 30.74
N THR A 795 35.90 12.36 30.07
CA THR A 795 34.82 13.05 30.78
C THR A 795 34.07 12.09 31.70
N LEU A 796 33.79 10.88 31.22
CA LEU A 796 33.07 9.89 32.00
C LEU A 796 33.89 9.35 33.16
N GLU A 797 35.20 9.58 33.18
CA GLU A 797 36.04 9.08 34.25
C GLU A 797 35.71 9.71 35.60
N VAL A 798 35.07 10.88 35.61
CA VAL A 798 34.77 11.55 36.87
C VAL A 798 33.68 10.78 37.60
N ARG A 799 33.79 10.75 38.94
CA ARG A 799 32.79 10.09 39.78
C ARG A 799 32.46 10.99 40.95
N TYR A 800 31.16 11.18 41.19
CA TYR A 800 30.68 12.02 42.29
C TYR A 800 29.68 11.19 43.10
N LYS A 801 29.98 11.05 44.40
CA LYS A 801 29.11 10.30 45.32
C LYS A 801 28.86 8.87 44.81
N GLY A 802 29.88 8.27 44.23
CA GLY A 802 29.73 6.92 43.70
C GLY A 802 28.92 6.81 42.43
N LYS A 803 28.73 7.90 41.70
CA LYS A 803 27.95 7.87 40.47
C LYS A 803 28.56 8.82 39.46
N ASN A 804 28.28 8.56 38.19
CA ASN A 804 28.78 9.37 37.09
C ASN A 804 27.65 10.09 36.39
N ILE A 805 28.01 11.03 35.51
CA ILE A 805 27.01 11.77 34.76
C ILE A 805 26.20 10.84 33.86
N ALA A 806 26.88 9.91 33.19
CA ALA A 806 26.18 8.93 32.37
C ALA A 806 25.27 8.05 33.22
N GLU A 807 25.74 7.63 34.39
CA GLU A 807 24.91 6.82 35.27
C GLU A 807 23.68 7.61 35.73
N VAL A 808 23.85 8.89 36.04
CA VAL A 808 22.72 9.72 36.43
C VAL A 808 21.73 9.86 35.28
N LEU A 809 22.24 10.06 34.06
CA LEU A 809 21.35 10.16 32.90
C LEU A 809 20.60 8.88 32.65
N ASP A 810 21.23 7.73 32.93
CA ASP A 810 20.57 6.43 32.77
C ASP A 810 19.88 5.96 34.04
N MET A 811 19.89 6.76 35.10
CA MET A 811 19.28 6.37 36.36
C MET A 811 17.75 6.39 36.27
N THR A 812 17.12 5.90 37.32
CA THR A 812 15.67 5.85 37.42
C THR A 812 15.19 6.93 38.38
N VAL A 813 14.03 7.53 38.07
CA VAL A 813 13.50 8.61 38.90
C VAL A 813 13.21 8.12 40.31
N GLU A 814 12.67 6.90 40.44
CA GLU A 814 12.42 6.34 41.76
C GLU A 814 13.70 6.20 42.57
N GLU A 815 14.80 5.82 41.92
CA GLU A 815 16.09 5.80 42.61
C GLU A 815 16.63 7.20 42.81
N ALA A 816 16.35 8.11 41.88
CA ALA A 816 16.87 9.47 41.97
C ALA A 816 16.31 10.21 43.17
N LEU A 817 15.02 9.99 43.47
CA LEU A 817 14.40 10.69 44.59
C LEU A 817 15.07 10.34 45.90
N GLU A 818 15.44 9.08 46.09
CA GLU A 818 16.19 8.69 47.28
C GLU A 818 17.66 9.10 47.19
N PHE A 819 18.18 9.21 45.96
CA PHE A 819 19.60 9.53 45.79
C PHE A 819 19.89 10.95 46.26
N PHE A 820 19.12 11.92 45.79
CA PHE A 820 19.42 13.33 46.05
C PHE A 820 18.62 13.81 47.27
N LYS A 821 18.97 13.26 48.43
CA LYS A 821 18.34 13.66 49.67
C LYS A 821 18.98 14.90 50.29
N ASN A 822 20.13 15.34 49.77
CA ASN A 822 20.84 16.50 50.32
C ASN A 822 21.03 17.59 49.27
N ILE A 823 20.16 17.62 48.26
CA ILE A 823 20.24 18.63 47.22
C ILE A 823 18.87 19.29 47.07
N PRO A 824 18.50 20.23 47.94
CA PRO A 824 17.12 20.76 47.91
C PRO A 824 16.73 21.40 46.60
N ARG A 825 17.68 22.06 45.93
CA ARG A 825 17.37 22.72 44.66
C ARG A 825 16.89 21.71 43.62
N ILE A 826 17.62 20.61 43.48
CA ILE A 826 17.18 19.54 42.60
C ILE A 826 15.97 18.82 43.20
N HIS A 827 16.00 18.61 44.52
CA HIS A 827 14.94 17.84 45.18
C HIS A 827 13.56 18.40 44.93
N LYS A 828 13.42 19.73 44.90
CA LYS A 828 12.08 20.28 44.73
C LYS A 828 11.48 19.89 43.37
N LYS A 829 12.31 19.91 42.31
CA LYS A 829 11.83 19.40 41.03
C LYS A 829 11.70 17.89 41.04
N ILE A 830 12.50 17.19 41.85
CA ILE A 830 12.42 15.75 41.88
C ILE A 830 11.07 15.32 42.45
N GLU A 831 10.70 15.92 43.58
CA GLU A 831 9.42 15.60 44.18
C GLU A 831 8.26 16.16 43.38
N THR A 832 8.49 17.20 42.59
CA THR A 832 7.45 17.65 41.66
C THR A 832 7.18 16.57 40.61
N LEU A 833 8.26 16.04 40.02
CA LEU A 833 8.12 14.95 39.05
C LEU A 833 7.50 13.73 39.68
N TYR A 834 7.87 13.43 40.93
CA TYR A 834 7.28 12.28 41.62
C TYR A 834 5.79 12.48 41.84
N ASP A 835 5.38 13.67 42.25
CA ASP A 835 3.97 13.95 42.44
C ASP A 835 3.22 13.99 41.10
N VAL A 836 3.94 14.18 40.00
CA VAL A 836 3.34 14.07 38.68
C VAL A 836 2.87 12.65 38.37
N GLY A 837 3.17 11.69 39.24
CA GLY A 837 2.74 10.32 39.01
C GLY A 837 3.41 9.64 37.84
N LEU A 838 4.69 9.91 37.62
CA LEU A 838 5.42 9.30 36.51
C LEU A 838 6.82 8.87 36.93
N GLY A 839 6.97 8.44 38.19
CA GLY A 839 8.27 8.02 38.68
C GLY A 839 8.85 6.82 37.96
N TYR A 840 7.98 5.98 37.38
CA TYR A 840 8.46 4.82 36.63
C TYR A 840 9.17 5.22 35.35
N ILE A 841 8.90 6.42 34.82
CA ILE A 841 9.53 6.83 33.57
C ILE A 841 11.02 7.03 33.78
N LYS A 842 11.80 6.68 32.75
CA LYS A 842 13.24 6.85 32.83
C LYS A 842 13.61 8.32 32.82
N LEU A 843 14.68 8.66 33.56
CA LEU A 843 15.11 10.05 33.63
C LEU A 843 15.73 10.53 32.31
N GLY A 844 16.14 9.61 31.45
CA GLY A 844 16.75 9.99 30.19
C GLY A 844 16.16 9.28 28.98
N GLN A 845 14.87 8.95 29.05
CA GLN A 845 14.21 8.27 27.95
C GLN A 845 14.14 9.18 26.73
N SER A 846 14.14 8.56 25.55
CA SER A 846 14.07 9.32 24.31
C SER A 846 12.79 10.13 24.24
N SER A 847 12.90 11.35 23.71
CA SER A 847 11.73 12.22 23.63
C SER A 847 10.65 11.63 22.73
N THR A 848 11.04 11.07 21.59
CA THR A 848 10.06 10.45 20.70
C THR A 848 9.43 9.22 21.34
N THR A 849 10.15 8.54 22.23
CA THR A 849 9.60 7.36 22.89
C THR A 849 8.50 7.70 23.88
N LEU A 850 8.39 8.97 24.29
CA LEU A 850 7.36 9.37 25.24
C LEU A 850 5.98 9.24 24.61
N SER A 851 5.00 8.85 25.41
CA SER A 851 3.63 8.69 24.97
C SER A 851 2.84 9.94 25.31
N GLY A 852 1.57 9.96 24.88
CA GLY A 852 0.72 11.11 25.14
C GLY A 852 0.52 11.35 26.63
N GLY A 853 0.26 10.28 27.39
CA GLY A 853 0.13 10.43 28.83
C GLY A 853 1.42 10.90 29.48
N GLU A 854 2.55 10.37 29.03
CA GLU A 854 3.83 10.81 29.58
C GLU A 854 4.07 12.28 29.28
N ALA A 855 3.76 12.72 28.05
CA ALA A 855 3.94 14.12 27.70
C ALA A 855 3.03 15.01 28.53
N GLN A 856 1.78 14.58 28.74
CA GLN A 856 0.87 15.36 29.57
C GLN A 856 1.39 15.46 31.00
N ARG A 857 1.89 14.34 31.54
CA ARG A 857 2.44 14.37 32.89
C ARG A 857 3.64 15.31 32.97
N VAL A 858 4.50 15.28 31.95
CA VAL A 858 5.66 16.16 31.93
C VAL A 858 5.24 17.63 31.90
N LYS A 859 4.24 17.95 31.07
CA LYS A 859 3.78 19.33 30.97
C LYS A 859 3.16 19.80 32.28
N LEU A 860 2.33 18.96 32.91
CA LEU A 860 1.74 19.34 34.19
C LEU A 860 2.81 19.48 35.27
N ALA A 861 3.83 18.62 35.27
CA ALA A 861 4.91 18.76 36.23
C ALA A 861 5.65 20.08 36.03
N THR A 862 5.91 20.43 34.77
CA THR A 862 6.58 21.70 34.49
C THR A 862 5.73 22.87 34.95
N GLU A 863 4.41 22.79 34.74
CA GLU A 863 3.52 23.85 35.20
C GLU A 863 3.54 23.95 36.72
N LEU A 864 3.54 22.82 37.41
CA LEU A 864 3.57 22.84 38.87
C LEU A 864 4.88 23.43 39.39
N SER A 865 5.99 23.10 38.74
CA SER A 865 7.28 23.61 39.17
C SER A 865 7.42 25.12 38.94
N ARG A 866 6.54 25.72 38.15
CA ARG A 866 6.62 27.14 37.88
C ARG A 866 6.35 27.94 39.16
N LYS A 867 7.02 29.08 39.27
CA LYS A 867 6.85 29.94 40.44
C LYS A 867 5.43 30.50 40.50
N SER A 868 4.95 30.73 41.71
CA SER A 868 3.60 31.24 41.91
C SER A 868 3.48 32.65 41.34
N THR A 869 2.40 32.89 40.63
CA THR A 869 2.11 34.21 40.07
C THR A 869 0.73 34.72 40.45
N GLY A 870 -0.26 33.85 40.54
CA GLY A 870 -1.60 34.24 40.94
C GLY A 870 -2.44 34.87 39.85
N LYS A 871 -1.93 34.96 38.63
CA LYS A 871 -2.66 35.54 37.51
C LYS A 871 -2.50 34.70 36.26
N THR A 872 -2.52 33.38 36.42
CA THR A 872 -2.34 32.44 35.32
C THR A 872 -3.57 31.56 35.18
N MET A 873 -3.80 31.09 33.95
CA MET A 873 -4.91 30.21 33.65
C MET A 873 -4.43 29.02 32.83
N TYR A 874 -5.07 27.88 33.06
CA TYR A 874 -4.72 26.65 32.37
C TYR A 874 -5.94 26.06 31.69
N ILE A 875 -5.75 25.52 30.49
CA ILE A 875 -6.81 24.87 29.74
C ILE A 875 -6.35 23.45 29.40
N LEU A 876 -7.10 22.46 29.86
CA LEU A 876 -6.80 21.06 29.60
C LEU A 876 -7.87 20.46 28.71
N ASP A 877 -7.45 19.84 27.61
CA ASP A 877 -8.36 19.26 26.63
C ASP A 877 -8.48 17.76 26.91
N GLU A 878 -9.61 17.35 27.48
CA GLU A 878 -9.90 15.96 27.79
C GLU A 878 -8.76 15.26 28.53
N PRO A 879 -8.38 15.73 29.73
CA PRO A 879 -7.31 15.06 30.46
C PRO A 879 -7.65 13.64 30.89
N THR A 880 -8.94 13.30 30.95
CA THR A 880 -9.34 11.95 31.36
C THR A 880 -8.96 10.89 30.33
N THR A 881 -8.65 11.28 29.10
CA THR A 881 -8.29 10.32 28.07
C THR A 881 -7.02 9.57 28.46
N GLY A 882 -7.07 8.25 28.32
CA GLY A 882 -5.92 7.41 28.65
C GLY A 882 -5.49 7.54 30.10
N LEU A 883 -6.36 7.13 31.02
CA LEU A 883 -6.04 7.21 32.44
C LEU A 883 -6.93 6.26 33.22
N HIS A 884 -6.32 5.54 34.17
CA HIS A 884 -7.07 4.66 35.06
C HIS A 884 -7.79 5.49 36.11
N MET A 885 -8.65 4.83 36.89
CA MET A 885 -9.40 5.51 37.93
C MET A 885 -8.46 6.12 38.97
N ALA A 886 -7.42 5.39 39.36
CA ALA A 886 -6.40 5.96 40.24
C ALA A 886 -5.66 7.11 39.56
N ASP A 887 -5.37 6.97 38.27
CA ASP A 887 -4.76 8.08 37.54
C ASP A 887 -5.68 9.29 37.51
N VAL A 888 -6.99 9.06 37.35
CA VAL A 888 -7.95 10.16 37.39
C VAL A 888 -7.93 10.83 38.76
N HIS A 889 -7.84 10.02 39.82
CA HIS A 889 -7.77 10.58 41.17
C HIS A 889 -6.52 11.43 41.34
N ARG A 890 -5.39 10.94 40.85
CA ARG A 890 -4.15 11.71 40.95
C ARG A 890 -4.25 13.01 40.16
N LEU A 891 -4.82 12.96 38.96
CA LEU A 891 -5.01 14.16 38.17
C LEU A 891 -5.92 15.15 38.86
N VAL A 892 -6.99 14.67 39.49
CA VAL A 892 -7.89 15.55 40.21
C VAL A 892 -7.17 16.21 41.38
N GLY A 893 -6.38 15.44 42.12
CA GLY A 893 -5.61 16.02 43.21
C GLY A 893 -4.61 17.07 42.74
N ILE A 894 -3.96 16.80 41.61
CA ILE A 894 -3.04 17.77 41.03
C ILE A 894 -3.79 19.04 40.64
N LEU A 895 -4.98 18.88 40.07
CA LEU A 895 -5.77 20.05 39.69
C LEU A 895 -6.17 20.88 40.92
N HIS A 896 -6.58 20.21 41.99
CA HIS A 896 -6.93 20.95 43.21
C HIS A 896 -5.72 21.66 43.80
N ARG A 897 -4.55 21.00 43.79
CA ARG A 897 -3.37 21.67 44.34
C ARG A 897 -2.95 22.85 43.46
N LEU A 898 -3.11 22.73 42.14
CA LEU A 898 -2.81 23.85 41.26
C LEU A 898 -3.78 25.00 41.49
N VAL A 899 -5.06 24.70 41.71
CA VAL A 899 -6.03 25.75 42.01
C VAL A 899 -5.69 26.43 43.33
N GLU A 900 -5.34 25.63 44.34
CA GLU A 900 -4.96 26.19 45.63
C GLU A 900 -3.66 26.99 45.56
N ALA A 901 -2.84 26.74 44.54
CA ALA A 901 -1.63 27.53 44.37
C ALA A 901 -1.96 29.00 44.15
N GLY A 902 -2.99 29.28 43.35
CA GLY A 902 -3.42 30.64 43.11
C GLY A 902 -3.74 30.95 41.67
N ASN A 903 -3.66 29.94 40.81
CA ASN A 903 -3.96 30.12 39.39
C ASN A 903 -5.42 29.78 39.12
N SER A 904 -5.78 29.70 37.85
CA SER A 904 -7.13 29.36 37.41
C SER A 904 -7.09 28.10 36.55
N VAL A 905 -8.16 27.32 36.61
CA VAL A 905 -8.26 26.05 35.89
C VAL A 905 -9.55 26.04 35.09
N VAL A 906 -9.44 25.77 33.80
CA VAL A 906 -10.58 25.61 32.90
C VAL A 906 -10.51 24.20 32.32
N VAL A 907 -11.58 23.43 32.53
CA VAL A 907 -11.63 22.03 32.12
C VAL A 907 -12.88 21.81 31.28
N ILE A 908 -12.72 21.14 30.15
CA ILE A 908 -13.84 20.77 29.28
C ILE A 908 -13.70 19.26 29.03
N GLU A 909 -14.36 18.46 29.85
CA GLU A 909 -14.27 17.01 29.74
C GLU A 909 -15.67 16.43 29.97
N HIS A 910 -15.74 15.11 30.11
CA HIS A 910 -17.01 14.44 30.33
C HIS A 910 -16.93 13.36 31.40
N ASN A 911 -15.80 13.22 32.10
CA ASN A 911 -15.68 12.21 33.13
C ASN A 911 -16.59 12.54 34.31
N LEU A 912 -17.26 11.51 34.82
CA LEU A 912 -18.18 11.71 35.95
C LEU A 912 -17.43 12.15 37.20
N ASP A 913 -16.28 11.54 37.48
CA ASP A 913 -15.51 11.90 38.65
C ASP A 913 -15.01 13.34 38.55
N VAL A 914 -14.56 13.74 37.37
CA VAL A 914 -14.08 15.11 37.18
C VAL A 914 -15.21 16.10 37.40
N ILE A 915 -16.41 15.79 36.88
CA ILE A 915 -17.55 16.67 37.08
C ILE A 915 -17.91 16.75 38.55
N LYS A 916 -17.85 15.61 39.26
CA LYS A 916 -18.16 15.62 40.68
C LYS A 916 -17.15 16.46 41.45
N THR A 917 -15.87 16.38 41.11
CA THR A 917 -14.86 17.15 41.80
C THR A 917 -14.90 18.63 41.44
N ALA A 918 -15.67 19.02 40.44
CA ALA A 918 -15.73 20.42 40.04
C ALA A 918 -16.47 21.25 41.08
N ASP A 919 -16.23 22.56 41.03
CA ASP A 919 -16.86 23.51 41.94
C ASP A 919 -17.87 24.43 41.26
N TYR A 920 -17.81 24.59 39.94
CA TYR A 920 -18.76 25.42 39.21
C TYR A 920 -18.93 24.83 37.83
N ILE A 921 -20.14 24.35 37.53
CA ILE A 921 -20.43 23.66 36.28
C ILE A 921 -21.12 24.64 35.33
N ILE A 922 -20.63 24.70 34.09
CA ILE A 922 -21.21 25.52 33.04
C ILE A 922 -21.88 24.58 32.05
N ASP A 923 -23.15 24.82 31.77
CA ASP A 923 -23.96 23.95 30.91
C ASP A 923 -24.35 24.70 29.64
N LEU A 924 -24.09 24.07 28.50
CA LEU A 924 -24.46 24.62 27.20
C LEU A 924 -25.23 23.56 26.42
N GLY A 925 -26.41 23.92 25.93
CA GLY A 925 -27.24 23.01 25.18
C GLY A 925 -28.39 23.71 24.48
N PRO A 926 -29.56 23.07 24.47
CA PRO A 926 -29.88 21.77 25.06
C PRO A 926 -29.61 20.61 24.11
N GLU A 927 -29.17 20.89 22.89
CA GLU A 927 -28.91 19.85 21.91
C GLU A 927 -27.66 20.22 21.11
N GLY A 928 -27.05 19.20 20.49
CA GLY A 928 -25.86 19.44 19.70
C GLY A 928 -26.18 20.03 18.35
N GLY A 929 -25.15 20.59 17.72
CA GLY A 929 -25.30 21.16 16.40
C GLY A 929 -26.26 22.35 16.41
N SER A 930 -27.20 22.34 15.47
CA SER A 930 -28.16 23.42 15.34
C SER A 930 -29.14 23.49 16.52
N GLY A 931 -29.20 22.46 17.34
CA GLY A 931 -30.10 22.41 18.47
C GLY A 931 -29.58 23.05 19.74
N GLY A 932 -28.48 23.80 19.67
CA GLY A 932 -27.90 24.43 20.83
C GLY A 932 -27.73 25.92 20.62
N GLY A 933 -26.57 26.44 21.03
CA GLY A 933 -26.27 27.84 20.91
C GLY A 933 -26.75 28.70 22.06
N LEU A 934 -27.33 28.10 23.10
CA LEU A 934 -27.82 28.83 24.25
C LEU A 934 -27.31 28.16 25.52
N VAL A 935 -26.94 28.99 26.51
CA VAL A 935 -26.45 28.47 27.78
C VAL A 935 -27.59 27.76 28.49
N VAL A 936 -27.42 26.45 28.73
CA VAL A 936 -28.48 25.66 29.34
C VAL A 936 -28.75 26.12 30.76
N ALA A 937 -27.72 26.23 31.58
CA ALA A 937 -27.86 26.60 32.98
C ALA A 937 -26.48 26.91 33.54
N GLU A 938 -26.45 27.31 34.81
CA GLU A 938 -25.20 27.61 35.51
C GLU A 938 -25.48 27.58 37.00
N GLY A 939 -24.41 27.54 37.78
CA GLY A 939 -24.51 27.56 39.22
C GLY A 939 -23.67 26.48 39.86
N THR A 940 -23.82 26.34 41.17
CA THR A 940 -23.10 25.32 41.90
C THR A 940 -23.60 23.93 41.49
N PRO A 941 -22.75 22.90 41.61
CA PRO A 941 -23.19 21.55 41.22
C PRO A 941 -24.45 21.08 41.92
N GLU A 942 -24.59 21.38 43.23
CA GLU A 942 -25.81 21.02 43.94
C GLU A 942 -27.02 21.75 43.37
N GLU A 943 -26.87 23.04 43.06
CA GLU A 943 -27.98 23.77 42.45
C GLU A 943 -28.24 23.30 41.03
N VAL A 944 -27.17 22.96 40.30
CA VAL A 944 -27.33 22.50 38.91
C VAL A 944 -28.08 21.17 38.87
N ALA A 945 -27.84 20.30 39.86
CA ALA A 945 -28.55 19.03 39.89
C ALA A 945 -30.05 19.22 40.06
N LYS A 946 -30.47 20.34 40.67
CA LYS A 946 -31.88 20.62 40.84
C LYS A 946 -32.58 20.97 39.54
N VAL A 947 -31.83 21.24 38.48
CA VAL A 947 -32.42 21.59 37.19
C VAL A 947 -32.91 20.33 36.51
N GLU A 948 -34.20 20.27 36.19
CA GLU A 948 -34.78 19.10 35.58
C GLU A 948 -34.43 18.98 34.10
N ASN A 949 -34.31 20.10 33.39
CA ASN A 949 -34.08 20.10 31.95
C ASN A 949 -32.59 20.20 31.63
N SER A 950 -31.87 19.15 32.03
CA SER A 950 -30.44 19.08 31.74
C SER A 950 -29.99 17.64 31.91
N TYR A 951 -29.45 17.05 30.84
CA TYR A 951 -28.91 15.69 30.94
C TYR A 951 -27.72 15.65 31.89
N THR A 952 -26.83 16.65 31.80
CA THR A 952 -25.69 16.71 32.71
C THR A 952 -26.14 16.88 34.15
N GLY A 953 -27.18 17.69 34.37
CA GLY A 953 -27.70 17.84 35.71
C GLY A 953 -28.27 16.54 36.28
N GLN A 954 -28.99 15.79 35.44
CA GLN A 954 -29.52 14.51 35.88
C GLN A 954 -28.40 13.52 36.18
N PHE A 955 -27.36 13.51 35.35
CA PHE A 955 -26.23 12.62 35.59
C PHE A 955 -25.52 13.00 36.89
N LEU A 956 -25.35 14.29 37.14
CA LEU A 956 -24.71 14.73 38.39
C LEU A 956 -25.57 14.37 39.60
N LYS A 957 -26.89 14.53 39.49
CA LYS A 957 -27.77 14.17 40.60
C LYS A 957 -27.70 12.67 40.87
N LYS A 958 -27.66 11.85 39.81
CA LYS A 958 -27.51 10.42 39.99
C LYS A 958 -26.18 10.07 40.65
N VAL A 959 -25.11 10.76 40.24
CA VAL A 959 -23.81 10.50 40.85
C VAL A 959 -23.81 10.91 42.32
N LEU A 960 -24.37 12.07 42.62
CA LEU A 960 -24.42 12.56 44.00
C LEU A 960 -25.57 11.90 44.76
N ASP B 24 -23.68 -16.61 6.26
CA ASP B 24 -22.98 -17.86 6.03
C ASP B 24 -22.97 -18.19 4.54
N TYR B 25 -23.31 -17.21 3.72
CA TYR B 25 -23.34 -17.37 2.27
C TYR B 25 -22.68 -16.17 1.61
N ILE B 26 -22.13 -16.39 0.42
CA ILE B 26 -21.60 -15.33 -0.42
C ILE B 26 -22.67 -15.01 -1.45
N VAL B 27 -23.43 -13.94 -1.20
CA VAL B 27 -24.58 -13.58 -2.01
C VAL B 27 -24.21 -12.38 -2.87
N VAL B 28 -24.43 -12.49 -4.18
CA VAL B 28 -24.18 -11.40 -5.11
C VAL B 28 -25.40 -11.24 -6.00
N LYS B 29 -25.79 -9.99 -6.25
CA LYS B 29 -26.93 -9.69 -7.09
C LYS B 29 -26.63 -8.47 -7.95
N GLY B 30 -27.24 -8.44 -9.13
CA GLY B 30 -27.09 -7.30 -10.03
C GLY B 30 -25.68 -7.07 -10.52
N ALA B 31 -24.95 -8.14 -10.84
CA ALA B 31 -23.60 -8.01 -11.35
C ALA B 31 -23.63 -7.78 -12.85
N ARG B 32 -22.91 -6.76 -13.31
CA ARG B 32 -22.90 -6.40 -14.73
C ARG B 32 -21.48 -6.15 -15.20
N GLU B 33 -20.52 -6.93 -14.71
CA GLU B 33 -19.13 -6.78 -15.13
C GLU B 33 -18.92 -7.48 -16.46
N HIS B 34 -18.38 -6.74 -17.43
CA HIS B 34 -18.12 -7.25 -18.78
C HIS B 34 -19.36 -7.89 -19.39
N ASN B 35 -19.45 -9.22 -19.35
CA ASN B 35 -20.55 -9.96 -19.95
C ASN B 35 -21.50 -10.53 -18.90
N LEU B 36 -21.48 -9.99 -17.69
CA LEU B 36 -22.39 -10.44 -16.63
C LEU B 36 -23.79 -9.93 -16.91
N LYS B 37 -24.66 -10.82 -17.39
CA LYS B 37 -26.03 -10.45 -17.74
C LYS B 37 -26.93 -10.46 -16.50
N ASN B 38 -26.56 -9.62 -15.54
CA ASN B 38 -27.27 -9.48 -14.27
C ASN B 38 -27.43 -10.83 -13.57
N ILE B 39 -26.37 -11.65 -13.64
CA ILE B 39 -26.41 -12.97 -13.05
C ILE B 39 -26.28 -12.88 -11.53
N ASP B 40 -26.79 -13.91 -10.85
CA ASP B 40 -26.70 -13.99 -9.40
C ASP B 40 -26.57 -15.45 -9.00
N VAL B 41 -25.96 -15.68 -7.83
CA VAL B 41 -25.76 -17.03 -7.33
C VAL B 41 -25.46 -16.94 -5.85
N LYS B 42 -25.77 -18.02 -5.13
CA LYS B 42 -25.50 -18.13 -3.69
C LYS B 42 -24.37 -19.12 -3.50
N ILE B 43 -23.24 -18.65 -2.98
CA ILE B 43 -22.04 -19.46 -2.80
C ILE B 43 -22.00 -19.90 -1.34
N PRO B 44 -22.09 -21.19 -1.05
CA PRO B 44 -21.96 -21.64 0.34
C PRO B 44 -20.57 -21.39 0.89
N ARG B 45 -20.50 -21.12 2.18
CA ARG B 45 -19.24 -20.83 2.84
C ARG B 45 -18.63 -22.10 3.43
N ASP B 46 -17.32 -22.07 3.62
CA ASP B 46 -16.56 -23.17 4.22
C ASP B 46 -16.80 -24.48 3.46
N LYS B 47 -16.39 -24.48 2.20
CA LYS B 47 -16.54 -25.64 1.34
C LYS B 47 -15.48 -25.58 0.25
N PHE B 48 -15.55 -26.53 -0.68
CA PHE B 48 -14.62 -26.64 -1.80
C PHE B 48 -15.44 -26.52 -3.09
N VAL B 49 -15.55 -25.31 -3.62
CA VAL B 49 -16.34 -25.03 -4.80
C VAL B 49 -15.40 -24.65 -5.94
N VAL B 50 -15.62 -25.22 -7.11
CA VAL B 50 -14.79 -25.00 -8.29
C VAL B 50 -15.67 -24.44 -9.41
N ILE B 51 -15.15 -23.44 -10.11
CA ILE B 51 -15.85 -22.81 -11.21
C ILE B 51 -15.05 -23.06 -12.48
N THR B 52 -15.73 -23.51 -13.53
CA THR B 52 -15.07 -23.82 -14.79
C THR B 52 -16.02 -23.50 -15.94
N GLY B 53 -15.45 -23.37 -17.13
CA GLY B 53 -16.24 -23.06 -18.30
C GLY B 53 -15.37 -22.97 -19.53
N LEU B 54 -15.91 -22.35 -20.58
CA LEU B 54 -15.17 -22.18 -21.81
C LEU B 54 -13.99 -21.23 -21.61
N SER B 55 -13.00 -21.34 -22.49
CA SER B 55 -11.80 -20.51 -22.42
C SER B 55 -12.16 -19.04 -22.53
N GLY B 56 -11.96 -18.30 -21.45
CA GLY B 56 -12.33 -16.88 -21.44
C GLY B 56 -13.80 -16.65 -21.63
N SER B 57 -14.65 -17.53 -21.11
CA SER B 57 -16.09 -17.39 -21.27
C SER B 57 -16.66 -16.26 -20.43
N GLY B 58 -15.88 -15.68 -19.52
CA GLY B 58 -16.33 -14.62 -18.64
C GLY B 58 -16.53 -15.06 -17.22
N LYS B 59 -16.73 -16.35 -16.97
CA LYS B 59 -16.85 -16.82 -15.60
C LYS B 59 -15.56 -16.61 -14.83
N SER B 60 -14.42 -16.87 -15.48
CA SER B 60 -13.13 -16.62 -14.86
C SER B 60 -12.94 -15.14 -14.55
N SER B 61 -13.26 -14.27 -15.51
CA SER B 61 -13.14 -12.83 -15.26
C SER B 61 -14.07 -12.39 -14.14
N LEU B 62 -15.29 -12.91 -14.10
CA LEU B 62 -16.21 -12.57 -13.02
C LEU B 62 -15.64 -12.98 -11.67
N ALA B 63 -15.19 -14.22 -11.56
CA ALA B 63 -14.66 -14.70 -10.28
C ALA B 63 -13.40 -13.94 -9.89
N PHE B 64 -12.62 -13.49 -10.86
CA PHE B 64 -11.40 -12.75 -10.58
C PHE B 64 -11.66 -11.31 -10.15
N ASP B 65 -12.70 -10.68 -10.71
CA ASP B 65 -12.83 -9.23 -10.59
C ASP B 65 -14.11 -8.75 -9.91
N THR B 66 -15.00 -9.64 -9.48
CA THR B 66 -16.16 -9.20 -8.70
C THR B 66 -15.92 -9.39 -7.20
N ILE B 67 -15.76 -10.64 -6.76
CA ILE B 67 -15.64 -10.92 -5.33
C ILE B 67 -14.32 -10.39 -4.80
N TYR B 68 -13.24 -10.66 -5.52
CA TYR B 68 -11.92 -10.19 -5.09
C TYR B 68 -11.88 -8.66 -5.02
N ALA B 69 -12.45 -7.99 -6.03
CA ALA B 69 -12.45 -6.54 -6.03
C ALA B 69 -13.27 -5.99 -4.88
N GLU B 70 -14.44 -6.57 -4.63
CA GLU B 70 -15.29 -6.10 -3.53
C GLU B 70 -14.57 -6.26 -2.20
N GLY B 71 -13.96 -7.42 -1.99
CA GLY B 71 -13.24 -7.65 -0.73
C GLY B 71 -12.05 -6.72 -0.57
N GLN B 72 -11.28 -6.54 -1.64
CA GLN B 72 -10.10 -5.68 -1.57
C GLN B 72 -10.51 -4.25 -1.29
N ARG B 73 -11.58 -3.76 -1.91
CA ARG B 73 -12.03 -2.40 -1.64
C ARG B 73 -12.51 -2.28 -0.19
N ARG B 74 -13.39 -3.20 0.24
CA ARG B 74 -13.96 -3.13 1.58
C ARG B 74 -12.91 -3.30 2.66
N TYR B 75 -11.73 -3.82 2.31
CA TYR B 75 -10.67 -4.01 3.29
C TYR B 75 -9.71 -2.83 3.22
N VAL B 76 -9.07 -2.63 2.07
CA VAL B 76 -8.06 -1.58 1.90
C VAL B 76 -8.61 -0.24 2.37
N GLU B 77 -9.86 0.07 2.02
CA GLU B 77 -10.42 1.36 2.42
C GLU B 77 -10.42 1.50 3.93
N SER B 78 -11.14 0.61 4.63
CA SER B 78 -11.24 0.62 6.08
C SER B 78 -9.88 0.61 6.80
N LEU B 79 -8.80 0.44 6.07
CA LEU B 79 -7.46 0.45 6.65
C LEU B 79 -7.01 1.88 6.87
N SER B 80 -5.73 2.06 7.19
CA SER B 80 -5.17 3.40 7.29
C SER B 80 -5.26 4.12 5.95
N SER B 81 -5.67 5.38 5.99
CA SER B 81 -5.87 6.15 4.76
C SER B 81 -4.58 6.29 3.97
N TYR B 82 -3.49 6.67 4.66
CA TYR B 82 -2.22 6.85 3.98
C TYR B 82 -1.75 5.55 3.33
N ALA B 83 -1.87 4.44 4.03
CA ALA B 83 -1.58 3.15 3.42
C ALA B 83 -2.55 2.83 2.28
N ARG B 84 -3.79 3.33 2.38
CA ARG B 84 -4.76 3.10 1.32
C ARG B 84 -4.34 3.77 0.02
N GLN B 85 -3.88 5.03 0.10
CA GLN B 85 -3.39 5.65 -1.13
C GLN B 85 -2.03 5.11 -1.53
N PHE B 86 -1.23 4.64 -0.57
CA PHE B 86 0.07 4.06 -0.91
C PHE B 86 -0.10 2.79 -1.73
N LEU B 87 -0.96 1.88 -1.28
CA LEU B 87 -1.22 0.64 -2.00
C LEU B 87 -2.09 0.85 -3.24
N GLY B 88 -2.70 2.02 -3.38
CA GLY B 88 -3.55 2.30 -4.52
C GLY B 88 -5.02 2.10 -4.24
N GLN B 89 -5.86 2.99 -4.77
CA GLN B 89 -7.30 2.93 -4.59
C GLN B 89 -7.90 2.04 -5.66
N MET B 90 -8.43 0.89 -5.26
CA MET B 90 -9.04 -0.04 -6.21
C MET B 90 -10.32 0.55 -6.78
N GLU B 91 -10.52 0.34 -8.08
CA GLU B 91 -11.72 0.84 -8.73
C GLU B 91 -12.95 0.08 -8.26
N LYS B 92 -14.07 0.79 -8.13
CA LYS B 92 -15.30 0.16 -7.70
C LYS B 92 -15.88 -0.69 -8.83
N PRO B 93 -16.49 -1.82 -8.51
CA PRO B 93 -17.10 -2.66 -9.54
C PRO B 93 -18.50 -2.18 -9.91
N ASP B 94 -19.03 -2.79 -10.97
CA ASP B 94 -20.35 -2.45 -11.48
C ASP B 94 -21.45 -3.29 -10.85
N VAL B 95 -21.12 -4.18 -9.92
CA VAL B 95 -22.14 -5.01 -9.29
C VAL B 95 -23.05 -4.15 -8.41
N ASP B 96 -24.30 -4.56 -8.30
CA ASP B 96 -25.27 -3.83 -7.48
C ASP B 96 -24.86 -3.83 -6.02
N TYR B 97 -24.78 -5.01 -5.41
CA TYR B 97 -24.36 -5.13 -4.03
C TYR B 97 -23.90 -6.56 -3.77
N ILE B 98 -22.90 -6.70 -2.91
CA ILE B 98 -22.35 -8.00 -2.52
C ILE B 98 -22.56 -8.17 -1.03
N ASP B 99 -23.17 -9.28 -0.64
CA ASP B 99 -23.49 -9.58 0.75
C ASP B 99 -22.73 -10.83 1.19
N GLY B 100 -22.41 -10.86 2.47
CA GLY B 100 -21.70 -12.01 3.03
C GLY B 100 -20.29 -12.20 2.48
N LEU B 101 -19.54 -11.11 2.35
CA LEU B 101 -18.18 -11.20 1.85
C LEU B 101 -17.20 -11.36 3.01
N SER B 102 -15.92 -11.44 2.69
CA SER B 102 -14.88 -11.59 3.68
C SER B 102 -13.55 -11.17 3.05
N PRO B 103 -12.57 -10.77 3.85
CA PRO B 103 -11.25 -10.46 3.30
C PRO B 103 -10.67 -11.69 2.61
N ALA B 104 -9.99 -11.45 1.48
CA ALA B 104 -9.52 -12.52 0.62
C ALA B 104 -8.10 -12.25 0.18
N ILE B 105 -7.43 -13.30 -0.28
CA ILE B 105 -6.09 -13.21 -0.84
C ILE B 105 -6.12 -13.85 -2.22
N ALA B 106 -5.19 -13.42 -3.08
CA ALA B 106 -5.14 -13.86 -4.46
C ALA B 106 -3.76 -14.45 -4.75
N ILE B 107 -3.73 -15.70 -5.18
CA ILE B 107 -2.50 -16.35 -5.61
C ILE B 107 -2.54 -16.35 -7.14
N ASP B 108 -1.98 -15.30 -7.73
CA ASP B 108 -2.03 -15.11 -9.17
C ASP B 108 -0.89 -15.87 -9.85
N GLN B 109 -0.69 -15.63 -11.14
CA GLN B 109 0.36 -16.28 -11.90
C GLN B 109 1.46 -15.34 -12.36
N LYS B 110 1.31 -14.03 -12.16
CA LYS B 110 2.31 -13.06 -12.56
C LYS B 110 3.31 -12.88 -11.42
N THR B 111 4.51 -13.42 -11.61
CA THR B 111 5.54 -13.35 -10.59
C THR B 111 6.21 -11.98 -10.60
N THR B 112 7.08 -11.75 -9.62
CA THR B 112 7.81 -10.49 -9.47
C THR B 112 9.30 -10.77 -9.49
N SER B 113 10.06 -9.89 -10.14
CA SER B 113 11.51 -10.03 -10.15
C SER B 113 12.11 -9.88 -8.77
N ARG B 114 11.49 -9.07 -7.92
CA ARG B 114 11.91 -8.86 -6.52
C ARG B 114 13.34 -8.31 -6.53
N ASN B 115 14.10 -8.60 -5.47
CA ASN B 115 15.46 -8.13 -5.32
C ASN B 115 16.36 -9.29 -4.92
N PRO B 116 17.65 -9.21 -5.21
CA PRO B 116 18.57 -10.28 -4.78
C PRO B 116 18.59 -10.49 -3.27
N ARG B 117 18.26 -9.46 -2.49
CA ARG B 117 18.18 -9.64 -1.04
C ARG B 117 17.13 -10.67 -0.66
N SER B 118 16.07 -10.78 -1.45
CA SER B 118 15.07 -11.81 -1.21
C SER B 118 15.66 -13.20 -1.43
N THR B 119 15.24 -14.15 -0.59
CA THR B 119 15.76 -15.51 -0.65
C THR B 119 14.61 -16.50 -0.61
N VAL B 120 14.90 -17.72 -1.07
CA VAL B 120 13.89 -18.78 -1.05
C VAL B 120 13.46 -19.08 0.37
N GLY B 121 14.42 -19.19 1.29
CA GLY B 121 14.08 -19.39 2.68
C GLY B 121 13.32 -18.24 3.30
N THR B 122 13.63 -17.01 2.85
CA THR B 122 12.95 -15.84 3.38
C THR B 122 11.46 -15.88 3.07
N VAL B 123 11.12 -16.11 1.79
CA VAL B 123 9.71 -16.20 1.42
C VAL B 123 9.09 -17.50 1.90
N THR B 124 9.90 -18.51 2.18
CA THR B 124 9.39 -19.78 2.69
C THR B 124 9.05 -19.73 4.18
N GLU B 125 9.35 -18.61 4.85
CA GLU B 125 9.11 -18.47 6.29
C GLU B 125 9.84 -19.56 7.07
N ILE B 126 11.04 -19.92 6.61
CA ILE B 126 11.85 -20.94 7.29
C ILE B 126 13.25 -20.47 7.62
N TYR B 127 13.76 -19.41 6.97
CA TYR B 127 15.12 -18.96 7.27
C TYR B 127 15.23 -18.43 8.69
N ASP B 128 14.23 -17.66 9.15
CA ASP B 128 14.26 -17.14 10.51
C ASP B 128 14.18 -18.27 11.53
N TYR B 129 13.32 -19.26 11.27
CA TYR B 129 13.21 -20.40 12.18
C TYR B 129 14.51 -21.18 12.24
N LEU B 130 15.15 -21.38 11.08
CA LEU B 130 16.43 -22.08 11.06
C LEU B 130 17.50 -21.30 11.82
N ARG B 131 17.51 -19.97 11.65
CA ARG B 131 18.48 -19.15 12.37
C ARG B 131 18.25 -19.24 13.87
N LEU B 132 16.98 -19.20 14.31
CA LEU B 132 16.68 -19.31 15.74
C LEU B 132 17.12 -20.68 16.27
N LEU B 133 16.85 -21.74 15.52
CA LEU B 133 17.25 -23.08 15.95
C LEU B 133 18.76 -23.19 16.06
N PHE B 134 19.48 -22.64 15.08
CA PHE B 134 20.95 -22.67 15.12
C PHE B 134 21.47 -21.87 16.30
N ALA B 135 20.88 -20.72 16.59
CA ALA B 135 21.31 -19.92 17.73
C ALA B 135 21.05 -20.66 19.05
N ARG B 136 19.91 -21.34 19.16
CA ARG B 136 19.56 -21.98 20.41
C ARG B 136 20.35 -23.26 20.65
N ILE B 137 20.59 -24.04 19.60
CA ILE B 137 21.16 -25.38 19.74
C ILE B 137 22.61 -25.43 19.29
N GLY B 138 22.95 -24.73 18.22
CA GLY B 138 24.30 -24.82 17.66
C GLY B 138 25.35 -24.28 18.60
N THR B 139 26.58 -24.77 18.42
CA THR B 139 27.70 -24.39 19.26
C THR B 139 28.82 -23.80 18.41
N PRO B 140 29.54 -22.80 18.93
CA PRO B 140 30.66 -22.23 18.17
C PRO B 140 31.82 -23.22 18.06
N HIS B 141 32.62 -23.02 17.02
CA HIS B 141 33.79 -23.86 16.79
C HIS B 141 34.96 -23.42 17.66
N ILE B 282 26.64 -15.04 20.26
CA ILE B 282 25.71 -16.16 20.13
C ILE B 282 24.29 -15.64 20.01
N THR B 283 24.15 -14.34 19.74
CA THR B 283 22.84 -13.75 19.58
C THR B 283 22.17 -14.26 18.31
N PRO B 284 20.85 -14.46 18.32
CA PRO B 284 20.17 -14.92 17.10
C PRO B 284 20.25 -13.94 15.95
N ARG B 285 20.45 -12.65 16.23
CA ARG B 285 20.53 -11.68 15.15
C ARG B 285 21.74 -11.92 14.26
N MET B 286 22.86 -12.36 14.85
CA MET B 286 24.06 -12.62 14.08
C MET B 286 23.88 -13.75 13.08
N PHE B 287 22.92 -14.65 13.30
CA PHE B 287 22.68 -15.73 12.35
C PHE B 287 22.02 -15.21 11.08
N SER B 288 21.21 -14.18 11.18
CA SER B 288 20.54 -13.63 10.00
C SER B 288 21.54 -12.91 9.09
N PHE B 289 21.17 -12.78 7.82
CA PHE B 289 22.02 -12.15 6.83
C PHE B 289 21.36 -10.92 6.20
N ASN B 290 20.34 -10.38 6.85
CA ASN B 290 19.66 -9.18 6.36
C ASN B 290 19.94 -7.95 7.21
N ASN B 291 20.42 -8.12 8.43
CA ASN B 291 20.78 -7.06 9.36
C ASN B 291 22.27 -6.81 9.33
N PRO B 292 22.68 -5.53 9.33
CA PRO B 292 24.11 -5.22 9.29
C PRO B 292 24.88 -5.71 10.51
N TYR B 293 24.20 -6.10 11.59
CA TYR B 293 24.91 -6.60 12.77
C TYR B 293 25.69 -7.87 12.47
N GLY B 294 25.39 -8.53 11.35
CA GLY B 294 26.14 -9.70 10.93
C GLY B 294 26.12 -9.86 9.42
N ALA B 295 27.06 -9.21 8.74
CA ALA B 295 27.07 -9.15 7.28
C ALA B 295 28.49 -9.28 6.78
N CYS B 296 28.62 -9.66 5.51
CA CYS B 296 29.92 -9.74 4.88
C CYS B 296 30.15 -8.44 4.14
N PRO B 297 31.14 -7.63 4.54
CA PRO B 297 31.30 -6.30 3.91
C PRO B 297 31.62 -6.38 2.43
N GLU B 298 32.32 -7.42 2.00
CA GLU B 298 32.73 -7.54 0.59
C GLU B 298 31.55 -7.32 -0.35
N CYS B 299 30.47 -8.08 -0.16
CA CYS B 299 29.31 -8.00 -1.04
C CYS B 299 28.12 -7.30 -0.39
N THR B 300 28.32 -6.73 0.81
CA THR B 300 27.26 -6.10 1.59
C THR B 300 26.00 -6.97 1.64
N GLY B 301 26.19 -8.26 1.89
CA GLY B 301 25.08 -9.16 2.07
C GLY B 301 24.43 -9.66 0.80
N LEU B 302 24.90 -9.25 -0.38
CA LEU B 302 24.23 -9.63 -1.61
C LEU B 302 24.65 -11.01 -2.10
N GLY B 303 25.85 -11.46 -1.74
CA GLY B 303 26.36 -12.74 -2.17
C GLY B 303 27.15 -12.69 -3.46
N SER B 304 26.89 -11.71 -4.31
CA SER B 304 27.59 -11.57 -5.58
C SER B 304 28.08 -10.12 -5.68
N LEU B 305 28.43 -9.70 -6.89
CA LEU B 305 28.98 -8.36 -7.10
C LEU B 305 28.56 -7.89 -8.48
N MET B 306 27.45 -7.14 -8.54
CA MET B 306 26.90 -6.67 -9.80
C MET B 306 27.81 -5.62 -10.42
N ARG B 307 28.76 -6.05 -11.24
CA ARG B 307 29.66 -5.14 -11.94
C ARG B 307 29.44 -5.24 -13.45
N ILE B 308 29.56 -4.09 -14.11
CA ILE B 308 29.40 -4.05 -15.56
C ILE B 308 30.57 -4.76 -16.24
N ASP B 309 30.35 -5.15 -17.50
CA ASP B 309 31.36 -5.86 -18.26
C ASP B 309 32.05 -4.89 -19.20
N PRO B 310 33.34 -4.60 -19.00
CA PRO B 310 34.07 -3.73 -19.95
C PRO B 310 34.13 -4.29 -21.35
N ASP B 311 34.01 -5.60 -21.52
CA ASP B 311 34.00 -6.21 -22.85
C ASP B 311 32.64 -6.18 -23.51
N LEU B 312 31.61 -5.67 -22.82
CA LEU B 312 30.28 -5.54 -23.38
C LEU B 312 29.82 -4.09 -23.54
N VAL B 313 30.40 -3.16 -22.78
CA VAL B 313 30.00 -1.76 -22.88
C VAL B 313 30.55 -1.15 -24.17
N ILE B 314 31.86 -1.19 -24.34
CA ILE B 314 32.50 -0.67 -25.55
C ILE B 314 33.49 -1.70 -26.07
N PRO B 315 33.02 -2.83 -26.60
CA PRO B 315 33.96 -3.84 -27.12
C PRO B 315 34.70 -3.39 -28.37
N ASP B 316 34.23 -2.35 -29.06
CA ASP B 316 34.83 -1.87 -30.30
C ASP B 316 36.12 -1.12 -29.97
N LYS B 317 37.19 -1.88 -29.76
CA LYS B 317 38.49 -1.27 -29.47
C LYS B 317 39.02 -0.48 -30.65
N LYS B 318 38.82 -0.98 -31.87
CA LYS B 318 39.32 -0.29 -33.05
C LYS B 318 38.55 0.99 -33.34
N LEU B 319 37.33 1.11 -32.83
CA LEU B 319 36.54 2.32 -33.06
C LEU B 319 37.13 3.49 -32.28
N SER B 320 37.12 4.66 -32.90
CA SER B 320 37.63 5.85 -32.25
C SER B 320 36.68 6.34 -31.17
N LEU B 321 37.19 7.21 -30.29
CA LEU B 321 36.36 7.76 -29.23
C LEU B 321 35.22 8.59 -29.79
N ALA B 322 35.49 9.38 -30.83
CA ALA B 322 34.44 10.17 -31.46
C ALA B 322 33.44 9.31 -32.22
N GLN B 323 33.84 8.09 -32.62
CA GLN B 323 32.93 7.23 -33.36
C GLN B 323 31.77 6.76 -32.49
N GLY B 324 31.97 6.67 -31.19
CA GLY B 324 30.92 6.20 -30.29
C GLY B 324 30.99 4.71 -30.04
N ALA B 325 32.14 4.22 -29.58
CA ALA B 325 32.29 2.81 -29.30
C ALA B 325 31.33 2.35 -28.20
N VAL B 326 31.16 3.17 -27.17
CA VAL B 326 30.22 2.84 -26.09
C VAL B 326 28.81 3.04 -26.62
N ARG B 327 28.05 1.95 -26.69
CA ARG B 327 26.69 1.97 -27.22
C ARG B 327 25.63 2.18 -26.14
N ALA B 328 26.04 2.41 -24.90
CA ALA B 328 25.08 2.62 -23.82
C ALA B 328 24.32 3.92 -24.03
N SER B 329 23.04 3.90 -23.67
CA SER B 329 22.21 5.09 -23.81
C SER B 329 22.71 6.20 -22.89
N GLY B 330 22.74 7.42 -23.43
CA GLY B 330 23.22 8.57 -22.69
C GLY B 330 24.73 8.73 -22.67
N TRP B 331 25.47 7.88 -23.39
CA TRP B 331 26.92 7.97 -23.44
C TRP B 331 27.42 8.15 -24.88
N ASN B 332 26.56 8.61 -25.78
CA ASN B 332 26.96 8.80 -27.17
C ASN B 332 28.00 9.90 -27.29
N ILE B 333 28.99 9.67 -28.15
CA ILE B 333 30.05 10.65 -28.38
C ILE B 333 30.02 11.22 -29.79
N ALA B 334 29.32 10.58 -30.73
CA ALA B 334 29.24 11.07 -32.10
C ALA B 334 28.11 12.06 -32.31
N ASN B 335 27.28 12.31 -31.31
CA ASN B 335 26.15 13.23 -31.41
C ASN B 335 26.45 14.48 -30.59
N ASP B 336 26.44 15.64 -31.26
CA ASP B 336 26.67 16.90 -30.56
C ASP B 336 25.52 17.21 -29.61
N GLU B 337 24.29 16.95 -30.03
CA GLU B 337 23.11 17.25 -29.21
C GLU B 337 22.99 16.32 -28.00
N SER B 338 23.74 15.23 -27.97
CA SER B 338 23.68 14.31 -26.84
C SER B 338 24.19 14.98 -25.57
N TYR B 339 23.59 14.61 -24.45
CA TYR B 339 23.99 15.17 -23.16
C TYR B 339 25.42 14.78 -22.80
N ALA B 340 25.91 13.65 -23.35
CA ALA B 340 27.27 13.21 -23.08
C ALA B 340 28.31 13.99 -23.88
N ARG B 341 27.89 14.79 -24.86
CA ARG B 341 28.85 15.56 -25.65
C ARG B 341 29.58 16.59 -24.80
N MET B 342 28.86 17.27 -23.90
CA MET B 342 29.50 18.24 -23.02
C MET B 342 30.52 17.58 -22.11
N TYR B 343 30.18 16.42 -21.55
CA TYR B 343 31.13 15.70 -20.70
C TYR B 343 32.34 15.23 -21.49
N ILE B 344 32.12 14.77 -22.73
CA ILE B 344 33.23 14.35 -23.58
C ILE B 344 34.15 15.52 -23.88
N ASP B 345 33.56 16.69 -24.18
CA ASP B 345 34.38 17.88 -24.44
C ASP B 345 35.16 18.29 -23.21
N ALA B 346 34.53 18.25 -22.04
CA ALA B 346 35.23 18.59 -20.81
C ALA B 346 36.39 17.62 -20.55
N LEU B 347 36.16 16.33 -20.74
CA LEU B 347 37.23 15.34 -20.55
C LEU B 347 38.36 15.55 -21.55
N ALA B 348 38.03 15.86 -22.80
CA ALA B 348 39.05 16.12 -23.81
C ALA B 348 39.86 17.36 -23.45
N LYS B 349 39.21 18.41 -22.96
CA LYS B 349 39.92 19.60 -22.53
C LYS B 349 40.83 19.30 -21.35
N HIS B 350 40.35 18.50 -20.39
CA HIS B 350 41.15 18.12 -19.24
C HIS B 350 42.27 17.12 -19.58
N TYR B 351 42.22 16.48 -20.75
CA TYR B 351 43.22 15.49 -21.11
C TYR B 351 44.07 15.86 -22.31
N ASN B 352 43.64 16.81 -23.13
CA ASN B 352 44.37 17.22 -24.34
C ASN B 352 44.64 16.02 -25.26
N PHE B 353 43.64 15.17 -25.40
CA PHE B 353 43.72 13.97 -26.22
C PHE B 353 42.76 14.07 -27.40
N SER B 354 43.24 13.69 -28.58
CA SER B 354 42.41 13.73 -29.76
C SER B 354 41.28 12.72 -29.68
N VAL B 355 40.08 13.15 -30.08
CA VAL B 355 38.91 12.27 -30.05
C VAL B 355 38.98 11.18 -31.10
N ASP B 356 39.87 11.31 -32.09
CA ASP B 356 40.02 10.32 -33.15
C ASP B 356 40.91 9.16 -32.75
N THR B 357 41.50 9.18 -31.55
CA THR B 357 42.35 8.09 -31.12
C THR B 357 41.52 6.83 -30.91
N PRO B 358 42.02 5.67 -31.32
CA PRO B 358 41.29 4.42 -31.11
C PRO B 358 41.15 4.09 -29.63
N VAL B 359 40.09 3.35 -29.31
CA VAL B 359 39.86 2.95 -27.93
C VAL B 359 40.98 2.05 -27.44
N GLU B 360 41.46 1.15 -28.29
CA GLU B 360 42.58 0.29 -27.92
C GLU B 360 43.85 1.10 -27.71
N GLU B 361 44.08 2.12 -28.54
CA GLU B 361 45.27 2.94 -28.44
C GLU B 361 45.19 3.99 -27.33
N LEU B 362 44.05 4.11 -26.66
CA LEU B 362 43.91 5.09 -25.59
C LEU B 362 44.83 4.73 -24.43
N PRO B 363 45.45 5.71 -23.79
CA PRO B 363 46.33 5.41 -22.66
C PRO B 363 45.55 4.80 -21.52
N PRO B 364 46.18 3.93 -20.72
CA PRO B 364 45.46 3.35 -19.58
C PRO B 364 44.94 4.38 -18.60
N HIS B 365 45.70 5.46 -18.36
CA HIS B 365 45.23 6.51 -17.47
C HIS B 365 44.00 7.20 -18.04
N ILE B 366 44.00 7.48 -19.34
CA ILE B 366 42.84 8.13 -19.97
C ILE B 366 41.63 7.20 -19.92
N LEU B 367 41.84 5.91 -20.17
CA LEU B 367 40.74 4.95 -20.10
C LEU B 367 40.18 4.86 -18.68
N ASP B 368 41.06 4.86 -17.67
CA ASP B 368 40.59 4.83 -16.29
C ASP B 368 39.81 6.09 -15.94
N ILE B 369 40.28 7.25 -16.41
CA ILE B 369 39.58 8.50 -16.16
C ILE B 369 38.20 8.46 -16.81
N ILE B 370 38.12 7.93 -18.04
CA ILE B 370 36.84 7.86 -18.73
C ILE B 370 35.89 6.91 -18.00
N LEU B 371 36.39 5.76 -17.55
CA LEU B 371 35.52 4.74 -16.97
C LEU B 371 35.11 5.09 -15.54
N TYR B 372 36.09 5.20 -14.64
CA TYR B 372 35.80 5.40 -13.22
C TYR B 372 35.76 6.87 -12.81
N GLY B 373 35.95 7.79 -13.75
CA GLY B 373 35.90 9.20 -13.42
C GLY B 373 37.26 9.79 -13.11
N THR B 374 37.25 11.09 -12.83
CA THR B 374 38.45 11.85 -12.49
C THR B 374 38.55 12.11 -11.00
N ASN B 375 38.13 11.15 -10.17
CA ASN B 375 38.17 11.25 -8.71
C ASN B 375 37.32 12.41 -8.18
N GLY B 376 36.34 12.86 -8.96
CA GLY B 376 35.47 13.94 -8.51
C GLY B 376 36.14 15.27 -8.37
N GLU B 377 37.25 15.50 -9.06
CA GLU B 377 37.96 16.77 -8.95
C GLU B 377 37.22 17.87 -9.70
N LYS B 378 37.59 19.11 -9.40
CA LYS B 378 36.97 20.26 -10.04
C LYS B 378 37.34 20.30 -11.52
N ILE B 379 36.33 20.56 -12.36
CA ILE B 379 36.53 20.63 -13.80
C ILE B 379 35.48 21.56 -14.39
N LYS B 380 35.87 22.27 -15.45
CA LYS B 380 34.98 23.21 -16.12
C LYS B 380 34.41 22.57 -17.38
N ILE B 381 33.09 22.60 -17.50
CA ILE B 381 32.39 22.06 -18.66
C ILE B 381 31.75 23.22 -19.41
N GLU B 382 32.08 23.35 -20.69
CA GLU B 382 31.57 24.43 -21.52
C GLU B 382 30.26 24.03 -22.19
N TYR B 383 29.30 24.94 -22.17
CA TYR B 383 28.00 24.72 -22.80
C TYR B 383 27.71 25.86 -23.75
N GLU B 384 27.36 25.52 -25.00
CA GLU B 384 27.04 26.50 -26.03
C GLU B 384 25.78 26.02 -26.75
N ARG B 385 24.61 26.42 -26.24
CA ARG B 385 23.34 26.03 -26.81
C ARG B 385 22.94 27.03 -27.91
N GLU B 386 21.76 26.81 -28.48
CA GLU B 386 21.27 27.69 -29.54
C GLU B 386 21.00 29.10 -29.01
N ASN B 387 20.42 29.22 -27.82
CA ASN B 387 20.08 30.52 -27.26
C ASN B 387 20.71 30.78 -25.89
N GLU B 388 21.51 29.86 -25.37
CA GLU B 388 22.15 30.03 -24.07
C GLU B 388 23.60 29.62 -24.16
N LYS B 389 24.43 30.17 -23.28
CA LYS B 389 25.84 29.85 -23.25
C LYS B 389 26.40 30.13 -21.86
N GLY B 390 27.53 29.52 -21.57
CA GLY B 390 28.19 29.71 -20.30
C GLY B 390 29.01 28.47 -19.96
N THR B 391 29.41 28.41 -18.69
CA THR B 391 30.19 27.28 -18.19
C THR B 391 29.90 27.09 -16.70
N PHE B 392 30.14 25.88 -16.21
CA PHE B 392 29.91 25.56 -14.82
C PHE B 392 30.97 24.58 -14.35
N MET B 393 31.26 24.62 -13.05
CA MET B 393 32.24 23.75 -12.43
C MET B 393 31.53 22.50 -11.90
N ALA B 394 31.98 21.33 -12.33
CA ALA B 394 31.38 20.06 -11.93
C ALA B 394 32.45 18.98 -12.00
N SER B 395 32.03 17.74 -11.77
CA SER B 395 32.92 16.58 -11.83
C SER B 395 32.27 15.48 -12.63
N PHE B 396 33.11 14.70 -13.33
CA PHE B 396 32.62 13.61 -14.15
C PHE B 396 32.79 12.30 -13.41
N PRO B 397 31.71 11.63 -12.99
CA PRO B 397 31.86 10.35 -12.28
C PRO B 397 32.41 9.23 -13.16
N GLY B 398 32.32 9.35 -14.47
CA GLY B 398 32.76 8.30 -15.36
C GLY B 398 31.60 7.42 -15.81
N ILE B 399 31.85 6.66 -16.89
CA ILE B 399 30.81 5.82 -17.47
C ILE B 399 30.38 4.74 -16.48
N ILE B 400 31.34 4.08 -15.83
CA ILE B 400 31.02 2.99 -14.92
C ILE B 400 30.22 3.51 -13.73
N ASN B 401 30.67 4.63 -13.14
CA ASN B 401 29.96 5.18 -11.99
C ASN B 401 28.58 5.69 -12.38
N SER B 402 28.46 6.30 -13.55
CA SER B 402 27.15 6.76 -14.01
C SER B 402 26.19 5.60 -14.21
N MET B 403 26.68 4.52 -14.82
CA MET B 403 25.84 3.33 -15.01
C MET B 403 25.44 2.73 -13.66
N GLU B 404 26.38 2.67 -12.72
CA GLU B 404 26.06 2.13 -11.39
C GLU B 404 25.01 2.98 -10.70
N ARG B 405 25.15 4.30 -10.77
CA ARG B 405 24.16 5.18 -10.14
C ARG B 405 22.80 5.04 -10.80
N ARG B 406 22.77 4.94 -12.14
CA ARG B 406 21.50 4.76 -12.83
C ARG B 406 20.84 3.44 -12.45
N TYR B 407 21.63 2.37 -12.33
CA TYR B 407 21.08 1.09 -11.92
C TYR B 407 20.57 1.15 -10.48
N LYS B 408 21.27 1.86 -9.60
CA LYS B 408 20.82 2.01 -8.22
C LYS B 408 19.51 2.78 -8.16
N GLU B 409 19.37 3.82 -9.00
CA GLU B 409 18.14 4.61 -9.03
C GLU B 409 17.06 3.98 -9.90
N THR B 410 17.36 2.87 -10.58
CA THR B 410 16.36 2.23 -11.44
C THR B 410 15.24 1.61 -10.60
N THR B 411 14.02 1.66 -11.14
CA THR B 411 12.87 1.09 -10.46
C THR B 411 11.94 0.35 -11.41
N SER B 412 12.42 -0.05 -12.59
CA SER B 412 11.61 -0.72 -13.59
C SER B 412 12.26 -2.06 -13.94
N GLU B 413 11.42 -3.08 -14.10
CA GLU B 413 11.92 -4.41 -14.43
C GLU B 413 12.59 -4.44 -15.81
N VAL B 414 11.99 -3.75 -16.79
CA VAL B 414 12.58 -3.71 -18.13
C VAL B 414 13.92 -3.00 -18.11
N MET B 415 13.99 -1.86 -17.42
CA MET B 415 15.26 -1.15 -17.30
C MET B 415 16.29 -1.98 -16.54
N LYS B 416 15.84 -2.69 -15.50
CA LYS B 416 16.76 -3.56 -14.76
C LYS B 416 17.32 -4.67 -15.65
N GLN B 417 16.47 -5.29 -16.48
CA GLN B 417 16.95 -6.31 -17.39
C GLN B 417 17.91 -5.73 -18.42
N TYR B 418 17.58 -4.54 -18.95
CA TYR B 418 18.47 -3.90 -19.91
C TYR B 418 19.84 -3.61 -19.30
N TYR B 419 19.86 -3.13 -18.05
CA TYR B 419 21.12 -2.82 -17.40
C TYR B 419 21.90 -4.08 -17.07
N GLU B 420 21.21 -5.13 -16.63
CA GLU B 420 21.89 -6.38 -16.32
C GLU B 420 22.37 -7.10 -17.58
N ASN B 421 21.81 -6.74 -18.75
CA ASN B 421 22.30 -7.29 -20.00
C ASN B 421 23.76 -6.91 -20.25
N PHE B 422 24.19 -5.77 -19.69
CA PHE B 422 25.56 -5.31 -19.83
C PHE B 422 26.39 -5.56 -18.57
N MET B 423 25.84 -6.28 -17.60
CA MET B 423 26.52 -6.53 -16.34
C MET B 423 26.51 -8.02 -16.02
N SER B 424 27.30 -8.41 -15.03
CA SER B 424 27.36 -9.78 -14.57
C SER B 424 27.75 -9.79 -13.10
N ASN B 425 26.97 -10.48 -12.27
CA ASN B 425 27.20 -10.52 -10.83
C ASN B 425 28.20 -11.63 -10.53
N ILE B 426 29.45 -11.25 -10.28
CA ILE B 426 30.52 -12.19 -9.97
C ILE B 426 30.38 -12.66 -8.52
N PRO B 427 30.25 -13.97 -8.28
CA PRO B 427 30.07 -14.45 -6.91
C PRO B 427 31.17 -13.96 -5.98
N CYS B 428 30.76 -13.35 -4.87
CA CYS B 428 31.70 -12.80 -3.90
C CYS B 428 32.72 -13.87 -3.48
N PRO B 429 34.02 -13.61 -3.60
CA PRO B 429 35.01 -14.63 -3.25
C PRO B 429 35.32 -14.69 -1.77
N VAL B 430 35.11 -13.60 -1.03
CA VAL B 430 35.43 -13.57 0.39
C VAL B 430 34.51 -14.51 1.15
N CYS B 431 33.21 -14.28 1.03
CA CYS B 431 32.20 -15.08 1.73
C CYS B 431 31.78 -16.28 0.88
N LYS B 432 31.21 -16.02 -0.29
CA LYS B 432 30.79 -17.06 -1.23
C LYS B 432 29.61 -17.82 -0.66
N GLY B 433 28.42 -17.49 -1.15
CA GLY B 433 27.20 -18.10 -0.61
C GLY B 433 27.11 -18.02 0.89
N ALA B 434 27.58 -16.93 1.48
CA ALA B 434 27.50 -16.79 2.92
C ALA B 434 26.92 -15.44 3.31
N ARG B 435 27.45 -14.37 2.70
CA ARG B 435 27.01 -13.00 2.96
C ARG B 435 26.90 -12.73 4.47
N LEU B 436 27.78 -13.36 5.25
CA LEU B 436 27.77 -13.25 6.70
C LEU B 436 29.21 -13.19 7.18
N LYS B 437 29.37 -12.80 8.44
CA LYS B 437 30.70 -12.64 9.01
C LYS B 437 31.31 -14.01 9.29
N LYS B 438 32.62 -14.12 9.05
CA LYS B 438 33.33 -15.39 9.19
C LYS B 438 32.91 -16.18 10.42
N GLU B 439 32.87 -15.51 11.58
CA GLU B 439 32.58 -16.20 12.84
C GLU B 439 31.21 -16.86 12.84
N SER B 440 30.28 -16.42 11.99
CA SER B 440 28.97 -17.06 11.92
C SER B 440 29.07 -18.50 11.44
N LEU B 441 29.94 -18.75 10.46
CA LEU B 441 30.11 -20.11 9.96
C LEU B 441 30.69 -21.04 11.01
N ALA B 442 31.34 -20.50 12.05
CA ALA B 442 31.88 -21.32 13.12
C ALA B 442 30.79 -22.02 13.92
N VAL B 443 29.57 -21.50 13.91
CA VAL B 443 28.46 -22.14 14.61
C VAL B 443 28.15 -23.45 13.90
N THR B 444 28.39 -24.56 14.58
CA THR B 444 28.23 -25.90 14.03
C THR B 444 27.02 -26.57 14.69
N ILE B 445 26.09 -27.04 13.87
CA ILE B 445 24.91 -27.77 14.34
C ILE B 445 24.83 -29.06 13.55
N GLY B 446 24.96 -30.19 14.25
CA GLY B 446 24.93 -31.48 13.59
C GLY B 446 26.04 -31.67 12.58
N GLY B 447 27.21 -31.09 12.83
CA GLY B 447 28.31 -31.21 11.89
C GLY B 447 28.01 -30.59 10.54
N LYS B 448 27.35 -29.43 10.53
CA LYS B 448 26.99 -28.77 9.29
C LYS B 448 26.86 -27.27 9.54
N ASN B 449 26.90 -26.51 8.45
CA ASN B 449 26.78 -25.06 8.49
C ASN B 449 25.38 -24.65 8.07
N ILE B 450 25.03 -23.39 8.37
CA ILE B 450 23.74 -22.86 7.97
C ILE B 450 23.60 -22.88 6.45
N TYR B 451 24.65 -22.49 5.74
CA TYR B 451 24.66 -22.62 4.29
C TYR B 451 24.57 -24.08 3.86
N GLU B 452 25.26 -24.97 4.57
CA GLU B 452 25.16 -26.39 4.22
C GLU B 452 23.74 -26.88 4.37
N VAL B 453 23.04 -26.45 5.42
CA VAL B 453 21.65 -26.82 5.60
C VAL B 453 20.78 -26.24 4.49
N CYS B 454 21.02 -24.97 4.14
CA CYS B 454 20.18 -24.31 3.15
C CYS B 454 20.39 -24.86 1.74
N CYS B 455 21.60 -25.26 1.40
CA CYS B 455 21.86 -25.78 0.06
C CYS B 455 21.38 -27.20 -0.13
N LEU B 456 21.01 -27.88 0.94
CA LEU B 456 20.51 -29.25 0.85
C LEU B 456 19.12 -29.26 0.22
N SER B 457 18.81 -30.35 -0.47
CA SER B 457 17.50 -30.51 -1.08
C SER B 457 16.45 -30.67 0.01
N ILE B 458 15.19 -30.42 -0.35
CA ILE B 458 14.11 -30.45 0.64
C ILE B 458 13.99 -31.83 1.26
N GLY B 459 14.00 -32.87 0.44
CA GLY B 459 13.90 -34.22 0.97
C GLY B 459 15.08 -34.61 1.82
N GLU B 460 16.29 -34.32 1.35
CA GLU B 460 17.47 -34.64 2.13
C GLU B 460 17.56 -33.79 3.40
N ALA B 461 17.04 -32.55 3.35
CA ALA B 461 16.98 -31.74 4.55
C ALA B 461 16.02 -32.35 5.57
N LYS B 462 14.87 -32.84 5.10
CA LYS B 462 13.94 -33.50 6.01
C LYS B 462 14.56 -34.75 6.61
N GLU B 463 15.28 -35.53 5.80
CA GLU B 463 15.96 -36.71 6.32
C GLU B 463 17.03 -36.33 7.35
N PHE B 464 17.78 -35.26 7.07
CA PHE B 464 18.83 -34.82 7.99
C PHE B 464 18.25 -34.36 9.32
N PHE B 465 17.18 -33.57 9.28
CA PHE B 465 16.56 -33.11 10.51
C PHE B 465 15.79 -34.21 11.22
N ALA B 466 15.44 -35.28 10.51
CA ALA B 466 14.80 -36.41 11.16
C ALA B 466 15.77 -37.17 12.05
N ASN B 467 17.04 -37.25 11.65
CA ASN B 467 18.06 -37.94 12.42
C ASN B 467 18.73 -37.05 13.46
N LEU B 468 18.07 -35.98 13.88
CA LEU B 468 18.64 -35.07 14.86
C LEU B 468 18.80 -35.75 16.21
N ASN B 469 19.89 -35.43 16.89
CA ASN B 469 20.17 -35.99 18.22
C ASN B 469 21.04 -35.01 18.98
N LEU B 470 20.57 -34.56 20.13
CA LEU B 470 21.29 -33.58 20.94
C LEU B 470 21.00 -33.84 22.41
N THR B 471 21.33 -32.87 23.26
CA THR B 471 21.14 -33.03 24.69
C THR B 471 19.66 -32.99 25.05
N GLU B 472 19.37 -33.38 26.30
CA GLU B 472 17.99 -33.39 26.78
C GLU B 472 17.40 -31.99 26.80
N ARG B 473 18.18 -31.00 27.22
CA ARG B 473 17.70 -29.63 27.22
C ARG B 473 17.38 -29.14 25.81
N GLN B 474 18.22 -29.50 24.85
CA GLN B 474 17.95 -29.14 23.46
C GLN B 474 16.67 -29.78 22.96
N GLN B 475 16.44 -31.04 23.31
CA GLN B 475 15.20 -31.71 22.91
C GLN B 475 13.99 -31.05 23.56
N LEU B 476 14.10 -30.67 24.84
CA LEU B 476 12.99 -30.02 25.51
C LEU B 476 12.68 -28.66 24.89
N ILE B 477 13.72 -27.89 24.58
CA ILE B 477 13.51 -26.59 23.94
C ILE B 477 13.05 -26.74 22.50
N ALA B 478 13.27 -27.91 21.89
CA ALA B 478 12.88 -28.16 20.52
C ALA B 478 11.45 -28.63 20.38
N ARG B 479 10.70 -28.72 21.48
CA ARG B 479 9.30 -29.14 21.41
C ARG B 479 8.46 -28.21 20.57
N GLN B 480 8.90 -26.97 20.37
CA GLN B 480 8.19 -25.99 19.55
C GLN B 480 8.93 -25.65 18.27
N ILE B 481 10.21 -25.27 18.38
CA ILE B 481 10.95 -24.84 17.19
C ILE B 481 11.12 -25.99 16.22
N LEU B 482 11.58 -27.14 16.71
CA LEU B 482 11.77 -28.30 15.83
C LEU B 482 10.44 -28.81 15.31
N LYS B 483 9.39 -28.76 16.11
CA LYS B 483 8.07 -29.18 15.64
C LYS B 483 7.59 -28.27 14.49
N GLU B 484 7.78 -26.97 14.63
CA GLU B 484 7.41 -26.05 13.55
C GLU B 484 8.27 -26.29 12.31
N ILE B 485 9.56 -26.56 12.50
CA ILE B 485 10.42 -26.85 11.36
C ILE B 485 9.95 -28.10 10.63
N ASN B 486 9.61 -29.16 11.39
CA ASN B 486 9.13 -30.38 10.77
C ASN B 486 7.81 -30.15 10.05
N ALA B 487 6.92 -29.35 10.64
CA ALA B 487 5.65 -29.05 9.98
C ALA B 487 5.88 -28.29 8.68
N ARG B 488 6.78 -27.31 8.69
CA ARG B 488 7.09 -26.57 7.47
C ARG B 488 7.68 -27.48 6.42
N LEU B 489 8.59 -28.37 6.81
CA LEU B 489 9.17 -29.30 5.86
C LEU B 489 8.11 -30.23 5.27
N GLY B 490 7.19 -30.71 6.12
CA GLY B 490 6.12 -31.55 5.61
C GLY B 490 5.20 -30.82 4.65
N PHE B 491 4.90 -29.55 4.95
CA PHE B 491 4.09 -28.76 4.03
C PHE B 491 4.80 -28.55 2.70
N LEU B 492 6.10 -28.27 2.76
CA LEU B 492 6.88 -28.12 1.52
C LEU B 492 6.90 -29.41 0.72
N VAL B 493 7.01 -30.56 1.40
CA VAL B 493 6.95 -31.84 0.72
C VAL B 493 5.59 -32.04 0.07
N ASP B 494 4.52 -31.70 0.79
CA ASP B 494 3.17 -31.80 0.23
C ASP B 494 3.00 -30.88 -0.97
N VAL B 495 3.73 -29.77 -1.00
CA VAL B 495 3.70 -28.91 -2.18
C VAL B 495 4.25 -29.64 -3.39
N GLY B 496 5.20 -30.55 -3.19
CA GLY B 496 5.75 -31.36 -4.25
C GLY B 496 7.00 -30.80 -4.91
N LEU B 497 7.40 -29.58 -4.57
CA LEU B 497 8.60 -28.97 -5.16
C LEU B 497 9.86 -29.44 -4.43
N ASP B 498 10.07 -30.76 -4.46
CA ASP B 498 11.24 -31.32 -3.80
C ASP B 498 12.53 -30.90 -4.49
N TYR B 499 12.47 -30.61 -5.78
CA TYR B 499 13.65 -30.18 -6.54
C TYR B 499 13.91 -28.69 -6.34
N LEU B 500 14.17 -28.33 -5.08
CA LEU B 500 14.44 -26.95 -4.73
C LEU B 500 15.39 -26.92 -3.54
N THR B 501 16.05 -25.78 -3.37
CA THR B 501 16.99 -25.58 -2.28
C THR B 501 16.62 -24.33 -1.50
N LEU B 502 16.81 -24.37 -0.19
CA LEU B 502 16.53 -23.21 0.64
C LEU B 502 17.43 -22.03 0.28
N ALA B 503 18.64 -22.32 -0.18
CA ALA B 503 19.59 -21.28 -0.58
C ALA B 503 19.48 -20.93 -2.06
N ARG B 504 18.56 -21.56 -2.80
CA ARG B 504 18.42 -21.27 -4.21
C ARG B 504 17.88 -19.85 -4.40
N ALA B 505 18.23 -19.25 -5.54
CA ALA B 505 17.79 -17.90 -5.85
C ALA B 505 16.28 -17.85 -5.98
N ALA B 506 15.67 -16.85 -5.33
CA ALA B 506 14.21 -16.72 -5.36
C ALA B 506 13.71 -16.43 -6.75
N GLY B 507 14.42 -15.60 -7.51
CA GLY B 507 13.94 -15.23 -8.83
C GLY B 507 13.93 -16.39 -9.81
N THR B 508 14.93 -17.27 -9.72
CA THR B 508 15.07 -18.40 -10.63
C THR B 508 14.05 -19.47 -10.27
N LEU B 509 12.82 -19.27 -10.71
CA LEU B 509 11.76 -20.23 -10.47
C LEU B 509 10.65 -20.02 -11.50
N SER B 510 9.85 -21.06 -11.69
CA SER B 510 8.73 -21.00 -12.62
C SER B 510 7.51 -20.38 -11.95
N GLY B 511 6.56 -19.94 -12.78
CA GLY B 511 5.34 -19.37 -12.25
C GLY B 511 4.53 -20.36 -11.43
N GLY B 512 4.39 -21.58 -11.93
CA GLY B 512 3.71 -22.61 -11.16
C GLY B 512 4.45 -22.95 -9.88
N GLU B 513 5.78 -22.98 -9.94
CA GLU B 513 6.57 -23.22 -8.74
C GLU B 513 6.36 -22.10 -7.72
N ALA B 514 6.30 -20.85 -8.20
CA ALA B 514 6.05 -19.73 -7.31
C ALA B 514 4.67 -19.84 -6.67
N GLN B 515 3.67 -20.22 -7.46
CA GLN B 515 2.32 -20.39 -6.91
C GLN B 515 2.29 -21.48 -5.85
N ARG B 516 2.96 -22.60 -6.12
CA ARG B 516 3.02 -23.69 -5.15
C ARG B 516 3.73 -23.24 -3.88
N ILE B 517 4.82 -22.48 -4.02
CA ILE B 517 5.55 -22.00 -2.85
C ILE B 517 4.69 -21.06 -2.03
N ARG B 518 3.97 -20.16 -2.70
CA ARG B 518 3.07 -19.26 -1.98
C ARG B 518 1.97 -20.04 -1.26
N LEU B 519 1.43 -21.07 -1.92
CA LEU B 519 0.42 -21.89 -1.27
C LEU B 519 0.97 -22.59 -0.04
N ALA B 520 2.20 -23.12 -0.14
CA ALA B 520 2.83 -23.77 1.00
C ALA B 520 3.05 -22.79 2.15
N THR B 521 3.51 -21.58 1.82
CA THR B 521 3.72 -20.57 2.85
C THR B 521 2.41 -20.20 3.52
N GLN B 522 1.34 -20.06 2.73
CA GLN B 522 0.03 -19.76 3.30
C GLN B 522 -0.45 -20.87 4.21
N ILE B 523 -0.24 -22.13 3.79
CA ILE B 523 -0.63 -23.27 4.63
C ILE B 523 0.15 -23.25 5.94
N GLY B 524 1.45 -22.95 5.87
CA GLY B 524 2.24 -22.86 7.08
C GLY B 524 1.81 -21.73 8.00
N SER B 525 1.33 -20.62 7.41
CA SER B 525 0.91 -19.49 8.24
C SER B 525 -0.28 -19.86 9.12
N GLY B 526 -1.25 -20.58 8.56
CA GLY B 526 -2.40 -21.02 9.31
C GLY B 526 -3.48 -19.98 9.53
N LEU B 527 -3.46 -18.88 8.78
CA LEU B 527 -4.49 -17.86 8.91
C LEU B 527 -5.79 -18.35 8.27
N MET B 528 -6.67 -18.94 9.07
CA MET B 528 -7.91 -19.52 8.56
C MET B 528 -9.02 -18.48 8.54
N GLY B 529 -10.21 -18.93 8.16
CA GLY B 529 -11.37 -18.04 8.11
C GLY B 529 -11.24 -16.94 7.08
N VAL B 530 -10.78 -17.26 5.88
CA VAL B 530 -10.62 -16.29 4.80
C VAL B 530 -11.07 -16.93 3.49
N ILE B 531 -10.97 -16.17 2.41
CA ILE B 531 -11.34 -16.62 1.07
C ILE B 531 -10.08 -16.69 0.23
N TYR B 532 -9.85 -17.85 -0.39
CA TYR B 532 -8.66 -18.09 -1.20
C TYR B 532 -9.08 -18.35 -2.63
N ILE B 533 -8.50 -17.60 -3.56
CA ILE B 533 -8.79 -17.73 -4.98
C ILE B 533 -7.47 -17.99 -5.70
N LEU B 534 -7.29 -19.23 -6.17
CA LEU B 534 -6.10 -19.62 -6.91
C LEU B 534 -6.43 -19.72 -8.40
N ASP B 535 -5.39 -19.97 -9.20
CA ASP B 535 -5.55 -20.06 -10.64
C ASP B 535 -4.68 -21.18 -11.19
N GLU B 536 -5.31 -22.10 -11.92
CA GLU B 536 -4.62 -23.19 -12.60
C GLU B 536 -3.63 -23.95 -11.71
N PRO B 537 -4.11 -24.60 -10.65
CA PRO B 537 -3.19 -25.41 -9.84
C PRO B 537 -2.60 -26.59 -10.61
N SER B 538 -3.35 -27.13 -11.57
CA SER B 538 -2.88 -28.31 -12.30
C SER B 538 -1.72 -27.98 -13.24
N ILE B 539 -1.64 -26.73 -13.70
CA ILE B 539 -0.58 -26.36 -14.64
C ILE B 539 0.77 -26.50 -13.96
N GLY B 540 1.71 -27.14 -14.65
CA GLY B 540 3.04 -27.33 -14.11
C GLY B 540 3.15 -28.46 -13.09
N LEU B 541 2.32 -29.49 -13.20
CA LEU B 541 2.37 -30.59 -12.24
C LEU B 541 2.05 -31.90 -12.95
N HIS B 542 2.58 -32.99 -12.40
CA HIS B 542 2.31 -34.34 -12.86
C HIS B 542 1.09 -34.90 -12.15
N GLN B 543 0.64 -36.08 -12.58
CA GLN B 543 -0.57 -36.68 -12.02
C GLN B 543 -0.45 -36.91 -10.52
N ARG B 544 0.69 -37.46 -10.08
CA ARG B 544 0.93 -37.60 -8.65
C ARG B 544 0.97 -36.25 -7.96
N ASP B 545 1.55 -35.24 -8.63
CA ASP B 545 1.52 -33.89 -8.10
C ASP B 545 0.09 -33.36 -8.02
N ASN B 546 -0.77 -33.74 -8.98
CA ASN B 546 -2.17 -33.37 -8.89
C ASN B 546 -2.83 -33.98 -7.66
N ASP B 547 -2.54 -35.25 -7.39
CA ASP B 547 -3.11 -35.88 -6.19
C ASP B 547 -2.61 -35.19 -4.93
N ARG B 548 -1.32 -34.87 -4.88
CA ARG B 548 -0.77 -34.17 -3.72
C ARG B 548 -1.40 -32.80 -3.55
N LEU B 549 -1.61 -32.07 -4.64
CA LEU B 549 -2.24 -30.76 -4.57
C LEU B 549 -3.68 -30.88 -4.11
N LEU B 550 -4.39 -31.90 -4.57
CA LEU B 550 -5.76 -32.11 -4.10
C LEU B 550 -5.79 -32.39 -2.61
N ARG B 551 -4.86 -33.22 -2.12
CA ARG B 551 -4.80 -33.49 -0.69
C ARG B 551 -4.48 -32.22 0.10
N SER B 552 -3.55 -31.41 -0.40
CA SER B 552 -3.20 -30.17 0.28
C SER B 552 -4.37 -29.20 0.31
N LEU B 553 -5.11 -29.10 -0.80
CA LEU B 553 -6.27 -28.24 -0.83
C LEU B 553 -7.35 -28.71 0.12
N LYS B 554 -7.54 -30.04 0.20
CA LYS B 554 -8.50 -30.58 1.16
C LYS B 554 -8.09 -30.25 2.59
N LYS B 555 -6.80 -30.37 2.90
CA LYS B 555 -6.31 -30.01 4.22
C LYS B 555 -6.57 -28.53 4.52
N LEU B 556 -6.23 -27.66 3.57
CA LEU B 556 -6.43 -26.23 3.78
C LEU B 556 -7.90 -25.89 3.98
N ARG B 557 -8.78 -26.56 3.24
CA ARG B 557 -10.22 -26.41 3.48
C ARG B 557 -10.59 -26.89 4.88
N ASP B 558 -9.96 -27.98 5.34
CA ASP B 558 -10.22 -28.46 6.69
C ASP B 558 -9.75 -27.47 7.73
N LEU B 559 -8.75 -26.65 7.41
CA LEU B 559 -8.31 -25.60 8.33
C LEU B 559 -9.40 -24.59 8.62
N GLY B 560 -10.44 -24.51 7.80
CA GLY B 560 -11.57 -23.65 8.08
C GLY B 560 -11.67 -22.40 7.25
N ASN B 561 -11.40 -22.51 5.94
CA ASN B 561 -11.57 -21.41 5.01
C ASN B 561 -12.27 -21.90 3.76
N THR B 562 -12.99 -20.99 3.10
CA THR B 562 -13.69 -21.31 1.86
C THR B 562 -12.80 -21.01 0.67
N LEU B 563 -12.63 -22.00 -0.20
CA LEU B 563 -11.73 -21.90 -1.33
C LEU B 563 -12.51 -21.90 -2.64
N LEU B 564 -12.12 -21.01 -3.55
CA LEU B 564 -12.68 -20.93 -4.89
C LEU B 564 -11.55 -21.12 -5.90
N VAL B 565 -11.53 -22.25 -6.57
CA VAL B 565 -10.50 -22.56 -7.56
C VAL B 565 -11.11 -22.58 -8.95
N VAL B 566 -10.30 -22.20 -9.93
CA VAL B 566 -10.67 -22.27 -11.35
C VAL B 566 -9.62 -23.12 -12.06
N GLU B 567 -10.08 -24.19 -12.71
CA GLU B 567 -9.19 -25.14 -13.35
C GLU B 567 -10.00 -26.01 -14.30
N HIS B 568 -9.38 -27.07 -14.81
CA HIS B 568 -10.06 -27.98 -15.72
C HIS B 568 -9.77 -29.45 -15.44
N ASP B 569 -8.99 -29.77 -14.41
CA ASP B 569 -8.67 -31.16 -14.10
C ASP B 569 -9.91 -31.90 -13.63
N GLU B 570 -10.16 -33.08 -14.21
CA GLU B 570 -11.35 -33.84 -13.86
C GLU B 570 -11.31 -34.30 -12.40
N ASP B 571 -10.12 -34.63 -11.88
CA ASP B 571 -10.00 -35.07 -10.51
C ASP B 571 -10.43 -33.98 -9.52
N THR B 572 -10.08 -32.73 -9.80
CA THR B 572 -10.51 -31.64 -8.92
C THR B 572 -12.03 -31.52 -8.90
N MET B 573 -12.67 -31.63 -10.07
CA MET B 573 -14.13 -31.59 -10.10
C MET B 573 -14.73 -32.76 -9.34
N TYR B 574 -14.14 -33.95 -9.48
CA TYR B 574 -14.65 -35.10 -8.74
C TYR B 574 -14.51 -34.89 -7.24
N ALA B 575 -13.40 -34.33 -6.79
CA ALA B 575 -13.20 -34.06 -5.37
C ALA B 575 -13.96 -32.82 -4.90
N SER B 576 -14.47 -32.00 -5.81
CA SER B 576 -15.19 -30.81 -5.44
C SER B 576 -16.59 -31.15 -4.93
N ASP B 577 -17.14 -30.23 -4.13
CA ASP B 577 -18.48 -30.39 -3.58
C ASP B 577 -19.53 -29.74 -4.48
N TYR B 578 -19.38 -28.45 -4.75
CA TYR B 578 -20.29 -27.71 -5.61
C TYR B 578 -19.53 -27.17 -6.82
N ILE B 579 -20.14 -27.27 -7.99
CA ILE B 579 -19.54 -26.85 -9.24
C ILE B 579 -20.44 -25.79 -9.86
N ILE B 580 -19.84 -24.67 -10.27
CA ILE B 580 -20.54 -23.58 -10.93
C ILE B 580 -20.06 -23.53 -12.36
N ASP B 581 -20.98 -23.65 -13.31
CA ASP B 581 -20.68 -23.62 -14.74
C ASP B 581 -21.42 -22.47 -15.39
N LEU B 582 -20.68 -21.63 -16.12
CA LEU B 582 -21.25 -20.50 -16.83
C LEU B 582 -21.02 -20.69 -18.33
N GLY B 583 -22.06 -20.48 -19.12
CA GLY B 583 -21.98 -20.63 -20.54
C GLY B 583 -23.24 -20.14 -21.24
N PRO B 584 -23.64 -20.85 -22.31
CA PRO B 584 -23.02 -22.04 -22.89
C PRO B 584 -21.84 -21.67 -23.77
N GLY B 585 -21.91 -20.53 -24.45
CA GLY B 585 -20.84 -20.06 -25.30
C GLY B 585 -19.96 -19.04 -24.62
N ALA B 586 -19.42 -18.13 -25.42
CA ALA B 586 -18.56 -17.06 -24.92
C ALA B 586 -19.03 -15.74 -25.49
N GLY B 587 -18.79 -14.67 -24.72
CA GLY B 587 -19.24 -13.36 -25.15
C GLY B 587 -20.76 -13.30 -25.19
N SER B 588 -21.30 -12.89 -26.35
CA SER B 588 -22.74 -12.83 -26.50
C SER B 588 -23.40 -14.20 -26.52
N HIS B 589 -22.63 -15.26 -26.77
CA HIS B 589 -23.16 -16.61 -26.80
C HIS B 589 -23.19 -17.27 -25.42
N GLY B 590 -22.65 -16.61 -24.40
CA GLY B 590 -22.64 -17.18 -23.06
C GLY B 590 -22.97 -16.15 -21.99
N GLY B 591 -22.26 -16.24 -20.85
CA GLY B 591 -22.47 -15.29 -19.78
C GLY B 591 -23.63 -15.58 -18.86
N GLN B 592 -24.21 -16.78 -18.93
CA GLN B 592 -25.33 -17.16 -18.08
C GLN B 592 -25.00 -18.45 -17.35
N ILE B 593 -25.48 -18.57 -16.11
CA ILE B 593 -25.23 -19.75 -15.30
C ILE B 593 -25.99 -20.92 -15.90
N VAL B 594 -25.26 -21.90 -16.43
CA VAL B 594 -25.88 -23.05 -17.05
C VAL B 594 -26.59 -23.90 -16.00
N ALA B 595 -25.90 -24.21 -14.91
CA ALA B 595 -26.45 -25.06 -13.86
C ALA B 595 -25.57 -24.94 -12.62
N GLU B 596 -26.05 -25.51 -11.52
CA GLU B 596 -25.32 -25.52 -10.27
C GLU B 596 -25.68 -26.79 -9.49
N GLY B 597 -24.81 -27.17 -8.56
CA GLY B 597 -25.02 -28.33 -7.74
C GLY B 597 -23.77 -29.18 -7.69
N THR B 598 -23.97 -30.47 -7.37
CA THR B 598 -22.87 -31.41 -7.25
C THR B 598 -22.54 -32.01 -8.62
N VAL B 599 -21.54 -32.90 -8.64
CA VAL B 599 -21.07 -33.45 -9.90
C VAL B 599 -22.12 -34.39 -10.49
N GLU B 600 -22.82 -35.13 -9.64
CA GLU B 600 -23.78 -36.13 -10.12
C GLU B 600 -24.90 -35.47 -10.91
N GLU B 601 -25.55 -34.47 -10.31
CA GLU B 601 -26.61 -33.77 -11.00
C GLU B 601 -26.09 -32.89 -12.13
N ILE B 602 -24.82 -32.48 -12.06
CA ILE B 602 -24.21 -31.79 -13.19
C ILE B 602 -24.13 -32.72 -14.39
N LYS B 603 -23.72 -33.97 -14.16
CA LYS B 603 -23.75 -34.97 -15.23
C LYS B 603 -25.16 -35.24 -15.70
N GLN B 604 -26.12 -35.30 -14.77
CA GLN B 604 -27.52 -35.47 -15.15
C GLN B 604 -28.05 -34.29 -15.94
N ASN B 605 -27.46 -33.11 -15.77
CA ASN B 605 -27.90 -31.94 -16.51
C ASN B 605 -27.48 -32.04 -17.96
N PRO B 606 -28.40 -31.95 -18.92
CA PRO B 606 -28.04 -32.05 -20.34
C PRO B 606 -27.73 -30.73 -21.03
N ASN B 607 -27.64 -29.62 -20.29
CA ASN B 607 -27.41 -28.31 -20.88
C ASN B 607 -26.04 -27.75 -20.55
N SER B 608 -25.18 -28.53 -19.90
CA SER B 608 -23.85 -28.09 -19.50
C SER B 608 -22.81 -28.74 -20.41
N VAL B 609 -21.97 -27.92 -21.03
CA VAL B 609 -20.90 -28.46 -21.87
C VAL B 609 -19.87 -29.21 -21.03
N THR B 610 -19.59 -28.72 -19.83
CA THR B 610 -18.72 -29.45 -18.91
C THR B 610 -19.32 -30.80 -18.54
N GLY B 611 -20.63 -30.82 -18.25
CA GLY B 611 -21.29 -32.10 -18.00
C GLY B 611 -21.30 -32.99 -19.23
N GLU B 612 -21.43 -32.40 -20.41
CA GLU B 612 -21.37 -33.17 -21.64
C GLU B 612 -20.01 -33.86 -21.81
N TYR B 613 -18.94 -33.13 -21.53
CA TYR B 613 -17.61 -33.74 -21.60
C TYR B 613 -17.42 -34.78 -20.50
N LEU B 614 -17.96 -34.52 -19.31
CA LEU B 614 -17.84 -35.49 -18.23
C LEU B 614 -18.57 -36.79 -18.53
N SER B 615 -19.75 -36.70 -19.17
CA SER B 615 -20.54 -37.87 -19.49
C SER B 615 -19.89 -38.77 -20.54
N GLY B 616 -18.89 -38.27 -21.26
CA GLY B 616 -18.23 -39.07 -22.27
C GLY B 616 -18.92 -39.10 -23.61
N ARG B 617 -19.95 -38.27 -23.82
CA ARG B 617 -20.59 -38.22 -25.13
C ARG B 617 -19.62 -37.76 -26.20
N LYS B 618 -18.82 -36.74 -25.91
CA LYS B 618 -17.74 -36.30 -26.78
C LYS B 618 -16.42 -36.59 -26.10
N LYS B 619 -15.59 -37.41 -26.73
CA LYS B 619 -14.33 -37.84 -26.16
C LYS B 619 -13.22 -37.74 -27.20
N ILE B 620 -12.00 -37.60 -26.71
CA ILE B 620 -10.82 -37.50 -27.58
C ILE B 620 -10.47 -38.92 -28.02
N GLU B 621 -10.79 -39.25 -29.26
CA GLU B 621 -10.48 -40.57 -29.79
C GLU B 621 -8.99 -40.68 -30.08
N VAL B 622 -8.38 -41.78 -29.61
CA VAL B 622 -6.95 -42.00 -29.89
C VAL B 622 -6.77 -42.21 -31.39
N PRO B 623 -5.73 -41.65 -32.00
CA PRO B 623 -5.54 -41.83 -33.45
C PRO B 623 -5.35 -43.29 -33.81
N LYS B 624 -5.95 -43.69 -34.94
CA LYS B 624 -5.79 -45.06 -35.41
C LYS B 624 -4.43 -45.30 -36.03
N GLU B 625 -3.82 -44.27 -36.61
CA GLU B 625 -2.50 -44.37 -37.21
C GLU B 625 -1.63 -43.23 -36.71
N ARG B 626 -0.33 -43.50 -36.63
CA ARG B 626 0.64 -42.53 -36.17
C ARG B 626 1.71 -42.33 -37.24
N ARG B 627 2.11 -41.08 -37.43
CA ARG B 627 3.12 -40.76 -38.43
C ARG B 627 4.49 -41.29 -38.01
N LYS B 628 5.39 -41.38 -38.98
CA LYS B 628 6.73 -41.89 -38.77
C LYS B 628 7.75 -40.89 -39.29
N PRO B 629 8.94 -40.86 -38.71
CA PRO B 629 9.97 -39.92 -39.17
C PRO B 629 10.40 -40.20 -40.60
N ASN B 630 10.77 -39.13 -41.30
CA ASN B 630 11.21 -39.22 -42.70
C ASN B 630 12.73 -39.19 -42.82
N GLY B 631 13.44 -39.54 -41.75
CA GLY B 631 14.89 -39.55 -41.78
C GLY B 631 15.57 -38.24 -41.49
N LYS B 632 14.80 -37.17 -41.26
CA LYS B 632 15.36 -35.86 -40.94
C LYS B 632 15.34 -35.69 -39.43
N TRP B 633 16.52 -35.64 -38.82
CA TRP B 633 16.66 -35.58 -37.38
C TRP B 633 17.57 -34.43 -36.97
N LEU B 634 17.33 -33.90 -35.78
CA LEU B 634 18.19 -32.91 -35.15
C LEU B 634 18.86 -33.55 -33.94
N GLU B 635 20.19 -33.50 -33.90
CA GLU B 635 20.96 -34.20 -32.89
C GLU B 635 21.56 -33.19 -31.92
N ILE B 636 21.24 -33.34 -30.64
CA ILE B 636 21.85 -32.57 -29.56
C ILE B 636 22.42 -33.54 -28.55
N ILE B 637 23.74 -33.52 -28.37
CA ILE B 637 24.43 -34.49 -27.53
C ILE B 637 25.40 -33.76 -26.61
N GLY B 638 25.45 -34.18 -25.35
CA GLY B 638 26.41 -33.67 -24.40
C GLY B 638 26.03 -32.38 -23.71
N ALA B 639 24.80 -31.89 -23.91
CA ALA B 639 24.37 -30.67 -23.23
C ALA B 639 24.23 -30.93 -21.73
N ARG B 640 24.84 -30.06 -20.93
CA ARG B 640 24.84 -30.19 -19.48
C ARG B 640 24.36 -28.92 -18.79
N GLU B 641 23.46 -28.19 -19.43
CA GLU B 641 22.95 -26.96 -18.86
C GLU B 641 22.00 -27.25 -17.69
N ASN B 642 22.04 -26.39 -16.68
CA ASN B 642 21.20 -26.48 -15.48
C ASN B 642 21.46 -27.81 -14.81
N ASN B 643 20.48 -28.69 -14.67
CA ASN B 643 20.65 -29.98 -13.99
C ASN B 643 20.88 -31.12 -14.96
N LEU B 644 21.02 -30.84 -16.25
CA LEU B 644 21.27 -31.90 -17.21
C LEU B 644 22.65 -32.50 -17.01
N LYS B 645 22.73 -33.82 -16.95
CA LYS B 645 24.00 -34.52 -16.74
C LYS B 645 24.56 -35.02 -18.07
N ASN B 646 24.88 -34.07 -18.94
CA ASN B 646 25.46 -34.33 -20.25
C ASN B 646 24.61 -35.32 -21.04
N ILE B 647 23.36 -34.92 -21.27
CA ILE B 647 22.37 -35.77 -21.90
C ILE B 647 22.46 -35.65 -23.42
N ASN B 648 22.22 -36.75 -24.10
CA ASN B 648 22.16 -36.80 -25.56
C ASN B 648 20.74 -37.18 -25.98
N VAL B 649 20.12 -36.35 -26.80
CA VAL B 649 18.74 -36.53 -27.22
C VAL B 649 18.68 -36.48 -28.74
N ARG B 650 17.98 -37.45 -29.33
CA ARG B 650 17.73 -37.46 -30.77
C ARG B 650 16.30 -37.01 -31.01
N ILE B 651 16.15 -35.80 -31.54
CA ILE B 651 14.85 -35.17 -31.73
C ILE B 651 14.53 -35.20 -33.22
N PRO B 652 13.58 -36.02 -33.67
CA PRO B 652 13.17 -36.00 -35.08
C PRO B 652 12.31 -34.79 -35.39
N LEU B 653 12.30 -34.42 -36.67
CA LEU B 653 11.55 -33.28 -37.16
C LEU B 653 10.66 -33.72 -38.31
N GLY B 654 9.38 -33.33 -38.26
CA GLY B 654 8.45 -33.67 -39.31
C GLY B 654 7.21 -34.38 -38.81
N VAL B 655 7.07 -34.48 -37.49
CA VAL B 655 5.93 -35.13 -36.86
C VAL B 655 5.55 -34.35 -35.61
N PHE B 656 4.37 -34.67 -35.07
CA PHE B 656 3.87 -34.01 -33.87
C PHE B 656 4.45 -34.67 -32.62
N THR B 657 5.77 -34.62 -32.51
CA THR B 657 6.48 -35.15 -31.37
C THR B 657 6.37 -34.19 -30.19
N CYS B 658 6.63 -34.71 -29.00
CA CYS B 658 6.53 -33.92 -27.78
C CYS B 658 7.49 -34.49 -26.74
N ILE B 659 7.83 -33.64 -25.77
CA ILE B 659 8.68 -34.01 -24.65
C ILE B 659 7.92 -33.74 -23.36
N THR B 660 7.88 -34.72 -22.47
CA THR B 660 7.14 -34.61 -21.22
C THR B 660 7.83 -35.40 -20.14
N GLY B 661 7.51 -35.07 -18.90
CA GLY B 661 8.10 -35.75 -17.76
C GLY B 661 7.50 -35.25 -16.48
N VAL B 662 8.15 -35.60 -15.37
CA VAL B 662 7.67 -35.15 -14.06
C VAL B 662 7.90 -33.65 -13.91
N SER B 663 7.23 -33.07 -12.92
CA SER B 663 7.36 -31.64 -12.67
C SER B 663 8.77 -31.31 -12.20
N GLY B 664 9.31 -30.21 -12.72
CA GLY B 664 10.65 -29.78 -12.33
C GLY B 664 11.78 -30.63 -12.86
N SER B 665 11.55 -31.43 -13.90
CA SER B 665 12.63 -32.27 -14.43
C SER B 665 13.70 -31.43 -15.13
N GLY B 666 13.36 -30.24 -15.61
CA GLY B 666 14.31 -29.39 -16.29
C GLY B 666 14.41 -29.58 -17.79
N ALA B 667 13.72 -30.57 -18.34
CA ALA B 667 13.74 -30.77 -19.79
C ALA B 667 13.14 -29.58 -20.52
N SER B 668 12.03 -29.04 -19.99
CA SER B 668 11.46 -27.82 -20.56
C SER B 668 12.43 -26.66 -20.46
N SER B 669 13.14 -26.56 -19.34
CA SER B 669 14.16 -25.52 -19.21
C SER B 669 15.25 -25.71 -20.25
N LEU B 670 15.68 -26.96 -20.48
CA LEU B 670 16.69 -27.22 -21.50
C LEU B 670 16.20 -26.78 -22.87
N ILE B 671 14.96 -27.13 -23.21
CA ILE B 671 14.42 -26.76 -24.52
C ILE B 671 14.34 -25.24 -24.65
N ASN B 672 13.91 -24.56 -23.60
CA ASN B 672 13.72 -23.12 -23.65
C ASN B 672 15.04 -22.35 -23.60
N GLU B 673 16.12 -22.98 -23.10
CA GLU B 673 17.37 -22.27 -22.87
C GLU B 673 18.50 -22.66 -23.81
N ILE B 674 18.39 -23.78 -24.53
CA ILE B 674 19.49 -24.22 -25.37
C ILE B 674 19.03 -24.34 -26.82
N LEU B 675 18.05 -25.21 -27.07
CA LEU B 675 17.65 -25.50 -28.45
C LEU B 675 17.06 -24.27 -29.13
N TYR B 676 16.14 -23.59 -28.44
CA TYR B 676 15.52 -22.40 -29.03
C TYR B 676 16.55 -21.31 -29.27
N LYS B 677 17.45 -21.09 -28.31
CA LYS B 677 18.46 -20.05 -28.47
C LYS B 677 19.38 -20.36 -29.65
N ARG B 678 19.82 -21.62 -29.76
CA ARG B 678 20.69 -22.00 -30.87
C ARG B 678 20.00 -21.84 -32.20
N LEU B 679 18.73 -22.28 -32.29
CA LEU B 679 18.00 -22.15 -33.54
C LEU B 679 17.78 -20.69 -33.92
N ALA B 680 17.45 -19.85 -32.93
CA ALA B 680 17.24 -18.44 -33.21
C ALA B 680 18.53 -17.78 -33.68
N ALA B 681 19.65 -18.08 -33.01
CA ALA B 681 20.93 -17.50 -33.40
C ALA B 681 21.32 -17.97 -34.80
N GLU B 682 21.04 -19.23 -35.13
CA GLU B 682 21.42 -19.76 -36.43
C GLU B 682 20.60 -19.16 -37.56
N LEU B 683 19.28 -19.10 -37.38
CA LEU B 683 18.39 -18.71 -38.47
C LEU B 683 17.95 -17.25 -38.39
N ASN B 684 17.33 -16.85 -37.29
CA ASN B 684 16.74 -15.52 -37.17
C ASN B 684 17.73 -14.48 -36.70
N ARG B 685 18.99 -14.85 -36.45
CA ARG B 685 20.05 -13.91 -36.06
C ARG B 685 19.68 -13.19 -34.77
N ALA B 686 19.53 -13.97 -33.70
CA ALA B 686 19.27 -13.44 -32.37
C ALA B 686 20.55 -13.52 -31.55
N SER B 687 20.98 -12.38 -31.01
CA SER B 687 22.24 -12.28 -30.28
C SER B 687 21.97 -12.43 -28.79
N VAL B 688 21.70 -13.66 -28.37
CA VAL B 688 21.51 -14.02 -26.97
C VAL B 688 22.39 -15.22 -26.66
N LYS B 689 23.16 -15.13 -25.58
CA LYS B 689 24.07 -16.21 -25.22
C LYS B 689 23.28 -17.41 -24.72
N PRO B 690 23.42 -18.58 -25.33
CA PRO B 690 22.69 -19.77 -24.84
C PRO B 690 23.43 -20.44 -23.69
N GLY B 691 22.90 -21.58 -23.24
CA GLY B 691 23.52 -22.36 -22.19
C GLY B 691 24.53 -23.36 -22.72
N GLU B 692 24.70 -24.45 -21.97
CA GLU B 692 25.62 -25.49 -22.39
C GLU B 692 25.13 -26.15 -23.67
N HIS B 693 26.03 -26.28 -24.65
CA HIS B 693 25.67 -26.87 -25.94
C HIS B 693 26.96 -27.35 -26.61
N ASP B 694 27.08 -28.65 -26.80
CA ASP B 694 28.27 -29.20 -27.43
C ASP B 694 28.18 -29.10 -28.95
N LEU B 695 27.18 -29.72 -29.55
CA LEU B 695 27.01 -29.69 -31.00
C LEU B 695 25.53 -29.90 -31.34
N ILE B 696 25.12 -29.31 -32.45
CA ILE B 696 23.76 -29.46 -32.96
C ILE B 696 23.84 -29.87 -34.42
N LYS B 697 23.14 -30.94 -34.78
CA LYS B 697 23.13 -31.48 -36.13
C LYS B 697 21.75 -31.29 -36.76
N GLY B 698 21.70 -31.51 -38.07
CA GLY B 698 20.46 -31.33 -38.80
C GLY B 698 20.06 -29.89 -39.00
N ILE B 699 21.01 -28.96 -38.94
CA ILE B 699 20.68 -27.55 -39.07
C ILE B 699 20.14 -27.22 -40.46
N GLU B 700 20.66 -27.89 -41.49
CA GLU B 700 20.25 -27.58 -42.85
C GLU B 700 18.83 -28.06 -43.16
N TYR B 701 18.27 -28.93 -42.31
CA TYR B 701 16.92 -29.43 -42.56
C TYR B 701 15.88 -28.32 -42.45
N LEU B 702 15.99 -27.48 -41.42
CA LEU B 702 15.03 -26.41 -41.18
C LEU B 702 15.60 -25.08 -41.65
N ASP B 703 14.68 -24.15 -41.94
CA ASP B 703 15.05 -22.82 -42.42
C ASP B 703 14.63 -21.71 -41.48
N LYS B 704 13.38 -21.74 -41.01
CA LYS B 704 12.85 -20.69 -40.13
C LYS B 704 12.21 -21.33 -38.91
N VAL B 705 12.34 -20.65 -37.76
CA VAL B 705 11.80 -21.12 -36.50
C VAL B 705 11.03 -19.98 -35.85
N ILE B 706 9.88 -20.31 -35.26
CA ILE B 706 9.03 -19.32 -34.60
C ILE B 706 8.67 -19.83 -33.20
N ASP B 707 8.26 -18.90 -32.35
CA ASP B 707 7.91 -19.20 -30.97
C ASP B 707 6.47 -18.81 -30.69
N ILE B 708 5.84 -19.56 -29.79
CA ILE B 708 4.47 -19.29 -29.37
C ILE B 708 4.46 -19.12 -27.87
N ASP B 709 4.08 -17.93 -27.40
CA ASP B 709 4.07 -17.63 -25.97
C ASP B 709 2.74 -17.03 -25.56
N GLN B 710 2.64 -16.60 -24.30
CA GLN B 710 1.43 -15.98 -23.77
C GLN B 710 1.54 -14.46 -23.70
N SER B 711 2.57 -13.89 -24.32
CA SER B 711 2.75 -12.45 -24.29
C SER B 711 1.65 -11.76 -25.10
N PRO B 712 1.25 -10.54 -24.69
CA PRO B 712 0.22 -9.82 -25.44
C PRO B 712 0.68 -9.47 -26.85
N ILE B 713 -0.26 -9.42 -27.77
CA ILE B 713 0.05 -9.09 -29.15
C ILE B 713 0.60 -7.67 -29.26
N GLY B 714 -0.04 -6.72 -28.59
CA GLY B 714 0.38 -5.34 -28.64
C GLY B 714 0.00 -4.53 -27.42
N ARG B 715 0.94 -3.74 -26.92
CA ARG B 715 0.72 -2.90 -25.75
C ARG B 715 0.14 -1.54 -26.09
N THR B 716 -0.05 -1.23 -27.37
CA THR B 716 -0.57 0.05 -27.79
C THR B 716 -2.01 -0.09 -28.26
N PRO B 717 -2.83 0.95 -28.05
CA PRO B 717 -4.21 0.91 -28.58
C PRO B 717 -4.32 1.24 -30.05
N ARG B 718 -3.21 1.52 -30.72
CA ARG B 718 -3.21 1.80 -32.15
C ARG B 718 -3.32 0.54 -32.99
N SER B 719 -3.29 -0.64 -32.38
CA SER B 719 -3.35 -1.91 -33.09
C SER B 719 -4.64 -2.64 -32.76
N ASN B 720 -5.14 -3.39 -33.75
CA ASN B 720 -6.36 -4.17 -33.63
C ASN B 720 -6.12 -5.57 -34.17
N PRO B 721 -6.90 -6.56 -33.71
CA PRO B 721 -6.72 -7.92 -34.24
C PRO B 721 -6.93 -8.01 -35.75
N ALA B 722 -7.82 -7.18 -36.31
CA ALA B 722 -7.98 -7.15 -37.76
C ALA B 722 -6.70 -6.68 -38.43
N THR B 723 -6.04 -5.68 -37.85
CA THR B 723 -4.74 -5.24 -38.37
C THR B 723 -3.69 -6.33 -38.23
N TYR B 724 -3.71 -7.05 -37.10
CA TYR B 724 -2.74 -8.12 -36.89
C TYR B 724 -2.91 -9.22 -37.93
N THR B 725 -4.15 -9.60 -38.20
CA THR B 725 -4.41 -10.64 -39.19
C THR B 725 -4.30 -10.12 -40.63
N GLY B 726 -4.33 -8.81 -40.81
CA GLY B 726 -4.19 -8.22 -42.12
C GLY B 726 -5.47 -8.14 -42.93
N VAL B 727 -6.61 -8.55 -42.38
CA VAL B 727 -7.87 -8.46 -43.11
C VAL B 727 -8.24 -7.00 -43.37
N PHE B 728 -7.78 -6.08 -42.52
CA PHE B 728 -8.10 -4.67 -42.71
C PHE B 728 -7.54 -4.15 -44.03
N ASP B 729 -6.38 -4.66 -44.46
CA ASP B 729 -5.82 -4.23 -45.74
C ASP B 729 -6.71 -4.66 -46.90
N PHE B 730 -7.21 -5.90 -46.87
CA PHE B 730 -8.12 -6.35 -47.92
C PHE B 730 -9.43 -5.57 -47.88
N ILE B 731 -9.93 -5.26 -46.68
CA ILE B 731 -11.15 -4.47 -46.57
C ILE B 731 -10.94 -3.09 -47.16
N ARG B 732 -9.78 -2.47 -46.88
CA ARG B 732 -9.49 -1.16 -47.43
C ARG B 732 -9.38 -1.21 -48.95
N GLU B 733 -8.76 -2.26 -49.48
CA GLU B 733 -8.68 -2.41 -50.93
C GLU B 733 -10.06 -2.55 -51.55
N ILE B 734 -10.92 -3.36 -50.93
CA ILE B 734 -12.28 -3.54 -51.43
C ILE B 734 -13.03 -2.22 -51.41
N PHE B 735 -12.89 -1.46 -50.33
CA PHE B 735 -13.54 -0.15 -50.25
C PHE B 735 -13.01 0.80 -51.31
N ALA B 736 -11.69 0.75 -51.57
CA ALA B 736 -11.12 1.59 -52.61
C ALA B 736 -11.61 1.20 -54.00
N ASN B 737 -11.91 -0.08 -54.20
CA ASN B 737 -12.43 -0.53 -55.49
C ASN B 737 -13.86 -0.07 -55.76
N THR B 738 -14.52 0.50 -54.76
CA THR B 738 -15.90 0.95 -54.94
C THR B 738 -15.98 2.09 -55.94
N THR B 739 -17.05 2.09 -56.74
CA THR B 739 -17.24 3.14 -57.74
C THR B 739 -17.45 4.50 -57.08
N GLU B 740 -18.20 4.53 -55.97
CA GLU B 740 -18.41 5.77 -55.24
C GLU B 740 -17.10 6.32 -54.70
N ALA B 741 -16.23 5.44 -54.18
CA ALA B 741 -14.93 5.88 -53.70
C ALA B 741 -14.08 6.43 -54.84
N LYS B 742 -14.13 5.79 -56.01
CA LYS B 742 -13.38 6.29 -57.16
C LYS B 742 -13.90 7.65 -57.59
N THR B 743 -15.22 7.84 -57.59
CA THR B 743 -15.79 9.14 -57.91
C THR B 743 -15.37 10.20 -56.91
N ARG B 744 -15.36 9.86 -55.62
CA ARG B 744 -14.91 10.80 -54.60
C ARG B 744 -13.40 11.01 -54.63
N GLY B 745 -12.66 10.12 -55.27
CA GLY B 745 -11.22 10.25 -55.34
C GLY B 745 -10.48 9.93 -54.07
N TYR B 746 -11.14 9.30 -53.10
CA TYR B 746 -10.48 8.98 -51.83
C TYR B 746 -9.42 7.91 -52.03
N LYS B 747 -8.25 8.13 -51.44
CA LYS B 747 -7.18 7.15 -51.54
C LYS B 747 -7.49 5.94 -50.67
N ALA B 748 -6.85 4.81 -51.01
CA ALA B 748 -7.04 3.60 -50.23
C ALA B 748 -6.53 3.76 -48.80
N GLY B 749 -5.53 4.62 -48.59
CA GLY B 749 -5.03 4.85 -47.26
C GLY B 749 -5.98 5.60 -46.37
N ARG B 750 -6.92 6.36 -46.94
CA ARG B 750 -7.87 7.11 -46.13
C ARG B 750 -8.76 6.17 -45.32
N PHE B 751 -9.01 4.96 -45.83
CA PHE B 751 -9.79 3.96 -45.10
C PHE B 751 -8.90 3.24 -44.07
N SER B 752 -8.30 4.03 -43.19
CA SER B 752 -7.43 3.50 -42.15
C SER B 752 -7.28 4.55 -41.06
N PHE B 753 -7.51 4.14 -39.81
CA PHE B 753 -7.47 5.08 -38.70
C PHE B 753 -6.05 5.37 -38.22
N ASN B 754 -5.07 4.56 -38.61
CA ASN B 754 -3.74 4.68 -38.03
C ASN B 754 -3.04 5.98 -38.43
N VAL B 755 -3.40 6.54 -39.58
CA VAL B 755 -2.71 7.70 -40.11
C VAL B 755 -3.71 8.83 -40.35
N LYS B 756 -3.19 10.06 -40.34
CA LYS B 756 -4.03 11.22 -40.58
C LYS B 756 -4.51 11.25 -42.02
N GLY B 757 -5.61 11.98 -42.24
CA GLY B 757 -6.23 12.08 -43.54
C GLY B 757 -7.72 11.81 -43.47
N GLY B 758 -8.11 10.88 -42.62
CA GLY B 758 -9.51 10.57 -42.40
C GLY B 758 -9.86 10.45 -40.93
N ARG B 759 -8.85 10.43 -40.06
CA ARG B 759 -9.07 10.26 -38.64
C ARG B 759 -9.62 11.53 -38.01
N CYS B 760 -10.30 11.36 -36.88
CA CYS B 760 -10.84 12.48 -36.13
C CYS B 760 -9.70 13.25 -35.46
N GLU B 761 -9.51 14.50 -35.88
CA GLU B 761 -8.40 15.30 -35.35
C GLU B 761 -8.60 15.66 -33.88
N ALA B 762 -9.82 15.59 -33.36
CA ALA B 762 -10.06 15.94 -31.97
C ALA B 762 -9.34 14.99 -31.03
N CYS B 763 -9.49 13.68 -31.25
CA CYS B 763 -8.86 12.67 -30.42
C CYS B 763 -7.68 12.00 -31.12
N ALA B 764 -7.32 12.46 -32.32
CA ALA B 764 -6.25 11.87 -33.12
C ALA B 764 -6.50 10.39 -33.39
N GLY B 765 -7.78 10.01 -33.42
CA GLY B 765 -8.17 8.63 -33.63
C GLY B 765 -8.14 7.75 -32.40
N ASP B 766 -7.72 8.27 -31.25
CA ASP B 766 -7.68 7.47 -30.04
C ASP B 766 -9.07 7.11 -29.55
N GLY B 767 -10.03 8.01 -29.74
CA GLY B 767 -11.39 7.78 -29.29
C GLY B 767 -11.66 8.14 -27.84
N ILE B 768 -10.65 8.62 -27.11
CA ILE B 768 -10.80 8.99 -25.72
C ILE B 768 -10.17 10.37 -25.50
N ASN B 769 -10.60 11.02 -24.43
CA ASN B 769 -10.10 12.33 -24.06
C ASN B 769 -9.64 12.30 -22.61
N LYS B 770 -8.61 13.09 -22.32
CA LYS B 770 -8.02 13.15 -20.99
C LYS B 770 -8.48 14.42 -20.28
N ILE B 771 -9.04 14.25 -19.08
CA ILE B 771 -9.51 15.37 -18.27
C ILE B 771 -8.76 15.31 -16.94
N GLU B 772 -8.21 16.45 -16.53
CA GLU B 772 -7.39 16.53 -15.33
C GLU B 772 -8.11 17.34 -14.26
N MET B 773 -8.10 16.83 -13.03
CA MET B 773 -8.66 17.51 -11.88
C MET B 773 -7.56 17.77 -10.86
N HIS B 774 -7.78 18.79 -10.03
CA HIS B 774 -6.75 19.19 -9.07
C HIS B 774 -6.47 18.08 -8.06
N PHE B 775 -7.52 17.43 -7.56
CA PHE B 775 -7.37 16.41 -6.52
C PHE B 775 -7.74 15.01 -7.02
N LEU B 776 -7.81 14.82 -8.33
CA LEU B 776 -8.15 13.52 -8.89
C LEU B 776 -7.16 13.15 -9.98
N PRO B 777 -6.93 11.85 -10.19
CA PRO B 777 -6.03 11.43 -11.27
C PRO B 777 -6.61 11.65 -12.65
N ASP B 778 -5.88 11.23 -13.68
CA ASP B 778 -6.36 11.39 -15.05
C ASP B 778 -7.61 10.56 -15.28
N ILE B 779 -8.56 11.13 -16.03
CA ILE B 779 -9.83 10.48 -16.31
C ILE B 779 -10.01 10.39 -17.82
N TYR B 780 -10.41 9.21 -18.30
CA TYR B 780 -10.61 8.97 -19.72
C TYR B 780 -12.10 8.91 -20.02
N VAL B 781 -12.54 9.66 -21.02
CA VAL B 781 -13.94 9.69 -21.43
C VAL B 781 -14.02 9.58 -22.94
N PRO B 782 -15.10 9.02 -23.49
CA PRO B 782 -15.22 8.92 -24.95
C PRO B 782 -15.20 10.29 -25.61
N CYS B 783 -14.58 10.35 -26.78
CA CYS B 783 -14.49 11.61 -27.51
C CYS B 783 -15.85 11.96 -28.11
N GLU B 784 -16.34 13.17 -27.80
CA GLU B 784 -17.66 13.57 -28.23
C GLU B 784 -17.71 13.94 -29.71
N VAL B 785 -16.60 14.45 -30.26
CA VAL B 785 -16.60 14.94 -31.63
C VAL B 785 -16.90 13.80 -32.61
N CYS B 786 -16.27 12.65 -32.41
CA CYS B 786 -16.43 11.49 -33.28
C CYS B 786 -17.23 10.36 -32.63
N LYS B 787 -17.62 10.51 -31.36
CA LYS B 787 -18.50 9.56 -30.67
C LYS B 787 -17.93 8.14 -30.68
N GLY B 788 -16.60 8.01 -30.70
CA GLY B 788 -15.95 6.72 -30.68
C GLY B 788 -15.88 6.02 -32.02
N LYS B 789 -16.40 6.63 -33.09
CA LYS B 789 -16.32 6.03 -34.42
C LYS B 789 -14.92 6.11 -35.01
N ARG B 790 -14.11 7.07 -34.57
CA ARG B 790 -12.72 7.20 -35.00
C ARG B 790 -12.62 7.36 -36.51
N TYR B 791 -13.54 8.13 -37.09
CA TYR B 791 -13.54 8.39 -38.52
C TYR B 791 -14.20 9.74 -38.77
N ASN B 792 -13.71 10.44 -39.78
CA ASN B 792 -14.30 11.71 -40.17
C ASN B 792 -15.69 11.48 -40.77
N ARG B 793 -16.56 12.49 -40.59
CA ARG B 793 -17.94 12.35 -41.08
C ARG B 793 -17.98 12.20 -42.59
N GLU B 794 -17.19 13.00 -43.31
CA GLU B 794 -17.13 12.88 -44.76
C GLU B 794 -16.60 11.52 -45.19
N THR B 795 -15.55 11.03 -44.52
CA THR B 795 -15.04 9.71 -44.83
C THR B 795 -16.06 8.63 -44.49
N LEU B 796 -16.72 8.76 -43.34
CA LEU B 796 -17.70 7.77 -42.91
C LEU B 796 -18.96 7.80 -43.76
N GLU B 797 -19.17 8.85 -44.56
CA GLU B 797 -20.38 8.94 -45.38
C GLU B 797 -20.43 7.86 -46.45
N VAL B 798 -19.30 7.25 -46.81
CA VAL B 798 -19.30 6.24 -47.86
C VAL B 798 -19.97 4.97 -47.34
N ARG B 799 -20.70 4.29 -48.22
CA ARG B 799 -21.37 3.05 -47.89
C ARG B 799 -21.14 2.03 -48.99
N TYR B 800 -20.71 0.83 -48.62
CA TYR B 800 -20.44 -0.25 -49.54
C TYR B 800 -21.23 -1.48 -49.11
N LYS B 801 -22.08 -1.99 -49.99
CA LYS B 801 -22.91 -3.16 -49.73
C LYS B 801 -23.74 -3.00 -48.45
N GLY B 802 -24.25 -1.78 -48.24
CA GLY B 802 -25.03 -1.51 -47.04
C GLY B 802 -24.25 -1.43 -45.75
N LYS B 803 -22.93 -1.24 -45.81
CA LYS B 803 -22.11 -1.17 -44.63
C LYS B 803 -21.01 -0.12 -44.82
N ASN B 804 -20.49 0.39 -43.71
CA ASN B 804 -19.43 1.39 -43.73
C ASN B 804 -18.17 0.81 -43.12
N ILE B 805 -17.07 1.56 -43.28
CA ILE B 805 -15.79 1.13 -42.73
C ILE B 805 -15.86 1.05 -41.21
N ALA B 806 -16.48 2.05 -40.58
CA ALA B 806 -16.65 2.02 -39.13
C ALA B 806 -17.53 0.85 -38.70
N GLU B 807 -18.60 0.59 -39.46
CA GLU B 807 -19.46 -0.56 -39.15
C GLU B 807 -18.69 -1.87 -39.27
N VAL B 808 -17.85 -1.99 -40.30
CA VAL B 808 -17.04 -3.19 -40.47
C VAL B 808 -16.07 -3.35 -39.30
N LEU B 809 -15.43 -2.25 -38.90
CA LEU B 809 -14.51 -2.30 -37.77
C LEU B 809 -15.22 -2.68 -36.48
N ASP B 810 -16.47 -2.26 -36.31
CA ASP B 810 -17.25 -2.61 -35.13
C ASP B 810 -18.07 -3.87 -35.33
N MET B 811 -17.95 -4.54 -36.47
CA MET B 811 -18.73 -5.73 -36.75
C MET B 811 -18.22 -6.92 -35.94
N THR B 812 -18.96 -8.01 -36.01
CA THR B 812 -18.63 -9.25 -35.32
C THR B 812 -18.09 -10.27 -36.32
N VAL B 813 -17.11 -11.06 -35.89
CA VAL B 813 -16.49 -12.05 -36.77
C VAL B 813 -17.52 -13.07 -37.25
N GLU B 814 -18.42 -13.50 -36.36
CA GLU B 814 -19.46 -14.44 -36.75
C GLU B 814 -20.35 -13.85 -37.83
N GLU B 815 -20.65 -12.56 -37.75
CA GLU B 815 -21.40 -11.91 -38.82
C GLU B 815 -20.53 -11.67 -40.05
N ALA B 816 -19.23 -11.42 -39.83
CA ALA B 816 -18.32 -11.13 -40.94
C ALA B 816 -18.17 -12.34 -41.85
N LEU B 817 -18.12 -13.54 -41.27
CA LEU B 817 -17.91 -14.74 -42.08
C LEU B 817 -19.06 -14.93 -43.07
N GLU B 818 -20.29 -14.66 -42.64
CA GLU B 818 -21.42 -14.72 -43.57
C GLU B 818 -21.47 -13.49 -44.47
N PHE B 819 -20.93 -12.37 -44.01
CA PHE B 819 -20.99 -11.13 -44.80
C PHE B 819 -20.15 -11.25 -46.08
N PHE B 820 -18.90 -11.67 -45.95
CA PHE B 820 -17.97 -11.68 -47.07
C PHE B 820 -17.96 -13.06 -47.73
N LYS B 821 -19.11 -13.41 -48.33
CA LYS B 821 -19.21 -14.66 -49.05
C LYS B 821 -18.71 -14.58 -50.48
N ASN B 822 -18.42 -13.37 -50.99
CA ASN B 822 -17.96 -13.19 -52.36
C ASN B 822 -16.60 -12.50 -52.42
N ILE B 823 -15.82 -12.63 -51.35
CA ILE B 823 -14.50 -12.02 -51.30
C ILE B 823 -13.48 -13.09 -50.89
N PRO B 824 -13.05 -13.95 -51.81
CA PRO B 824 -12.20 -15.10 -51.41
C PRO B 824 -10.90 -14.70 -50.74
N ARG B 825 -10.30 -13.58 -51.16
CA ARG B 825 -9.03 -13.14 -50.58
C ARG B 825 -9.19 -12.86 -49.09
N ILE B 826 -10.24 -12.12 -48.73
CA ILE B 826 -10.54 -11.90 -47.31
C ILE B 826 -11.06 -13.18 -46.68
N HIS B 827 -11.91 -13.91 -47.41
CA HIS B 827 -12.57 -15.11 -46.87
C HIS B 827 -11.58 -16.12 -46.34
N LYS B 828 -10.44 -16.31 -47.01
CA LYS B 828 -9.51 -17.33 -46.54
C LYS B 828 -8.96 -17.00 -45.16
N LYS B 829 -8.67 -15.73 -44.90
CA LYS B 829 -8.30 -15.33 -43.54
C LYS B 829 -9.50 -15.36 -42.61
N ILE B 830 -10.70 -15.12 -43.13
CA ILE B 830 -11.87 -15.12 -42.27
C ILE B 830 -12.11 -16.51 -41.72
N GLU B 831 -12.08 -17.51 -42.60
CA GLU B 831 -12.28 -18.88 -42.16
C GLU B 831 -11.08 -19.39 -41.38
N THR B 832 -9.88 -18.82 -41.60
CA THR B 832 -8.76 -19.15 -40.72
C THR B 832 -9.03 -18.68 -39.30
N LEU B 833 -9.49 -17.45 -39.15
CA LEU B 833 -9.83 -16.92 -37.84
C LEU B 833 -10.98 -17.72 -37.22
N TYR B 834 -11.95 -18.12 -38.04
CA TYR B 834 -13.06 -18.92 -37.52
C TYR B 834 -12.57 -20.27 -37.02
N ASP B 835 -11.68 -20.92 -37.77
CA ASP B 835 -11.14 -22.20 -37.33
C ASP B 835 -10.22 -22.04 -36.14
N VAL B 836 -9.71 -20.82 -35.90
CA VAL B 836 -8.96 -20.54 -34.68
C VAL B 836 -9.83 -20.65 -33.43
N GLY B 837 -11.13 -20.85 -33.58
CA GLY B 837 -12.02 -20.98 -32.43
C GLY B 837 -12.17 -19.73 -31.61
N LEU B 838 -12.21 -18.56 -32.27
CA LEU B 838 -12.36 -17.28 -31.57
C LEU B 838 -13.34 -16.37 -32.30
N GLY B 839 -14.37 -16.95 -32.93
CA GLY B 839 -15.33 -16.14 -33.66
C GLY B 839 -16.11 -15.18 -32.79
N TYR B 840 -16.27 -15.50 -31.51
CA TYR B 840 -16.96 -14.60 -30.59
C TYR B 840 -16.20 -13.30 -30.36
N ILE B 841 -14.89 -13.29 -30.58
CA ILE B 841 -14.09 -12.10 -30.32
C ILE B 841 -14.48 -11.00 -31.32
N LYS B 842 -14.48 -9.77 -30.85
CA LYS B 842 -14.80 -8.63 -31.72
C LYS B 842 -13.71 -8.43 -32.76
N LEU B 843 -14.11 -8.02 -33.97
CA LEU B 843 -13.15 -7.78 -35.03
C LEU B 843 -12.27 -6.56 -34.77
N GLY B 844 -12.70 -5.65 -33.89
CA GLY B 844 -11.94 -4.46 -33.60
C GLY B 844 -11.74 -4.21 -32.13
N GLN B 845 -11.67 -5.27 -31.33
CA GLN B 845 -11.47 -5.13 -29.90
C GLN B 845 -10.10 -4.54 -29.60
N SER B 846 -10.00 -3.82 -28.49
CA SER B 846 -8.75 -3.20 -28.09
C SER B 846 -7.68 -4.26 -27.87
N SER B 847 -6.45 -3.95 -28.28
CA SER B 847 -5.35 -4.91 -28.15
C SER B 847 -5.08 -5.22 -26.68
N THR B 848 -5.08 -4.21 -25.83
CA THR B 848 -4.85 -4.45 -24.40
C THR B 848 -5.98 -5.27 -23.79
N THR B 849 -7.19 -5.14 -24.32
CA THR B 849 -8.32 -5.89 -23.80
C THR B 849 -8.22 -7.38 -24.08
N LEU B 850 -7.37 -7.78 -25.02
CA LEU B 850 -7.22 -9.20 -25.34
C LEU B 850 -6.59 -9.95 -24.17
N SER B 851 -7.04 -11.18 -23.97
CA SER B 851 -6.54 -12.04 -22.90
C SER B 851 -5.45 -12.96 -23.45
N GLY B 852 -4.85 -13.74 -22.55
CA GLY B 852 -3.81 -14.66 -22.95
C GLY B 852 -4.30 -15.70 -23.94
N GLY B 853 -5.47 -16.28 -23.68
CA GLY B 853 -6.03 -17.23 -24.63
C GLY B 853 -6.35 -16.59 -25.97
N GLU B 854 -6.90 -15.37 -25.95
CA GLU B 854 -7.19 -14.67 -27.19
C GLU B 854 -5.91 -14.39 -27.97
N ALA B 855 -4.86 -13.97 -27.28
CA ALA B 855 -3.58 -13.72 -27.95
C ALA B 855 -3.01 -15.00 -28.55
N GLN B 856 -3.09 -16.10 -27.81
CA GLN B 856 -2.61 -17.37 -28.34
C GLN B 856 -3.42 -17.79 -29.57
N ARG B 857 -4.73 -17.61 -29.53
CA ARG B 857 -5.55 -17.94 -30.68
C ARG B 857 -5.18 -17.08 -31.88
N VAL B 858 -4.93 -15.79 -31.64
CA VAL B 858 -4.55 -14.89 -32.73
C VAL B 858 -3.22 -15.32 -33.33
N LYS B 859 -2.25 -15.66 -32.48
CA LYS B 859 -0.94 -16.07 -32.98
C LYS B 859 -1.04 -17.36 -33.79
N LEU B 860 -1.79 -18.34 -33.30
CA LEU B 860 -1.96 -19.59 -34.04
C LEU B 860 -2.70 -19.36 -35.35
N ALA B 861 -3.70 -18.47 -35.36
CA ALA B 861 -4.38 -18.15 -36.60
C ALA B 861 -3.43 -17.52 -37.61
N THR B 862 -2.58 -16.60 -37.14
CA THR B 862 -1.60 -15.98 -38.02
C THR B 862 -0.63 -17.02 -38.57
N GLU B 863 -0.20 -17.96 -37.72
CA GLU B 863 0.68 -19.01 -38.18
C GLU B 863 0.00 -19.88 -39.23
N LEU B 864 -1.27 -20.21 -39.02
CA LEU B 864 -2.01 -21.03 -39.99
C LEU B 864 -2.17 -20.31 -41.31
N SER B 865 -2.43 -19.00 -41.27
CA SER B 865 -2.61 -18.23 -42.50
C SER B 865 -1.30 -18.08 -43.28
N ARG B 866 -0.16 -18.38 -42.68
CA ARG B 866 1.11 -18.26 -43.37
C ARG B 866 1.19 -19.27 -44.52
N LYS B 867 1.87 -18.86 -45.58
CA LYS B 867 2.02 -19.73 -46.75
C LYS B 867 2.87 -20.94 -46.40
N SER B 868 2.58 -22.06 -47.07
CA SER B 868 3.29 -23.30 -46.81
C SER B 868 4.76 -23.17 -47.20
N THR B 869 5.64 -23.65 -46.33
CA THR B 869 7.07 -23.65 -46.59
C THR B 869 7.71 -25.02 -46.44
N GLY B 870 7.24 -25.84 -45.50
CA GLY B 870 7.76 -27.17 -45.31
C GLY B 870 9.06 -27.26 -44.55
N LYS B 871 9.59 -26.15 -44.06
CA LYS B 871 10.85 -26.13 -43.33
C LYS B 871 10.74 -25.22 -42.11
N THR B 872 9.59 -25.25 -41.44
CA THR B 872 9.33 -24.41 -40.29
C THR B 872 9.05 -25.27 -39.07
N MET B 873 9.34 -24.72 -37.89
CA MET B 873 9.11 -25.40 -36.63
C MET B 873 8.41 -24.45 -35.67
N TYR B 874 7.55 -25.02 -34.82
CA TYR B 874 6.79 -24.26 -33.85
C TYR B 874 7.02 -24.83 -32.46
N ILE B 875 7.11 -23.95 -31.47
CA ILE B 875 7.27 -24.33 -30.07
C ILE B 875 6.16 -23.67 -29.26
N LEU B 876 5.33 -24.48 -28.61
CA LEU B 876 4.24 -23.99 -27.79
C LEU B 876 4.52 -24.32 -26.33
N ASP B 877 4.44 -23.30 -25.48
CA ASP B 877 4.72 -23.44 -24.05
C ASP B 877 3.40 -23.59 -23.31
N GLU B 878 3.12 -24.82 -22.87
CA GLU B 878 1.91 -25.15 -22.12
C GLU B 878 0.63 -24.60 -22.77
N PRO B 879 0.31 -25.01 -23.99
CA PRO B 879 -0.92 -24.53 -24.63
C PRO B 879 -2.18 -24.95 -23.90
N THR B 880 -2.12 -26.01 -23.09
CA THR B 880 -3.31 -26.49 -22.38
C THR B 880 -3.76 -25.52 -21.29
N THR B 881 -2.92 -24.58 -20.89
CA THR B 881 -3.29 -23.63 -19.84
C THR B 881 -4.46 -22.78 -20.29
N GLY B 882 -5.46 -22.65 -19.43
CA GLY B 882 -6.64 -21.85 -19.73
C GLY B 882 -7.39 -22.35 -20.95
N LEU B 883 -7.93 -23.56 -20.87
CA LEU B 883 -8.67 -24.13 -21.99
C LEU B 883 -9.58 -25.24 -21.50
N HIS B 884 -10.81 -25.25 -21.99
CA HIS B 884 -11.77 -26.31 -21.69
C HIS B 884 -11.40 -27.57 -22.48
N MET B 885 -12.09 -28.67 -22.16
CA MET B 885 -11.83 -29.92 -22.85
C MET B 885 -12.13 -29.80 -24.35
N ALA B 886 -13.23 -29.13 -24.70
CA ALA B 886 -13.51 -28.84 -26.10
C ALA B 886 -12.45 -27.93 -26.70
N ASP B 887 -11.99 -26.94 -25.94
CA ASP B 887 -10.90 -26.09 -26.42
C ASP B 887 -9.63 -26.89 -26.63
N VAL B 888 -9.35 -27.85 -25.74
CA VAL B 888 -8.21 -28.73 -25.92
C VAL B 888 -8.35 -29.56 -27.19
N HIS B 889 -9.57 -30.04 -27.46
CA HIS B 889 -9.81 -30.80 -28.68
C HIS B 889 -9.57 -29.94 -29.91
N ARG B 890 -10.05 -28.69 -29.89
CA ARG B 890 -9.84 -27.79 -31.01
C ARG B 890 -8.36 -27.50 -31.21
N LEU B 891 -7.63 -27.28 -30.11
CA LEU B 891 -6.20 -27.04 -30.21
C LEU B 891 -5.47 -28.25 -30.77
N VAL B 892 -5.87 -29.46 -30.35
CA VAL B 892 -5.26 -30.67 -30.88
C VAL B 892 -5.51 -30.79 -32.38
N GLY B 893 -6.75 -30.52 -32.81
CA GLY B 893 -7.05 -30.57 -34.23
C GLY B 893 -6.25 -29.56 -35.02
N ILE B 894 -6.09 -28.35 -34.48
CA ILE B 894 -5.28 -27.33 -35.13
C ILE B 894 -3.83 -27.80 -35.23
N LEU B 895 -3.31 -28.42 -34.17
CA LEU B 895 -1.95 -28.93 -34.21
C LEU B 895 -1.78 -30.01 -35.28
N HIS B 896 -2.74 -30.93 -35.37
CA HIS B 896 -2.65 -31.96 -36.41
C HIS B 896 -2.72 -31.36 -37.80
N ARG B 897 -3.59 -30.37 -38.01
CA ARG B 897 -3.66 -29.76 -39.34
C ARG B 897 -2.39 -29.00 -39.67
N LEU B 898 -1.78 -28.35 -38.67
CA LEU B 898 -0.51 -27.67 -38.90
C LEU B 898 0.59 -28.66 -39.23
N VAL B 899 0.61 -29.81 -38.55
CA VAL B 899 1.60 -30.84 -38.86
C VAL B 899 1.39 -31.38 -40.27
N GLU B 900 0.13 -31.62 -40.64
CA GLU B 900 -0.17 -32.10 -41.99
C GLU B 900 0.13 -31.05 -43.04
N ALA B 901 0.20 -29.78 -42.66
CA ALA B 901 0.57 -28.74 -43.63
C ALA B 901 1.98 -28.98 -44.16
N GLY B 902 2.90 -29.37 -43.29
CA GLY B 902 4.25 -29.67 -43.71
C GLY B 902 5.33 -29.12 -42.80
N ASN B 903 4.92 -28.49 -41.71
CA ASN B 903 5.86 -27.92 -40.75
C ASN B 903 6.14 -28.94 -39.64
N SER B 904 6.83 -28.49 -38.58
CA SER B 904 7.16 -29.32 -37.44
C SER B 904 6.56 -28.70 -36.18
N VAL B 905 6.21 -29.57 -35.22
CA VAL B 905 5.58 -29.14 -33.98
C VAL B 905 6.35 -29.73 -32.81
N VAL B 906 6.74 -28.87 -31.88
CA VAL B 906 7.39 -29.27 -30.64
C VAL B 906 6.52 -28.79 -29.48
N VAL B 907 6.10 -29.73 -28.63
CA VAL B 907 5.18 -29.45 -27.53
C VAL B 907 5.78 -29.97 -26.24
N ILE B 908 5.77 -29.13 -25.20
CA ILE B 908 6.23 -29.52 -23.87
C ILE B 908 5.09 -29.16 -22.91
N GLU B 909 4.22 -30.12 -22.64
CA GLU B 909 3.06 -29.90 -21.78
C GLU B 909 2.88 -31.13 -20.90
N HIS B 910 1.76 -31.18 -20.18
CA HIS B 910 1.48 -32.29 -19.29
C HIS B 910 0.03 -32.79 -19.41
N ASN B 911 -0.75 -32.25 -20.34
CA ASN B 911 -2.13 -32.69 -20.49
C ASN B 911 -2.19 -34.13 -20.97
N LEU B 912 -3.09 -34.91 -20.37
CA LEU B 912 -3.22 -36.31 -20.75
C LEU B 912 -3.71 -36.47 -22.18
N ASP B 913 -4.69 -35.65 -22.58
CA ASP B 913 -5.21 -35.72 -23.94
C ASP B 913 -4.13 -35.35 -24.95
N VAL B 914 -3.34 -34.32 -24.65
CA VAL B 914 -2.27 -33.91 -25.56
C VAL B 914 -1.25 -35.03 -25.71
N ILE B 915 -0.89 -35.68 -24.60
CA ILE B 915 0.06 -36.78 -24.65
C ILE B 915 -0.51 -37.93 -25.47
N LYS B 916 -1.81 -38.22 -25.30
CA LYS B 916 -2.43 -39.29 -26.06
C LYS B 916 -2.43 -38.98 -27.54
N THR B 917 -2.70 -37.73 -27.91
CA THR B 917 -2.71 -37.35 -29.32
C THR B 917 -1.32 -37.28 -29.93
N ALA B 918 -0.26 -37.35 -29.12
CA ALA B 918 1.09 -37.25 -29.64
C ALA B 918 1.46 -38.51 -30.41
N ASP B 919 2.49 -38.37 -31.26
CA ASP B 919 2.99 -39.47 -32.08
C ASP B 919 4.36 -39.97 -31.66
N TYR B 920 5.13 -39.16 -30.94
CA TYR B 920 6.45 -39.57 -30.48
C TYR B 920 6.74 -38.86 -29.16
N ILE B 921 6.85 -39.64 -28.08
CA ILE B 921 7.00 -39.11 -26.73
C ILE B 921 8.47 -39.18 -26.34
N ILE B 922 8.99 -38.07 -25.84
CA ILE B 922 10.36 -38.00 -25.33
C ILE B 922 10.29 -37.91 -23.81
N ASP B 923 10.99 -38.80 -23.13
CA ASP B 923 10.95 -38.90 -21.68
C ASP B 923 12.31 -38.53 -21.10
N LEU B 924 12.30 -37.62 -20.13
CA LEU B 924 13.52 -37.21 -19.42
C LEU B 924 13.26 -37.31 -17.93
N GLY B 925 14.16 -38.01 -17.23
CA GLY B 925 14.02 -38.20 -15.80
C GLY B 925 15.28 -38.77 -15.18
N PRO B 926 15.11 -39.68 -14.21
CA PRO B 926 13.84 -40.20 -13.68
C PRO B 926 13.31 -39.36 -12.52
N GLU B 927 14.02 -38.31 -12.13
CA GLU B 927 13.59 -37.46 -11.03
C GLU B 927 13.93 -36.01 -11.35
N GLY B 928 13.23 -35.09 -10.68
CA GLY B 928 13.47 -33.68 -10.90
C GLY B 928 14.73 -33.20 -10.21
N GLY B 929 15.20 -32.03 -10.65
CA GLY B 929 16.38 -31.42 -10.06
C GLY B 929 17.61 -32.29 -10.27
N SER B 930 18.35 -32.51 -9.19
CA SER B 930 19.58 -33.29 -9.24
C SER B 930 19.34 -34.76 -9.55
N GLY B 931 18.10 -35.23 -9.45
CA GLY B 931 17.75 -36.61 -9.71
C GLY B 931 17.49 -36.96 -11.14
N GLY B 932 17.81 -36.07 -12.09
CA GLY B 932 17.56 -36.31 -13.50
C GLY B 932 18.85 -36.15 -14.30
N GLY B 933 18.71 -35.47 -15.44
CA GLY B 933 19.82 -35.25 -16.33
C GLY B 933 20.09 -36.37 -17.33
N LEU B 934 19.25 -37.40 -17.35
CA LEU B 934 19.40 -38.51 -18.28
C LEU B 934 18.07 -38.79 -18.97
N VAL B 935 18.14 -39.10 -20.26
CA VAL B 935 16.94 -39.41 -21.02
C VAL B 935 16.33 -40.70 -20.49
N VAL B 936 15.09 -40.62 -19.99
CA VAL B 936 14.46 -41.78 -19.38
C VAL B 936 14.20 -42.86 -20.42
N ALA B 937 13.57 -42.49 -21.54
CA ALA B 937 13.21 -43.45 -22.58
C ALA B 937 12.78 -42.66 -23.81
N GLU B 938 12.47 -43.39 -24.87
CA GLU B 938 11.99 -42.81 -26.11
C GLU B 938 11.30 -43.89 -26.92
N GLY B 939 10.55 -43.47 -27.94
CA GLY B 939 9.88 -44.39 -28.83
C GLY B 939 8.44 -44.00 -29.04
N THR B 940 7.70 -44.87 -29.72
CA THR B 940 6.28 -44.64 -29.96
C THR B 940 5.51 -44.72 -28.65
N PRO B 941 4.36 -44.03 -28.56
CA PRO B 941 3.59 -44.08 -27.30
C PRO B 941 3.22 -45.48 -26.86
N GLU B 942 2.86 -46.36 -27.79
CA GLU B 942 2.57 -47.74 -27.43
C GLU B 942 3.80 -48.44 -26.88
N GLU B 943 4.97 -48.23 -27.50
CA GLU B 943 6.19 -48.82 -26.97
C GLU B 943 6.59 -48.19 -25.65
N VAL B 944 6.37 -46.87 -25.52
CA VAL B 944 6.74 -46.18 -24.28
C VAL B 944 5.90 -46.67 -23.12
N ALA B 945 4.63 -47.00 -23.37
CA ALA B 945 3.79 -47.50 -22.30
C ALA B 945 4.30 -48.83 -21.77
N LYS B 946 5.01 -49.60 -22.59
CA LYS B 946 5.57 -50.87 -22.16
C LYS B 946 6.71 -50.71 -21.16
N VAL B 947 7.25 -49.50 -21.02
CA VAL B 947 8.35 -49.25 -20.10
C VAL B 947 7.80 -49.18 -18.68
N GLU B 948 8.31 -50.05 -17.80
CA GLU B 948 7.83 -50.09 -16.43
C GLU B 948 8.37 -48.94 -15.59
N ASN B 949 9.60 -48.51 -15.85
CA ASN B 949 10.26 -47.49 -15.03
C ASN B 949 10.07 -46.10 -15.63
N SER B 950 8.80 -45.67 -15.65
CA SER B 950 8.47 -44.34 -16.14
C SER B 950 7.08 -43.97 -15.63
N TYR B 951 6.98 -42.88 -14.88
CA TYR B 951 5.67 -42.41 -14.44
C TYR B 951 4.81 -41.99 -15.62
N THR B 952 5.41 -41.28 -16.59
CA THR B 952 4.67 -40.88 -17.78
C THR B 952 4.21 -42.09 -18.57
N GLY B 953 5.06 -43.12 -18.66
CA GLY B 953 4.66 -44.33 -19.35
C GLY B 953 3.49 -45.02 -18.68
N GLN B 954 3.52 -45.09 -17.35
CA GLN B 954 2.40 -45.69 -16.62
C GLN B 954 1.12 -44.88 -16.81
N PHE B 955 1.23 -43.55 -16.78
CA PHE B 955 0.05 -42.72 -17.00
C PHE B 955 -0.51 -42.93 -18.40
N LEU B 956 0.37 -43.01 -19.40
CA LEU B 956 -0.08 -43.24 -20.77
C LEU B 956 -0.74 -44.61 -20.91
N LYS B 957 -0.17 -45.63 -20.29
CA LYS B 957 -0.75 -46.96 -20.34
C LYS B 957 -2.14 -46.98 -19.68
N LYS B 958 -2.27 -46.28 -18.55
CA LYS B 958 -3.58 -46.16 -17.90
C LYS B 958 -4.58 -45.44 -18.80
N VAL B 959 -4.14 -44.37 -19.47
CA VAL B 959 -5.02 -43.65 -20.37
C VAL B 959 -5.43 -44.52 -21.56
N LEU B 960 -4.48 -45.24 -22.13
CA LEU B 960 -4.76 -46.11 -23.28
C LEU B 960 -5.34 -47.44 -22.81
ZN ZN E . -18.39 25.49 -9.42
ZN ZN F . 29.69 7.28 19.71
ZN ZN G . 30.84 -11.16 0.57
ZN ZN H . -12.67 12.29 -31.82
#